data_1YOD
# 
_entry.id   1YOD 
# 
_audit_conform.dict_name       mmcif_pdbx.dic 
_audit_conform.dict_version    5.399 
_audit_conform.dict_location   http://mmcif.pdb.org/dictionaries/ascii/mmcif_pdbx.dic 
# 
loop_
_database_2.database_id 
_database_2.database_code 
_database_2.pdbx_database_accession 
_database_2.pdbx_DOI 
PDB   1YOD         pdb_00001yod 10.2210/pdb1yod/pdb 
RCSB  RCSB031749   ?            ?                   
WWPDB D_1000031749 ?            ?                   
# 
loop_
_pdbx_audit_revision_history.ordinal 
_pdbx_audit_revision_history.data_content_type 
_pdbx_audit_revision_history.major_revision 
_pdbx_audit_revision_history.minor_revision 
_pdbx_audit_revision_history.revision_date 
1 'Structure model' 1 0 2005-04-19 
2 'Structure model' 1 1 2008-04-30 
3 'Structure model' 1 2 2011-07-13 
4 'Structure model' 1 3 2024-11-20 
# 
_pdbx_audit_revision_details.ordinal             1 
_pdbx_audit_revision_details.revision_ordinal    1 
_pdbx_audit_revision_details.data_content_type   'Structure model' 
_pdbx_audit_revision_details.provider            repository 
_pdbx_audit_revision_details.type                'Initial release' 
_pdbx_audit_revision_details.description         ? 
_pdbx_audit_revision_details.details             ? 
# 
loop_
_pdbx_audit_revision_group.ordinal 
_pdbx_audit_revision_group.revision_ordinal 
_pdbx_audit_revision_group.data_content_type 
_pdbx_audit_revision_group.group 
1 2 'Structure model' 'Version format compliance' 
2 3 'Structure model' 'Derived calculations'      
3 3 'Structure model' 'Version format compliance' 
4 4 'Structure model' 'Data collection'           
5 4 'Structure model' 'Database references'       
6 4 'Structure model' 'Derived calculations'      
7 4 'Structure model' 'Structure summary'         
# 
loop_
_pdbx_audit_revision_category.ordinal 
_pdbx_audit_revision_category.revision_ordinal 
_pdbx_audit_revision_category.data_content_type 
_pdbx_audit_revision_category.category 
1 4 'Structure model' chem_comp_atom            
2 4 'Structure model' chem_comp_bond            
3 4 'Structure model' database_2                
4 4 'Structure model' pdbx_entry_details        
5 4 'Structure model' pdbx_modification_feature 
6 4 'Structure model' struct_conn               
# 
loop_
_pdbx_audit_revision_item.ordinal 
_pdbx_audit_revision_item.revision_ordinal 
_pdbx_audit_revision_item.data_content_type 
_pdbx_audit_revision_item.item 
1 4 'Structure model' '_database_2.pdbx_DOI'                
2 4 'Structure model' '_database_2.pdbx_database_accession' 
3 4 'Structure model' '_struct_conn.pdbx_leaving_atom_flag' 
# 
_pdbx_database_status.status_code                     REL 
_pdbx_database_status.entry_id                        1YOD 
_pdbx_database_status.recvd_initial_deposition_date   2005-01-27 
_pdbx_database_status.deposit_site                    RCSB 
_pdbx_database_status.process_site                    RCSB 
_pdbx_database_status.status_code_sf                  REL 
_pdbx_database_status.status_code_mr                  ? 
_pdbx_database_status.SG_entry                        ? 
_pdbx_database_status.pdb_format_compatible           Y 
_pdbx_database_status.status_code_cs                  ? 
_pdbx_database_status.status_code_nmr_data            ? 
_pdbx_database_status.methods_development_category    ? 
# 
loop_
_audit_author.name 
_audit_author.pdbx_ordinal 
'Slovic, A.M.'   1 
'Stayrook, S.E.' 2 
'North, B.'      3 
'DeGrado, W.F.'  4 
# 
_citation.id                        primary 
_citation.title                     
;X-ray structure of a water-soluble analog of the membrane protein phospholamban: sequence determinants defining the topology of tetrameric and pentameric coiled coils.
;
_citation.journal_abbrev            J.Mol.Biol. 
_citation.journal_volume            348 
_citation.page_first                777 
_citation.page_last                 787 
_citation.year                      2005 
_citation.journal_id_ASTM           JMOBAK 
_citation.country                   UK 
_citation.journal_id_ISSN           0022-2836 
_citation.journal_id_CSD            0070 
_citation.book_publisher            ? 
_citation.pdbx_database_id_PubMed   15826670 
_citation.pdbx_database_id_DOI      10.1016/j.jmb.2005.02.040 
# 
loop_
_citation_author.citation_id 
_citation_author.name 
_citation_author.ordinal 
_citation_author.identifier_ORCID 
primary 'Slovic, A.M.'   1 ? 
primary 'Stayrook, S.E.' 2 ? 
primary 'North, B.'      3 ? 
primary 'DeGrado, W.F.'  4 ? 
# 
loop_
_entity.id 
_entity.type 
_entity.src_method 
_entity.pdbx_description 
_entity.formula_weight 
_entity.pdbx_number_of_molecules 
_entity.pdbx_ec 
_entity.pdbx_mutation 
_entity.pdbx_fragment 
_entity.details 
1 polymer syn 'water-solublized phospholamban' 3741.232 2  ? ? ? ? 
2 water   nat water                            18.015   62 ? ? ? ? 
# 
_entity_poly.entity_id                      1 
_entity_poly.type                           'polypeptide(L)' 
_entity_poly.nstd_linkage                   no 
_entity_poly.nstd_monomer                   yes 
_entity_poly.pdbx_seq_one_letter_code       'QQARQNLQNLYINRCLREICQELKEIRA(MSE)L' 
_entity_poly.pdbx_seq_one_letter_code_can   QQARQNLQNLYINRCLREICQELKEIRAML 
_entity_poly.pdbx_strand_id                 A,B 
_entity_poly.pdbx_target_identifier         ? 
# 
_pdbx_entity_nonpoly.entity_id   2 
_pdbx_entity_nonpoly.name        water 
_pdbx_entity_nonpoly.comp_id     HOH 
# 
loop_
_entity_poly_seq.entity_id 
_entity_poly_seq.num 
_entity_poly_seq.mon_id 
_entity_poly_seq.hetero 
1 1  GLN n 
1 2  GLN n 
1 3  ALA n 
1 4  ARG n 
1 5  GLN n 
1 6  ASN n 
1 7  LEU n 
1 8  GLN n 
1 9  ASN n 
1 10 LEU n 
1 11 TYR n 
1 12 ILE n 
1 13 ASN n 
1 14 ARG n 
1 15 CYS n 
1 16 LEU n 
1 17 ARG n 
1 18 GLU n 
1 19 ILE n 
1 20 CYS n 
1 21 GLN n 
1 22 GLU n 
1 23 LEU n 
1 24 LYS n 
1 25 GLU n 
1 26 ILE n 
1 27 ARG n 
1 28 ALA n 
1 29 MSE n 
1 30 LEU n 
# 
_pdbx_entity_src_syn.entity_id              1 
_pdbx_entity_src_syn.pdbx_src_id            1 
_pdbx_entity_src_syn.pdbx_alt_source_flag   sample 
_pdbx_entity_src_syn.pdbx_beg_seq_num       ? 
_pdbx_entity_src_syn.pdbx_end_seq_num       ? 
_pdbx_entity_src_syn.organism_scientific    ? 
_pdbx_entity_src_syn.organism_common_name   ? 
_pdbx_entity_src_syn.ncbi_taxonomy_id       ? 
_pdbx_entity_src_syn.details                'synthetic protein' 
# 
loop_
_chem_comp.id 
_chem_comp.type 
_chem_comp.mon_nstd_flag 
_chem_comp.name 
_chem_comp.pdbx_synonyms 
_chem_comp.formula 
_chem_comp.formula_weight 
ALA 'L-peptide linking' y ALANINE          ? 'C3 H7 N O2'     89.093  
ARG 'L-peptide linking' y ARGININE         ? 'C6 H15 N4 O2 1' 175.209 
ASN 'L-peptide linking' y ASPARAGINE       ? 'C4 H8 N2 O3'    132.118 
CYS 'L-peptide linking' y CYSTEINE         ? 'C3 H7 N O2 S'   121.158 
GLN 'L-peptide linking' y GLUTAMINE        ? 'C5 H10 N2 O3'   146.144 
GLU 'L-peptide linking' y 'GLUTAMIC ACID'  ? 'C5 H9 N O4'     147.129 
HOH non-polymer         . WATER            ? 'H2 O'           18.015  
ILE 'L-peptide linking' y ISOLEUCINE       ? 'C6 H13 N O2'    131.173 
LEU 'L-peptide linking' y LEUCINE          ? 'C6 H13 N O2'    131.173 
LYS 'L-peptide linking' y LYSINE           ? 'C6 H15 N2 O2 1' 147.195 
MSE 'L-peptide linking' n SELENOMETHIONINE ? 'C5 H11 N O2 Se' 196.106 
TYR 'L-peptide linking' y TYROSINE         ? 'C9 H11 N O3'    181.189 
# 
loop_
_pdbx_poly_seq_scheme.asym_id 
_pdbx_poly_seq_scheme.entity_id 
_pdbx_poly_seq_scheme.seq_id 
_pdbx_poly_seq_scheme.mon_id 
_pdbx_poly_seq_scheme.ndb_seq_num 
_pdbx_poly_seq_scheme.pdb_seq_num 
_pdbx_poly_seq_scheme.auth_seq_num 
_pdbx_poly_seq_scheme.pdb_mon_id 
_pdbx_poly_seq_scheme.auth_mon_id 
_pdbx_poly_seq_scheme.pdb_strand_id 
_pdbx_poly_seq_scheme.pdb_ins_code 
_pdbx_poly_seq_scheme.hetero 
A 1 1  GLN 1  22 22 GLN GLN A . n 
A 1 2  GLN 2  23 23 GLN GLN A . n 
A 1 3  ALA 3  24 24 ALA ALA A . n 
A 1 4  ARG 4  25 25 ARG ARG A . n 
A 1 5  GLN 5  26 26 GLN GLN A . n 
A 1 6  ASN 6  27 27 ASN ASN A . n 
A 1 7  LEU 7  28 28 LEU LEU A . n 
A 1 8  GLN 8  29 29 GLN GLN A . n 
A 1 9  ASN 9  30 30 ASN ASN A . n 
A 1 10 LEU 10 31 31 LEU LEU A . n 
A 1 11 TYR 11 32 32 TYR TYR A . n 
A 1 12 ILE 12 33 33 ILE ILE A . n 
A 1 13 ASN 13 34 34 ASN ASN A . n 
A 1 14 ARG 14 35 35 ARG ARG A . n 
A 1 15 CYS 15 36 36 CYS CYS A . n 
A 1 16 LEU 16 37 37 LEU LEU A . n 
A 1 17 ARG 17 38 38 ARG ARG A . n 
A 1 18 GLU 18 39 39 GLU GLU A . n 
A 1 19 ILE 19 40 40 ILE ILE A . n 
A 1 20 CYS 20 41 41 CYS CYS A . n 
A 1 21 GLN 21 42 42 GLN GLN A . n 
A 1 22 GLU 22 43 43 GLU GLU A . n 
A 1 23 LEU 23 44 44 LEU LEU A . n 
A 1 24 LYS 24 45 45 LYS LYS A . n 
A 1 25 GLU 25 46 46 GLU GLU A . n 
A 1 26 ILE 26 47 47 ILE ILE A . n 
A 1 27 ARG 27 48 48 ARG ARG A . n 
A 1 28 ALA 28 49 49 ALA ALA A . n 
A 1 29 MSE 29 50 50 MSE MSE A . n 
A 1 30 LEU 30 51 51 LEU LEU A . n 
B 1 1  GLN 1  22 ?  ?   ?   B . n 
B 1 2  GLN 2  23 ?  ?   ?   B . n 
B 1 3  ALA 3  24 ?  ?   ?   B . n 
B 1 4  ARG 4  25 25 ARG ARG B . n 
B 1 5  GLN 5  26 26 GLN GLN B . n 
B 1 6  ASN 6  27 27 ASN ASN B . n 
B 1 7  LEU 7  28 28 LEU LEU B . n 
B 1 8  GLN 8  29 29 GLN GLN B . n 
B 1 9  ASN 9  30 30 ASN ASN B . n 
B 1 10 LEU 10 31 31 LEU LEU B . n 
B 1 11 TYR 11 32 32 TYR TYR B . n 
B 1 12 ILE 12 33 33 ILE ILE B . n 
B 1 13 ASN 13 34 34 ASN ASN B . n 
B 1 14 ARG 14 35 35 ARG ARG B . n 
B 1 15 CYS 15 36 36 CYS CYS B . n 
B 1 16 LEU 16 37 37 LEU LEU B . n 
B 1 17 ARG 17 38 38 ARG ARG B . n 
B 1 18 GLU 18 39 39 GLU GLU B . n 
B 1 19 ILE 19 40 40 ILE ILE B . n 
B 1 20 CYS 20 41 41 CYS CYS B . n 
B 1 21 GLN 21 42 42 GLN GLN B . n 
B 1 22 GLU 22 43 43 GLU GLU B . n 
B 1 23 LEU 23 44 44 LEU LEU B . n 
B 1 24 LYS 24 45 45 LYS LYS B . n 
B 1 25 GLU 25 46 46 GLU GLU B . n 
B 1 26 ILE 26 47 47 ILE ILE B . n 
B 1 27 ARG 27 48 48 ARG ARG B . n 
B 1 28 ALA 28 49 49 ALA ALA B . n 
B 1 29 MSE 29 50 50 MSE MSE B . n 
B 1 30 LEU 30 51 51 LEU LEU B . n 
# 
loop_
_pdbx_nonpoly_scheme.asym_id 
_pdbx_nonpoly_scheme.entity_id 
_pdbx_nonpoly_scheme.mon_id 
_pdbx_nonpoly_scheme.ndb_seq_num 
_pdbx_nonpoly_scheme.pdb_seq_num 
_pdbx_nonpoly_scheme.auth_seq_num 
_pdbx_nonpoly_scheme.pdb_mon_id 
_pdbx_nonpoly_scheme.auth_mon_id 
_pdbx_nonpoly_scheme.pdb_strand_id 
_pdbx_nonpoly_scheme.pdb_ins_code 
C 2 HOH 1  52 1  HOH HOH A . 
C 2 HOH 2  53 2  HOH HOH A . 
C 2 HOH 3  54 4  HOH HOH A . 
C 2 HOH 4  55 5  HOH HOH A . 
C 2 HOH 5  56 6  HOH HOH A . 
C 2 HOH 6  57 8  HOH HOH A . 
C 2 HOH 7  58 9  HOH HOH A . 
C 2 HOH 8  59 11 HOH HOH A . 
C 2 HOH 9  60 12 HOH HOH A . 
C 2 HOH 10 61 13 HOH HOH A . 
C 2 HOH 11 62 14 HOH HOH A . 
C 2 HOH 12 63 15 HOH HOH A . 
C 2 HOH 13 64 16 HOH HOH A . 
C 2 HOH 14 65 20 HOH HOH A . 
C 2 HOH 15 66 22 HOH HOH A . 
C 2 HOH 16 67 24 HOH HOH A . 
C 2 HOH 17 68 25 HOH HOH A . 
C 2 HOH 18 69 27 HOH HOH A . 
C 2 HOH 19 70 31 HOH HOH A . 
C 2 HOH 20 71 35 HOH HOH A . 
C 2 HOH 21 72 36 HOH HOH A . 
C 2 HOH 22 73 40 HOH HOH A . 
C 2 HOH 23 74 41 HOH HOH A . 
C 2 HOH 24 75 42 HOH HOH A . 
C 2 HOH 25 76 43 HOH HOH A . 
C 2 HOH 26 77 44 HOH HOH A . 
C 2 HOH 27 78 45 HOH HOH A . 
C 2 HOH 28 79 51 HOH HOH A . 
C 2 HOH 29 80 52 HOH HOH A . 
C 2 HOH 30 81 53 HOH HOH A . 
C 2 HOH 31 82 56 HOH HOH A . 
C 2 HOH 32 83 57 HOH HOH A . 
C 2 HOH 33 84 58 HOH HOH A . 
C 2 HOH 34 85 59 HOH HOH A . 
C 2 HOH 35 86 60 HOH HOH A . 
D 2 HOH 1  52 3  HOH HOH B . 
D 2 HOH 2  53 7  HOH HOH B . 
D 2 HOH 3  54 10 HOH HOH B . 
D 2 HOH 4  55 17 HOH HOH B . 
D 2 HOH 5  56 18 HOH HOH B . 
D 2 HOH 6  57 19 HOH HOH B . 
D 2 HOH 7  58 21 HOH HOH B . 
D 2 HOH 8  59 23 HOH HOH B . 
D 2 HOH 9  60 26 HOH HOH B . 
D 2 HOH 10 61 28 HOH HOH B . 
D 2 HOH 11 62 29 HOH HOH B . 
D 2 HOH 12 63 30 HOH HOH B . 
D 2 HOH 13 64 32 HOH HOH B . 
D 2 HOH 14 65 33 HOH HOH B . 
D 2 HOH 15 66 34 HOH HOH B . 
D 2 HOH 16 67 37 HOH HOH B . 
D 2 HOH 17 68 38 HOH HOH B . 
D 2 HOH 18 69 39 HOH HOH B . 
D 2 HOH 19 70 46 HOH HOH B . 
D 2 HOH 20 71 47 HOH HOH B . 
D 2 HOH 21 72 48 HOH HOH B . 
D 2 HOH 22 73 49 HOH HOH B . 
D 2 HOH 23 74 50 HOH HOH B . 
D 2 HOH 24 75 54 HOH HOH B . 
D 2 HOH 25 76 55 HOH HOH B . 
D 2 HOH 26 77 61 HOH HOH B . 
D 2 HOH 27 78 62 HOH HOH B . 
# 
loop_
_software.name 
_software.classification 
_software.version 
_software.citation_id 
_software.pdbx_ordinal 
REFMAC    refinement       5.1.24 ? 1 
DENZO     'data reduction' .      ? 2 
SCALEPACK 'data scaling'   .      ? 3 
SOLVE     phasing          .      ? 4 
# 
_cell.entry_id           1YOD 
_cell.length_a           46.996 
_cell.length_b           46.996 
_cell.length_c           120.136 
_cell.angle_alpha        90.00 
_cell.angle_beta         90.00 
_cell.angle_gamma        120.00 
_cell.Z_PDB              24 
_cell.pdbx_unique_axis   ? 
# 
_symmetry.entry_id                         1YOD 
_symmetry.space_group_name_H-M             'P 61 2 2' 
_symmetry.pdbx_full_space_group_name_H-M   ? 
_symmetry.cell_setting                     ? 
_symmetry.Int_Tables_number                178 
_symmetry.space_group_name_Hall            ? 
# 
_exptl.entry_id          1YOD 
_exptl.method            'X-RAY DIFFRACTION' 
_exptl.crystals_number   1 
# 
_exptl_crystal.id                    1 
_exptl_crystal.density_meas          ? 
_exptl_crystal.density_Matthews      2.1 
_exptl_crystal.density_percent_sol   42.0 
_exptl_crystal.description           ? 
_exptl_crystal.F_000                 ? 
_exptl_crystal.preparation           ? 
# 
_exptl_crystal_grow.crystal_id      1 
_exptl_crystal_grow.method          'VAPOR DIFFUSION, HANGING DROP' 
_exptl_crystal_grow.temp            298.0 
_exptl_crystal_grow.temp_details    ? 
_exptl_crystal_grow.pH              5.6 
_exptl_crystal_grow.pdbx_details    '1,6 hexanediol, sodium citrate, pH 5.6, VAPOR DIFFUSION, HANGING DROP, temperature 298.0K' 
_exptl_crystal_grow.pdbx_pH_range   . 
# 
_diffrn.id                     1 
_diffrn.ambient_temp           100 
_diffrn.ambient_temp_details   ? 
_diffrn.crystal_id             1 
# 
_diffrn_detector.diffrn_id              1 
_diffrn_detector.detector               CCD 
_diffrn_detector.type                   'ADSC QUANTUM 4' 
_diffrn_detector.pdbx_collection_date   2003-03-03 
_diffrn_detector.details                ? 
# 
_diffrn_radiation.diffrn_id                        1 
_diffrn_radiation.wavelength_id                    1 
_diffrn_radiation.pdbx_monochromatic_or_laue_m_l   M 
_diffrn_radiation.monochromator                    'super-bend magnet' 
_diffrn_radiation.pdbx_diffrn_protocol             MAD 
_diffrn_radiation.pdbx_scattering_type             x-ray 
# 
loop_
_diffrn_radiation_wavelength.id 
_diffrn_radiation_wavelength.wavelength 
_diffrn_radiation_wavelength.wt 
1 0.9765 1.0 
2 0.9766 1.0 
3 0.9643 1.0 
# 
_diffrn_source.diffrn_id                   1 
_diffrn_source.source                      SYNCHROTRON 
_diffrn_source.type                        'ALS BEAMLINE 8.2.1' 
_diffrn_source.pdbx_synchrotron_site       ALS 
_diffrn_source.pdbx_synchrotron_beamline   8.2.1 
_diffrn_source.pdbx_wavelength             ? 
_diffrn_source.pdbx_wavelength_list        '0.9765, 0.9766, 0.9643' 
# 
_reflns.entry_id                     1YOD 
_reflns.observed_criterion_sigma_F   0.0 
_reflns.observed_criterion_sigma_I   0.0 
_reflns.d_resolution_high            1.8 
_reflns.d_resolution_low             30.0 
_reflns.number_all                   7887 
_reflns.number_obs                   7658 
_reflns.percent_possible_obs         99.8 
_reflns.pdbx_Rmerge_I_obs            0.073 
_reflns.pdbx_Rsym_value              ? 
_reflns.pdbx_netI_over_sigmaI        13.1 
_reflns.B_iso_Wilson_estimate        25.5 
_reflns.pdbx_redundancy              18 
_reflns.R_free_details               ? 
_reflns.limit_h_max                  ? 
_reflns.limit_h_min                  ? 
_reflns.limit_k_max                  ? 
_reflns.limit_k_min                  ? 
_reflns.limit_l_max                  ? 
_reflns.limit_l_min                  ? 
_reflns.observed_criterion_F_max     ? 
_reflns.observed_criterion_F_min     ? 
_reflns.pdbx_chi_squared             ? 
_reflns.pdbx_scaling_rejects         ? 
_reflns.pdbx_ordinal                 1 
_reflns.pdbx_diffrn_id               1 
# 
_reflns_shell.d_res_high             1.80 
_reflns_shell.d_res_low              1.85 
_reflns_shell.percent_possible_all   100.0 
_reflns_shell.Rmerge_I_obs           0.43 
_reflns_shell.pdbx_Rsym_value        ? 
_reflns_shell.meanI_over_sigI_obs    2.8 
_reflns_shell.pdbx_redundancy        18 
_reflns_shell.percent_possible_obs   ? 
_reflns_shell.number_unique_all      625 
_reflns_shell.number_measured_all    ? 
_reflns_shell.number_measured_obs    ? 
_reflns_shell.number_unique_obs      ? 
_reflns_shell.pdbx_chi_squared       ? 
_reflns_shell.pdbx_ordinal           1 
_reflns_shell.pdbx_diffrn_id         1 
# 
_refine.entry_id                                 1YOD 
_refine.ls_number_reflns_obs                     7304 
_refine.ls_number_reflns_all                     7887 
_refine.pdbx_ls_sigma_I                          ? 
_refine.pdbx_ls_sigma_F                          0.0 
_refine.pdbx_data_cutoff_high_absF               ? 
_refine.pdbx_data_cutoff_low_absF                ? 
_refine.pdbx_data_cutoff_high_rms_absF           ? 
_refine.ls_d_res_low                             20 
_refine.ls_d_res_high                            1.80 
_refine.ls_percent_reflns_obs                    99.72 
_refine.ls_R_factor_obs                          0.21176 
_refine.ls_R_factor_all                          0.21176 
_refine.ls_R_factor_R_work                       0.20867 
_refine.ls_R_factor_R_free                       0.25724 
_refine.ls_R_factor_R_free_error                 ? 
_refine.ls_R_factor_R_free_error_details         ? 
_refine.ls_percent_reflns_R_free                 6.9 
_refine.ls_number_reflns_R_free                  538 
_refine.ls_number_parameters                     ? 
_refine.ls_number_restraints                     ? 
_refine.occupancy_min                            ? 
_refine.occupancy_max                            ? 
_refine.correlation_coeff_Fo_to_Fc               0.947 
_refine.correlation_coeff_Fo_to_Fc_free          0.917 
_refine.B_iso_mean                               25.500 
_refine.aniso_B[1][1]                            0.46 
_refine.aniso_B[2][2]                            0.46 
_refine.aniso_B[3][3]                            -0.70 
_refine.aniso_B[1][2]                            0.23 
_refine.aniso_B[1][3]                            0.00 
_refine.aniso_B[2][3]                            0.00 
_refine.solvent_model_details                    'BABINET MODEL WITH MASK' 
_refine.solvent_model_param_ksol                 ? 
_refine.solvent_model_param_bsol                 ? 
_refine.pdbx_solvent_vdw_probe_radii             1.40 
_refine.pdbx_solvent_ion_probe_radii             0.80 
_refine.pdbx_solvent_shrinkage_radii             0.80 
_refine.pdbx_ls_cross_valid_method               THROUGHOUT 
_refine.details                                  'HYDROGENS HAVE BEEN ADDED IN THE RIDING POSITIONS' 
_refine.pdbx_starting_model                      ? 
_refine.pdbx_method_to_determine_struct          MAD 
_refine.pdbx_isotropic_thermal_model             ? 
_refine.pdbx_stereochemistry_target_values       'MAXIMUM LIKELIHOOD' 
_refine.pdbx_stereochem_target_val_spec_case     ? 
_refine.pdbx_R_Free_selection_details            RANDOM 
_refine.pdbx_overall_ESU_R                       0.187 
_refine.pdbx_overall_ESU_R_Free                  0.130 
_refine.overall_SU_ML                            0.073 
_refine.overall_SU_B                             2.247 
_refine.ls_redundancy_reflns_obs                 ? 
_refine.B_iso_min                                ? 
_refine.B_iso_max                                ? 
_refine.overall_SU_R_Cruickshank_DPI             ? 
_refine.overall_SU_R_free                        ? 
_refine.ls_wR_factor_R_free                      ? 
_refine.ls_wR_factor_R_work                      ? 
_refine.overall_FOM_free_R_set                   ? 
_refine.overall_FOM_work_R_set                   ? 
_refine.pdbx_refine_id                           'X-RAY DIFFRACTION' 
_refine.pdbx_diffrn_id                           1 
_refine.pdbx_TLS_residual_ADP_flag               ? 
_refine.pdbx_overall_phase_error                 ? 
_refine.pdbx_overall_SU_R_free_Cruickshank_DPI   ? 
_refine.pdbx_overall_SU_R_Blow_DPI               ? 
_refine.pdbx_overall_SU_R_free_Blow_DPI          ? 
# 
_refine_hist.pdbx_refine_id                   'X-RAY DIFFRACTION' 
_refine_hist.cycle_id                         LAST 
_refine_hist.pdbx_number_atoms_protein        489 
_refine_hist.pdbx_number_atoms_nucleic_acid   0 
_refine_hist.pdbx_number_atoms_ligand         0 
_refine_hist.number_atoms_solvent             62 
_refine_hist.number_atoms_total               551 
_refine_hist.d_res_high                       1.80 
_refine_hist.d_res_low                        20 
# 
loop_
_refine_ls_restr.type 
_refine_ls_restr.dev_ideal 
_refine_ls_restr.dev_ideal_target 
_refine_ls_restr.weight 
_refine_ls_restr.number 
_refine_ls_restr.pdbx_refine_id 
_refine_ls_restr.pdbx_restraint_function 
r_bond_refined_d         0.034 0.022 ? 489  'X-RAY DIFFRACTION' ? 
r_bond_other_d           0.002 0.020 ? 471  'X-RAY DIFFRACTION' ? 
r_angle_refined_deg      1.663 1.984 ? 649  'X-RAY DIFFRACTION' ? 
r_angle_other_deg        0.911 3.000 ? 1091 'X-RAY DIFFRACTION' ? 
r_dihedral_angle_1_deg   3.826 5.000 ? 55   'X-RAY DIFFRACTION' ? 
r_chiral_restr           0.084 0.200 ? 73   'X-RAY DIFFRACTION' ? 
r_gen_planes_refined     0.006 0.020 ? 529  'X-RAY DIFFRACTION' ? 
r_gen_planes_other       0.002 0.020 ? 95   'X-RAY DIFFRACTION' ? 
r_nbd_refined            0.263 0.200 ? 142  'X-RAY DIFFRACTION' ? 
r_nbd_other              0.255 0.200 ? 554  'X-RAY DIFFRACTION' ? 
r_nbtor_other            0.089 0.200 ? 323  'X-RAY DIFFRACTION' ? 
r_xyhbond_nbd_refined    0.255 0.200 ? 39   'X-RAY DIFFRACTION' ? 
r_symmetry_vdw_refined   0.203 0.200 ? 11   'X-RAY DIFFRACTION' ? 
r_symmetry_vdw_other     0.272 0.200 ? 46   'X-RAY DIFFRACTION' ? 
r_symmetry_hbond_refined 0.309 0.200 ? 6    'X-RAY DIFFRACTION' ? 
r_mcbond_it              1.536 1.500 ? 285  'X-RAY DIFFRACTION' ? 
r_mcangle_it             2.708 2.000 ? 455  'X-RAY DIFFRACTION' ? 
r_scbond_it              4.341 3.000 ? 204  'X-RAY DIFFRACTION' ? 
r_scangle_it             7.490 4.500 ? 194  'X-RAY DIFFRACTION' ? 
r_rigid_bond_restr       2.504 2.000 ? 489  'X-RAY DIFFRACTION' ? 
r_sphericity_free        4.101 2.000 ? 62   'X-RAY DIFFRACTION' ? 
r_sphericity_bonded      2.783 2.000 ? 489  'X-RAY DIFFRACTION' ? 
# 
_refine_ls_shell.pdbx_total_number_of_bins_used   20 
_refine_ls_shell.d_res_high                       1.800 
_refine_ls_shell.d_res_low                        1.847 
_refine_ls_shell.number_reflns_R_work             510 
_refine_ls_shell.R_factor_R_work                  0.223 
_refine_ls_shell.percent_reflns_obs               ? 
_refine_ls_shell.R_factor_R_free                  0.286 
_refine_ls_shell.R_factor_R_free_error            ? 
_refine_ls_shell.percent_reflns_R_free            ? 
_refine_ls_shell.number_reflns_R_free             40 
_refine_ls_shell.number_reflns_obs                ? 
_refine_ls_shell.redundancy_reflns_obs            ? 
_refine_ls_shell.number_reflns_all                ? 
_refine_ls_shell.pdbx_refine_id                   'X-RAY DIFFRACTION' 
_refine_ls_shell.R_factor_all                     ? 
# 
_struct.entry_id                  1YOD 
_struct.title                     'Crystal structure of a water soluble analog of phospholamban' 
_struct.pdbx_model_details        ? 
_struct.pdbx_CASP_flag            ? 
_struct.pdbx_model_type_details   ? 
# 
_struct_keywords.entry_id        1YOD 
_struct_keywords.pdbx_keywords   'DE NOVO PROTEIN' 
_struct_keywords.text            'protein design, water-soluble, DE NOVO PROTEIN' 
# 
loop_
_struct_asym.id 
_struct_asym.pdbx_blank_PDB_chainid_flag 
_struct_asym.pdbx_modified 
_struct_asym.entity_id 
_struct_asym.details 
A N N 1 ? 
B N N 1 ? 
C N N 2 ? 
D N N 2 ? 
# 
_struct_ref.id                         1 
_struct_ref.entity_id                  1 
_struct_ref.db_name                    PDB 
_struct_ref.db_code                    1YOD 
_struct_ref.pdbx_db_accession          1YOD 
_struct_ref.pdbx_db_isoform            ? 
_struct_ref.pdbx_seq_one_letter_code   ? 
_struct_ref.pdbx_align_begin           ? 
# 
loop_
_struct_ref_seq.align_id 
_struct_ref_seq.ref_id 
_struct_ref_seq.pdbx_PDB_id_code 
_struct_ref_seq.pdbx_strand_id 
_struct_ref_seq.seq_align_beg 
_struct_ref_seq.pdbx_seq_align_beg_ins_code 
_struct_ref_seq.seq_align_end 
_struct_ref_seq.pdbx_seq_align_end_ins_code 
_struct_ref_seq.pdbx_db_accession 
_struct_ref_seq.db_align_beg 
_struct_ref_seq.pdbx_db_align_beg_ins_code 
_struct_ref_seq.db_align_end 
_struct_ref_seq.pdbx_db_align_end_ins_code 
_struct_ref_seq.pdbx_auth_seq_align_beg 
_struct_ref_seq.pdbx_auth_seq_align_end 
1 1 1YOD A 1 ? 30 ? 1YOD 22 ? 51 ? 22 51 
2 1 1YOD B 1 ? 30 ? 1YOD 22 ? 51 ? 22 51 
# 
_pdbx_struct_assembly.id                   1 
_pdbx_struct_assembly.details              author_and_software_defined_assembly 
_pdbx_struct_assembly.method_details       PISA,PQS 
_pdbx_struct_assembly.oligomeric_details   tetrameric 
_pdbx_struct_assembly.oligomeric_count     4 
# 
loop_
_pdbx_struct_assembly_prop.biol_id 
_pdbx_struct_assembly_prop.type 
_pdbx_struct_assembly_prop.value 
_pdbx_struct_assembly_prop.details 
1 'ABSA (A^2)' 4750 ? 
1 MORE         -43  ? 
1 'SSA (A^2)'  8210 ? 
# 
_pdbx_struct_assembly_gen.assembly_id       1 
_pdbx_struct_assembly_gen.oper_expression   1,2 
_pdbx_struct_assembly_gen.asym_id_list      A,B,C,D 
# 
loop_
_pdbx_struct_oper_list.id 
_pdbx_struct_oper_list.type 
_pdbx_struct_oper_list.name 
_pdbx_struct_oper_list.symmetry_operation 
_pdbx_struct_oper_list.matrix[1][1] 
_pdbx_struct_oper_list.matrix[1][2] 
_pdbx_struct_oper_list.matrix[1][3] 
_pdbx_struct_oper_list.vector[1] 
_pdbx_struct_oper_list.matrix[2][1] 
_pdbx_struct_oper_list.matrix[2][2] 
_pdbx_struct_oper_list.matrix[2][3] 
_pdbx_struct_oper_list.vector[2] 
_pdbx_struct_oper_list.matrix[3][1] 
_pdbx_struct_oper_list.matrix[3][2] 
_pdbx_struct_oper_list.matrix[3][3] 
_pdbx_struct_oper_list.vector[3] 
1 'identity operation'         1_555  x,y,z             1.0000000000  0.0000000000 0.0000000000  0.0000000000 0.0000000000 1.0000000000 0.0000000000  0.0000000000  0.0000000000  0.0000000000  1.0000000000  0.0000000000 
2 'crystal symmetry operation' 10_666 -y+1,-x+1,-z+11/6 -0.0801428646 0.9958448659 -0.0432449339 6.5564660941 0.9958448659 0.0781098050 -0.0468173195 -5.9265161275 -0.0432449339 -0.0468173195 -0.9979669405 2.9858170581 
# 
_struct_biol.id                    1 
_struct_biol.pdbx_parent_biol_id   ? 
_struct_biol.details               ? 
# 
loop_
_struct_conf.conf_type_id 
_struct_conf.id 
_struct_conf.pdbx_PDB_helix_id 
_struct_conf.beg_label_comp_id 
_struct_conf.beg_label_asym_id 
_struct_conf.beg_label_seq_id 
_struct_conf.pdbx_beg_PDB_ins_code 
_struct_conf.end_label_comp_id 
_struct_conf.end_label_asym_id 
_struct_conf.end_label_seq_id 
_struct_conf.pdbx_end_PDB_ins_code 
_struct_conf.beg_auth_comp_id 
_struct_conf.beg_auth_asym_id 
_struct_conf.beg_auth_seq_id 
_struct_conf.end_auth_comp_id 
_struct_conf.end_auth_asym_id 
_struct_conf.end_auth_seq_id 
_struct_conf.pdbx_PDB_helix_class 
_struct_conf.details 
_struct_conf.pdbx_PDB_helix_length 
HELX_P HELX_P1 1 GLN A 1 ? LEU A 30 ? GLN A 22 LEU A 51 1 ? 30 
HELX_P HELX_P2 2 ARG B 4 ? LEU B 30 ? ARG B 25 LEU B 51 1 ? 27 
# 
_struct_conf_type.id          HELX_P 
_struct_conf_type.criteria    ? 
_struct_conf_type.reference   ? 
# 
loop_
_struct_conn.id 
_struct_conn.conn_type_id 
_struct_conn.pdbx_leaving_atom_flag 
_struct_conn.pdbx_PDB_id 
_struct_conn.ptnr1_label_asym_id 
_struct_conn.ptnr1_label_comp_id 
_struct_conn.ptnr1_label_seq_id 
_struct_conn.ptnr1_label_atom_id 
_struct_conn.pdbx_ptnr1_label_alt_id 
_struct_conn.pdbx_ptnr1_PDB_ins_code 
_struct_conn.pdbx_ptnr1_standard_comp_id 
_struct_conn.ptnr1_symmetry 
_struct_conn.ptnr2_label_asym_id 
_struct_conn.ptnr2_label_comp_id 
_struct_conn.ptnr2_label_seq_id 
_struct_conn.ptnr2_label_atom_id 
_struct_conn.pdbx_ptnr2_label_alt_id 
_struct_conn.pdbx_ptnr2_PDB_ins_code 
_struct_conn.ptnr1_auth_asym_id 
_struct_conn.ptnr1_auth_comp_id 
_struct_conn.ptnr1_auth_seq_id 
_struct_conn.ptnr2_auth_asym_id 
_struct_conn.ptnr2_auth_comp_id 
_struct_conn.ptnr2_auth_seq_id 
_struct_conn.ptnr2_symmetry 
_struct_conn.pdbx_ptnr3_label_atom_id 
_struct_conn.pdbx_ptnr3_label_seq_id 
_struct_conn.pdbx_ptnr3_label_comp_id 
_struct_conn.pdbx_ptnr3_label_asym_id 
_struct_conn.pdbx_ptnr3_label_alt_id 
_struct_conn.pdbx_ptnr3_PDB_ins_code 
_struct_conn.details 
_struct_conn.pdbx_dist_value 
_struct_conn.pdbx_value_order 
_struct_conn.pdbx_role 
covale1 covale both ? A ALA 28 C ? ? ? 1_555 A MSE 29 N ? ? A ALA 49 A MSE 50 1_555 ? ? ? ? ? ? ? 1.321 ? ? 
covale2 covale both ? A MSE 29 C ? ? ? 1_555 A LEU 30 N ? ? A MSE 50 A LEU 51 1_555 ? ? ? ? ? ? ? 1.334 ? ? 
covale3 covale both ? B ALA 28 C ? ? ? 1_555 B MSE 29 N ? ? B ALA 49 B MSE 50 1_555 ? ? ? ? ? ? ? 1.328 ? ? 
covale4 covale both ? B MSE 29 C ? ? ? 1_555 B LEU 30 N ? ? B MSE 50 B LEU 51 1_555 ? ? ? ? ? ? ? 1.337 ? ? 
# 
_struct_conn_type.id          covale 
_struct_conn_type.criteria    ? 
_struct_conn_type.reference   ? 
# 
loop_
_pdbx_modification_feature.ordinal 
_pdbx_modification_feature.label_comp_id 
_pdbx_modification_feature.label_asym_id 
_pdbx_modification_feature.label_seq_id 
_pdbx_modification_feature.label_alt_id 
_pdbx_modification_feature.modified_residue_label_comp_id 
_pdbx_modification_feature.modified_residue_label_asym_id 
_pdbx_modification_feature.modified_residue_label_seq_id 
_pdbx_modification_feature.modified_residue_label_alt_id 
_pdbx_modification_feature.auth_comp_id 
_pdbx_modification_feature.auth_asym_id 
_pdbx_modification_feature.auth_seq_id 
_pdbx_modification_feature.PDB_ins_code 
_pdbx_modification_feature.symmetry 
_pdbx_modification_feature.modified_residue_auth_comp_id 
_pdbx_modification_feature.modified_residue_auth_asym_id 
_pdbx_modification_feature.modified_residue_auth_seq_id 
_pdbx_modification_feature.modified_residue_PDB_ins_code 
_pdbx_modification_feature.modified_residue_symmetry 
_pdbx_modification_feature.comp_id_linking_atom 
_pdbx_modification_feature.modified_residue_id_linking_atom 
_pdbx_modification_feature.modified_residue_id 
_pdbx_modification_feature.ref_pcm_id 
_pdbx_modification_feature.ref_comp_id 
_pdbx_modification_feature.type 
_pdbx_modification_feature.category 
1 MSE A 29 ? . . . . MSE A 50 ? 1_555 . . . . . . . MET 1 MSE Selenomethionine 'Named protein modification' 
2 MSE B 29 ? . . . . MSE B 50 ? 1_555 . . . . . . . MET 1 MSE Selenomethionine 'Named protein modification' 
# 
_pdbx_entry_details.entry_id                   1YOD 
_pdbx_entry_details.compound_details           ? 
_pdbx_entry_details.source_details             ? 
_pdbx_entry_details.nonpolymer_details         ? 
_pdbx_entry_details.sequence_details           ? 
_pdbx_entry_details.has_ligand_of_interest     ? 
_pdbx_entry_details.has_protein_modification   Y 
# 
_pdbx_validate_close_contact.id               1 
_pdbx_validate_close_contact.PDB_model_num    1 
_pdbx_validate_close_contact.auth_atom_id_1   OE1 
_pdbx_validate_close_contact.auth_asym_id_1   A 
_pdbx_validate_close_contact.auth_comp_id_1   GLN 
_pdbx_validate_close_contact.auth_seq_id_1    23 
_pdbx_validate_close_contact.PDB_ins_code_1   ? 
_pdbx_validate_close_contact.label_alt_id_1   ? 
_pdbx_validate_close_contact.auth_atom_id_2   O 
_pdbx_validate_close_contact.auth_asym_id_2   A 
_pdbx_validate_close_contact.auth_comp_id_2   HOH 
_pdbx_validate_close_contact.auth_seq_id_2    73 
_pdbx_validate_close_contact.PDB_ins_code_2   ? 
_pdbx_validate_close_contact.label_alt_id_2   ? 
_pdbx_validate_close_contact.dist             2.15 
# 
_pdbx_validate_symm_contact.id                1 
_pdbx_validate_symm_contact.PDB_model_num     1 
_pdbx_validate_symm_contact.auth_atom_id_1    O 
_pdbx_validate_symm_contact.auth_asym_id_1    B 
_pdbx_validate_symm_contact.auth_comp_id_1    HOH 
_pdbx_validate_symm_contact.auth_seq_id_1     72 
_pdbx_validate_symm_contact.PDB_ins_code_1    ? 
_pdbx_validate_symm_contact.label_alt_id_1    ? 
_pdbx_validate_symm_contact.site_symmetry_1   1_555 
_pdbx_validate_symm_contact.auth_atom_id_2    O 
_pdbx_validate_symm_contact.auth_asym_id_2    B 
_pdbx_validate_symm_contact.auth_comp_id_2    HOH 
_pdbx_validate_symm_contact.auth_seq_id_2     72 
_pdbx_validate_symm_contact.PDB_ins_code_2    ? 
_pdbx_validate_symm_contact.label_alt_id_2    ? 
_pdbx_validate_symm_contact.site_symmetry_2   9_556 
_pdbx_validate_symm_contact.dist              2.06 
# 
loop_
_pdbx_validate_rmsd_bond.id 
_pdbx_validate_rmsd_bond.PDB_model_num 
_pdbx_validate_rmsd_bond.auth_atom_id_1 
_pdbx_validate_rmsd_bond.auth_asym_id_1 
_pdbx_validate_rmsd_bond.auth_comp_id_1 
_pdbx_validate_rmsd_bond.auth_seq_id_1 
_pdbx_validate_rmsd_bond.PDB_ins_code_1 
_pdbx_validate_rmsd_bond.label_alt_id_1 
_pdbx_validate_rmsd_bond.auth_atom_id_2 
_pdbx_validate_rmsd_bond.auth_asym_id_2 
_pdbx_validate_rmsd_bond.auth_comp_id_2 
_pdbx_validate_rmsd_bond.auth_seq_id_2 
_pdbx_validate_rmsd_bond.PDB_ins_code_2 
_pdbx_validate_rmsd_bond.label_alt_id_2 
_pdbx_validate_rmsd_bond.bond_value 
_pdbx_validate_rmsd_bond.bond_target_value 
_pdbx_validate_rmsd_bond.bond_deviation 
_pdbx_validate_rmsd_bond.bond_standard_deviation 
_pdbx_validate_rmsd_bond.linker_flag 
1 1 CB A MSE 50 ? ? CG A MSE 50 ? ? 1.721 1.520 0.201  0.030 N 
2 1 SE A MSE 50 ? ? CE A MSE 50 ? ? 1.259 1.950 -0.691 0.059 N 
3 1 SE B MSE 50 ? ? CE B MSE 50 ? ? 1.474 1.950 -0.476 0.059 N 
# 
loop_
_pdbx_struct_mod_residue.id 
_pdbx_struct_mod_residue.label_asym_id 
_pdbx_struct_mod_residue.label_comp_id 
_pdbx_struct_mod_residue.label_seq_id 
_pdbx_struct_mod_residue.auth_asym_id 
_pdbx_struct_mod_residue.auth_comp_id 
_pdbx_struct_mod_residue.auth_seq_id 
_pdbx_struct_mod_residue.PDB_ins_code 
_pdbx_struct_mod_residue.parent_comp_id 
_pdbx_struct_mod_residue.details 
1 A MSE 29 A MSE 50 ? MET SELENOMETHIONINE 
2 B MSE 29 B MSE 50 ? MET SELENOMETHIONINE 
# 
_pdbx_database_remark.id     999 
_pdbx_database_remark.text   
;SEQUENCE
At the time of processing no suitable
sequence database reference was found
;
# 
loop_
_pdbx_unobs_or_zero_occ_residues.id 
_pdbx_unobs_or_zero_occ_residues.PDB_model_num 
_pdbx_unobs_or_zero_occ_residues.polymer_flag 
_pdbx_unobs_or_zero_occ_residues.occupancy_flag 
_pdbx_unobs_or_zero_occ_residues.auth_asym_id 
_pdbx_unobs_or_zero_occ_residues.auth_comp_id 
_pdbx_unobs_or_zero_occ_residues.auth_seq_id 
_pdbx_unobs_or_zero_occ_residues.PDB_ins_code 
_pdbx_unobs_or_zero_occ_residues.label_asym_id 
_pdbx_unobs_or_zero_occ_residues.label_comp_id 
_pdbx_unobs_or_zero_occ_residues.label_seq_id 
1 1 Y 1 B GLN 22 ? B GLN 1 
2 1 Y 1 B GLN 23 ? B GLN 2 
3 1 Y 1 B ALA 24 ? B ALA 3 
# 
loop_
_chem_comp_atom.comp_id 
_chem_comp_atom.atom_id 
_chem_comp_atom.type_symbol 
_chem_comp_atom.pdbx_aromatic_flag 
_chem_comp_atom.pdbx_stereo_config 
_chem_comp_atom.pdbx_ordinal 
ALA N    N  N N 1   
ALA CA   C  N S 2   
ALA C    C  N N 3   
ALA O    O  N N 4   
ALA CB   C  N N 5   
ALA OXT  O  N N 6   
ALA H    H  N N 7   
ALA H2   H  N N 8   
ALA HA   H  N N 9   
ALA HB1  H  N N 10  
ALA HB2  H  N N 11  
ALA HB3  H  N N 12  
ALA HXT  H  N N 13  
ARG N    N  N N 14  
ARG CA   C  N S 15  
ARG C    C  N N 16  
ARG O    O  N N 17  
ARG CB   C  N N 18  
ARG CG   C  N N 19  
ARG CD   C  N N 20  
ARG NE   N  N N 21  
ARG CZ   C  N N 22  
ARG NH1  N  N N 23  
ARG NH2  N  N N 24  
ARG OXT  O  N N 25  
ARG H    H  N N 26  
ARG H2   H  N N 27  
ARG HA   H  N N 28  
ARG HB2  H  N N 29  
ARG HB3  H  N N 30  
ARG HG2  H  N N 31  
ARG HG3  H  N N 32  
ARG HD2  H  N N 33  
ARG HD3  H  N N 34  
ARG HE   H  N N 35  
ARG HH11 H  N N 36  
ARG HH12 H  N N 37  
ARG HH21 H  N N 38  
ARG HH22 H  N N 39  
ARG HXT  H  N N 40  
ASN N    N  N N 41  
ASN CA   C  N S 42  
ASN C    C  N N 43  
ASN O    O  N N 44  
ASN CB   C  N N 45  
ASN CG   C  N N 46  
ASN OD1  O  N N 47  
ASN ND2  N  N N 48  
ASN OXT  O  N N 49  
ASN H    H  N N 50  
ASN H2   H  N N 51  
ASN HA   H  N N 52  
ASN HB2  H  N N 53  
ASN HB3  H  N N 54  
ASN HD21 H  N N 55  
ASN HD22 H  N N 56  
ASN HXT  H  N N 57  
CYS N    N  N N 58  
CYS CA   C  N R 59  
CYS C    C  N N 60  
CYS O    O  N N 61  
CYS CB   C  N N 62  
CYS SG   S  N N 63  
CYS OXT  O  N N 64  
CYS H    H  N N 65  
CYS H2   H  N N 66  
CYS HA   H  N N 67  
CYS HB2  H  N N 68  
CYS HB3  H  N N 69  
CYS HG   H  N N 70  
CYS HXT  H  N N 71  
GLN N    N  N N 72  
GLN CA   C  N S 73  
GLN C    C  N N 74  
GLN O    O  N N 75  
GLN CB   C  N N 76  
GLN CG   C  N N 77  
GLN CD   C  N N 78  
GLN OE1  O  N N 79  
GLN NE2  N  N N 80  
GLN OXT  O  N N 81  
GLN H    H  N N 82  
GLN H2   H  N N 83  
GLN HA   H  N N 84  
GLN HB2  H  N N 85  
GLN HB3  H  N N 86  
GLN HG2  H  N N 87  
GLN HG3  H  N N 88  
GLN HE21 H  N N 89  
GLN HE22 H  N N 90  
GLN HXT  H  N N 91  
GLU N    N  N N 92  
GLU CA   C  N S 93  
GLU C    C  N N 94  
GLU O    O  N N 95  
GLU CB   C  N N 96  
GLU CG   C  N N 97  
GLU CD   C  N N 98  
GLU OE1  O  N N 99  
GLU OE2  O  N N 100 
GLU OXT  O  N N 101 
GLU H    H  N N 102 
GLU H2   H  N N 103 
GLU HA   H  N N 104 
GLU HB2  H  N N 105 
GLU HB3  H  N N 106 
GLU HG2  H  N N 107 
GLU HG3  H  N N 108 
GLU HE2  H  N N 109 
GLU HXT  H  N N 110 
HOH O    O  N N 111 
HOH H1   H  N N 112 
HOH H2   H  N N 113 
ILE N    N  N N 114 
ILE CA   C  N S 115 
ILE C    C  N N 116 
ILE O    O  N N 117 
ILE CB   C  N S 118 
ILE CG1  C  N N 119 
ILE CG2  C  N N 120 
ILE CD1  C  N N 121 
ILE OXT  O  N N 122 
ILE H    H  N N 123 
ILE H2   H  N N 124 
ILE HA   H  N N 125 
ILE HB   H  N N 126 
ILE HG12 H  N N 127 
ILE HG13 H  N N 128 
ILE HG21 H  N N 129 
ILE HG22 H  N N 130 
ILE HG23 H  N N 131 
ILE HD11 H  N N 132 
ILE HD12 H  N N 133 
ILE HD13 H  N N 134 
ILE HXT  H  N N 135 
LEU N    N  N N 136 
LEU CA   C  N S 137 
LEU C    C  N N 138 
LEU O    O  N N 139 
LEU CB   C  N N 140 
LEU CG   C  N N 141 
LEU CD1  C  N N 142 
LEU CD2  C  N N 143 
LEU OXT  O  N N 144 
LEU H    H  N N 145 
LEU H2   H  N N 146 
LEU HA   H  N N 147 
LEU HB2  H  N N 148 
LEU HB3  H  N N 149 
LEU HG   H  N N 150 
LEU HD11 H  N N 151 
LEU HD12 H  N N 152 
LEU HD13 H  N N 153 
LEU HD21 H  N N 154 
LEU HD22 H  N N 155 
LEU HD23 H  N N 156 
LEU HXT  H  N N 157 
LYS N    N  N N 158 
LYS CA   C  N S 159 
LYS C    C  N N 160 
LYS O    O  N N 161 
LYS CB   C  N N 162 
LYS CG   C  N N 163 
LYS CD   C  N N 164 
LYS CE   C  N N 165 
LYS NZ   N  N N 166 
LYS OXT  O  N N 167 
LYS H    H  N N 168 
LYS H2   H  N N 169 
LYS HA   H  N N 170 
LYS HB2  H  N N 171 
LYS HB3  H  N N 172 
LYS HG2  H  N N 173 
LYS HG3  H  N N 174 
LYS HD2  H  N N 175 
LYS HD3  H  N N 176 
LYS HE2  H  N N 177 
LYS HE3  H  N N 178 
LYS HZ1  H  N N 179 
LYS HZ2  H  N N 180 
LYS HZ3  H  N N 181 
LYS HXT  H  N N 182 
MSE N    N  N N 183 
MSE CA   C  N S 184 
MSE C    C  N N 185 
MSE O    O  N N 186 
MSE OXT  O  N N 187 
MSE CB   C  N N 188 
MSE CG   C  N N 189 
MSE SE   SE N N 190 
MSE CE   C  N N 191 
MSE H    H  N N 192 
MSE H2   H  N N 193 
MSE HA   H  N N 194 
MSE HXT  H  N N 195 
MSE HB2  H  N N 196 
MSE HB3  H  N N 197 
MSE HG2  H  N N 198 
MSE HG3  H  N N 199 
MSE HE1  H  N N 200 
MSE HE2  H  N N 201 
MSE HE3  H  N N 202 
TYR N    N  N N 203 
TYR CA   C  N S 204 
TYR C    C  N N 205 
TYR O    O  N N 206 
TYR CB   C  N N 207 
TYR CG   C  Y N 208 
TYR CD1  C  Y N 209 
TYR CD2  C  Y N 210 
TYR CE1  C  Y N 211 
TYR CE2  C  Y N 212 
TYR CZ   C  Y N 213 
TYR OH   O  N N 214 
TYR OXT  O  N N 215 
TYR H    H  N N 216 
TYR H2   H  N N 217 
TYR HA   H  N N 218 
TYR HB2  H  N N 219 
TYR HB3  H  N N 220 
TYR HD1  H  N N 221 
TYR HD2  H  N N 222 
TYR HE1  H  N N 223 
TYR HE2  H  N N 224 
TYR HH   H  N N 225 
TYR HXT  H  N N 226 
# 
loop_
_chem_comp_bond.comp_id 
_chem_comp_bond.atom_id_1 
_chem_comp_bond.atom_id_2 
_chem_comp_bond.value_order 
_chem_comp_bond.pdbx_aromatic_flag 
_chem_comp_bond.pdbx_stereo_config 
_chem_comp_bond.pdbx_ordinal 
ALA N   CA   sing N N 1   
ALA N   H    sing N N 2   
ALA N   H2   sing N N 3   
ALA CA  C    sing N N 4   
ALA CA  CB   sing N N 5   
ALA CA  HA   sing N N 6   
ALA C   O    doub N N 7   
ALA C   OXT  sing N N 8   
ALA CB  HB1  sing N N 9   
ALA CB  HB2  sing N N 10  
ALA CB  HB3  sing N N 11  
ALA OXT HXT  sing N N 12  
ARG N   CA   sing N N 13  
ARG N   H    sing N N 14  
ARG N   H2   sing N N 15  
ARG CA  C    sing N N 16  
ARG CA  CB   sing N N 17  
ARG CA  HA   sing N N 18  
ARG C   O    doub N N 19  
ARG C   OXT  sing N N 20  
ARG CB  CG   sing N N 21  
ARG CB  HB2  sing N N 22  
ARG CB  HB3  sing N N 23  
ARG CG  CD   sing N N 24  
ARG CG  HG2  sing N N 25  
ARG CG  HG3  sing N N 26  
ARG CD  NE   sing N N 27  
ARG CD  HD2  sing N N 28  
ARG CD  HD3  sing N N 29  
ARG NE  CZ   sing N N 30  
ARG NE  HE   sing N N 31  
ARG CZ  NH1  sing N N 32  
ARG CZ  NH2  doub N N 33  
ARG NH1 HH11 sing N N 34  
ARG NH1 HH12 sing N N 35  
ARG NH2 HH21 sing N N 36  
ARG NH2 HH22 sing N N 37  
ARG OXT HXT  sing N N 38  
ASN N   CA   sing N N 39  
ASN N   H    sing N N 40  
ASN N   H2   sing N N 41  
ASN CA  C    sing N N 42  
ASN CA  CB   sing N N 43  
ASN CA  HA   sing N N 44  
ASN C   O    doub N N 45  
ASN C   OXT  sing N N 46  
ASN CB  CG   sing N N 47  
ASN CB  HB2  sing N N 48  
ASN CB  HB3  sing N N 49  
ASN CG  OD1  doub N N 50  
ASN CG  ND2  sing N N 51  
ASN ND2 HD21 sing N N 52  
ASN ND2 HD22 sing N N 53  
ASN OXT HXT  sing N N 54  
CYS N   CA   sing N N 55  
CYS N   H    sing N N 56  
CYS N   H2   sing N N 57  
CYS CA  C    sing N N 58  
CYS CA  CB   sing N N 59  
CYS CA  HA   sing N N 60  
CYS C   O    doub N N 61  
CYS C   OXT  sing N N 62  
CYS CB  SG   sing N N 63  
CYS CB  HB2  sing N N 64  
CYS CB  HB3  sing N N 65  
CYS SG  HG   sing N N 66  
CYS OXT HXT  sing N N 67  
GLN N   CA   sing N N 68  
GLN N   H    sing N N 69  
GLN N   H2   sing N N 70  
GLN CA  C    sing N N 71  
GLN CA  CB   sing N N 72  
GLN CA  HA   sing N N 73  
GLN C   O    doub N N 74  
GLN C   OXT  sing N N 75  
GLN CB  CG   sing N N 76  
GLN CB  HB2  sing N N 77  
GLN CB  HB3  sing N N 78  
GLN CG  CD   sing N N 79  
GLN CG  HG2  sing N N 80  
GLN CG  HG3  sing N N 81  
GLN CD  OE1  doub N N 82  
GLN CD  NE2  sing N N 83  
GLN NE2 HE21 sing N N 84  
GLN NE2 HE22 sing N N 85  
GLN OXT HXT  sing N N 86  
GLU N   CA   sing N N 87  
GLU N   H    sing N N 88  
GLU N   H2   sing N N 89  
GLU CA  C    sing N N 90  
GLU CA  CB   sing N N 91  
GLU CA  HA   sing N N 92  
GLU C   O    doub N N 93  
GLU C   OXT  sing N N 94  
GLU CB  CG   sing N N 95  
GLU CB  HB2  sing N N 96  
GLU CB  HB3  sing N N 97  
GLU CG  CD   sing N N 98  
GLU CG  HG2  sing N N 99  
GLU CG  HG3  sing N N 100 
GLU CD  OE1  doub N N 101 
GLU CD  OE2  sing N N 102 
GLU OE2 HE2  sing N N 103 
GLU OXT HXT  sing N N 104 
HOH O   H1   sing N N 105 
HOH O   H2   sing N N 106 
ILE N   CA   sing N N 107 
ILE N   H    sing N N 108 
ILE N   H2   sing N N 109 
ILE CA  C    sing N N 110 
ILE CA  CB   sing N N 111 
ILE CA  HA   sing N N 112 
ILE C   O    doub N N 113 
ILE C   OXT  sing N N 114 
ILE CB  CG1  sing N N 115 
ILE CB  CG2  sing N N 116 
ILE CB  HB   sing N N 117 
ILE CG1 CD1  sing N N 118 
ILE CG1 HG12 sing N N 119 
ILE CG1 HG13 sing N N 120 
ILE CG2 HG21 sing N N 121 
ILE CG2 HG22 sing N N 122 
ILE CG2 HG23 sing N N 123 
ILE CD1 HD11 sing N N 124 
ILE CD1 HD12 sing N N 125 
ILE CD1 HD13 sing N N 126 
ILE OXT HXT  sing N N 127 
LEU N   CA   sing N N 128 
LEU N   H    sing N N 129 
LEU N   H2   sing N N 130 
LEU CA  C    sing N N 131 
LEU CA  CB   sing N N 132 
LEU CA  HA   sing N N 133 
LEU C   O    doub N N 134 
LEU C   OXT  sing N N 135 
LEU CB  CG   sing N N 136 
LEU CB  HB2  sing N N 137 
LEU CB  HB3  sing N N 138 
LEU CG  CD1  sing N N 139 
LEU CG  CD2  sing N N 140 
LEU CG  HG   sing N N 141 
LEU CD1 HD11 sing N N 142 
LEU CD1 HD12 sing N N 143 
LEU CD1 HD13 sing N N 144 
LEU CD2 HD21 sing N N 145 
LEU CD2 HD22 sing N N 146 
LEU CD2 HD23 sing N N 147 
LEU OXT HXT  sing N N 148 
LYS N   CA   sing N N 149 
LYS N   H    sing N N 150 
LYS N   H2   sing N N 151 
LYS CA  C    sing N N 152 
LYS CA  CB   sing N N 153 
LYS CA  HA   sing N N 154 
LYS C   O    doub N N 155 
LYS C   OXT  sing N N 156 
LYS CB  CG   sing N N 157 
LYS CB  HB2  sing N N 158 
LYS CB  HB3  sing N N 159 
LYS CG  CD   sing N N 160 
LYS CG  HG2  sing N N 161 
LYS CG  HG3  sing N N 162 
LYS CD  CE   sing N N 163 
LYS CD  HD2  sing N N 164 
LYS CD  HD3  sing N N 165 
LYS CE  NZ   sing N N 166 
LYS CE  HE2  sing N N 167 
LYS CE  HE3  sing N N 168 
LYS NZ  HZ1  sing N N 169 
LYS NZ  HZ2  sing N N 170 
LYS NZ  HZ3  sing N N 171 
LYS OXT HXT  sing N N 172 
MSE N   CA   sing N N 173 
MSE N   H    sing N N 174 
MSE N   H2   sing N N 175 
MSE CA  C    sing N N 176 
MSE CA  CB   sing N N 177 
MSE CA  HA   sing N N 178 
MSE C   O    doub N N 179 
MSE C   OXT  sing N N 180 
MSE OXT HXT  sing N N 181 
MSE CB  CG   sing N N 182 
MSE CB  HB2  sing N N 183 
MSE CB  HB3  sing N N 184 
MSE CG  SE   sing N N 185 
MSE CG  HG2  sing N N 186 
MSE CG  HG3  sing N N 187 
MSE SE  CE   sing N N 188 
MSE CE  HE1  sing N N 189 
MSE CE  HE2  sing N N 190 
MSE CE  HE3  sing N N 191 
TYR N   CA   sing N N 192 
TYR N   H    sing N N 193 
TYR N   H2   sing N N 194 
TYR CA  C    sing N N 195 
TYR CA  CB   sing N N 196 
TYR CA  HA   sing N N 197 
TYR C   O    doub N N 198 
TYR C   OXT  sing N N 199 
TYR CB  CG   sing N N 200 
TYR CB  HB2  sing N N 201 
TYR CB  HB3  sing N N 202 
TYR CG  CD1  doub Y N 203 
TYR CG  CD2  sing Y N 204 
TYR CD1 CE1  sing Y N 205 
TYR CD1 HD1  sing N N 206 
TYR CD2 CE2  doub Y N 207 
TYR CD2 HD2  sing N N 208 
TYR CE1 CZ   doub Y N 209 
TYR CE1 HE1  sing N N 210 
TYR CE2 CZ   sing Y N 211 
TYR CE2 HE2  sing N N 212 
TYR CZ  OH   sing N N 213 
TYR OH  HH   sing N N 214 
TYR OXT HXT  sing N N 215 
# 
_atom_sites.entry_id                    1YOD 
_atom_sites.fract_transf_matrix[1][1]   0.00571196 
_atom_sites.fract_transf_matrix[1][2]   -0.02156077 
_atom_sites.fract_transf_matrix[1][3]   0.01030444 
_atom_sites.fract_transf_matrix[2][1]   0.02237479 
_atom_sites.fract_transf_matrix[2][2]   -0.00352161 
_atom_sites.fract_transf_matrix[2][3]   0.00952113 
_atom_sites.fract_transf_matrix[3][1]   -0.00269072 
_atom_sites.fract_transf_matrix[3][2]   0.00280505 
_atom_sites.fract_transf_matrix[3][3]   0.00736075 
_atom_sites.fract_transf_vector[1]      0.319383 
_atom_sites.fract_transf_vector[2]      0.484610 
_atom_sites.fract_transf_vector[3]      0.922822 
# 
loop_
_atom_type.symbol 
C  
N  
O  
S  
SE 
# 
loop_
_atom_site.group_PDB 
_atom_site.id 
_atom_site.type_symbol 
_atom_site.label_atom_id 
_atom_site.label_alt_id 
_atom_site.label_comp_id 
_atom_site.label_asym_id 
_atom_site.label_entity_id 
_atom_site.label_seq_id 
_atom_site.pdbx_PDB_ins_code 
_atom_site.Cartn_x 
_atom_site.Cartn_y 
_atom_site.Cartn_z 
_atom_site.occupancy 
_atom_site.B_iso_or_equiv 
_atom_site.pdbx_formal_charge 
_atom_site.auth_seq_id 
_atom_site.auth_comp_id 
_atom_site.auth_asym_id 
_atom_site.auth_atom_id 
_atom_site.pdbx_PDB_model_num 
ATOM   1   N  N   . GLN A 1 1  ? -16.621 -21.694 8.751   1.00 43.00 ? 22 GLN A N   1 
ATOM   2   C  CA  . GLN A 1 1  ? -15.320 -21.346 8.154   1.00 41.26 ? 22 GLN A CA  1 
ATOM   3   C  C   . GLN A 1 1  ? -15.428 -20.042 7.402   1.00 38.06 ? 22 GLN A C   1 
ATOM   4   O  O   . GLN A 1 1  ? -14.562 -19.211 7.550   1.00 35.14 ? 22 GLN A O   1 
ATOM   5   C  CB  . GLN A 1 1  ? -14.839 -22.474 7.214   1.00 43.54 ? 22 GLN A CB  1 
ATOM   6   C  CG  . GLN A 1 1  ? -15.976 -23.220 6.525   1.00 48.14 ? 22 GLN A CG  1 
ATOM   7   C  CD  . GLN A 1 1  ? -15.518 -24.405 5.670   1.00 53.19 ? 22 GLN A CD  1 
ATOM   8   O  OE1 . GLN A 1 1  ? -16.356 -25.104 5.075   1.00 55.72 ? 22 GLN A OE1 1 
ATOM   9   N  NE2 . GLN A 1 1  ? -14.197 -24.637 5.602   1.00 56.64 ? 22 GLN A NE2 1 
ATOM   10  N  N   . GLN A 1 2  ? -16.501 -19.843 6.636   1.00 35.69 ? 23 GLN A N   1 
ATOM   11  C  CA  . GLN A 1 2  ? -16.546 -18.713 5.689   1.00 33.98 ? 23 GLN A CA  1 
ATOM   12  C  C   . GLN A 1 2  ? -16.639 -17.357 6.346   1.00 30.46 ? 23 GLN A C   1 
ATOM   13  O  O   . GLN A 1 2  ? -16.120 -16.387 5.794   1.00 27.17 ? 23 GLN A O   1 
ATOM   14  C  CB  . GLN A 1 2  ? -17.658 -18.843 4.638   1.00 35.44 ? 23 GLN A CB  1 
ATOM   15  C  CG  . GLN A 1 2  ? -17.566 -17.816 3.490   1.00 39.69 ? 23 GLN A CG  1 
ATOM   16  C  CD  . GLN A 1 2  ? -16.812 -18.305 2.229   1.00 45.45 ? 23 GLN A CD  1 
ATOM   17  O  OE1 . GLN A 1 2  ? -15.592 -18.641 2.281   1.00 46.60 ? 23 GLN A OE1 1 
ATOM   18  N  NE2 . GLN A 1 2  ? -17.533 -18.314 1.074   1.00 48.86 ? 23 GLN A NE2 1 
ATOM   19  N  N   . ALA A 1 3  ? -17.293 -17.243 7.501   1.00 27.92 ? 24 ALA A N   1 
ATOM   20  C  CA  . ALA A 1 3  ? -17.375 -15.924 8.116   1.00 25.62 ? 24 ALA A CA  1 
ATOM   21  C  C   . ALA A 1 3  ? -16.034 -15.517 8.683   1.00 24.80 ? 24 ALA A C   1 
ATOM   22  O  O   . ALA A 1 3  ? -15.689 -14.345 8.633   1.00 24.11 ? 24 ALA A O   1 
ATOM   23  C  CB  . ALA A 1 3  ? -18.426 -15.846 9.176   1.00 26.38 ? 24 ALA A CB  1 
ATOM   24  N  N   . ARG A 1 4  ? -15.279 -16.477 9.181   1.00 24.28 ? 25 ARG A N   1 
ATOM   25  C  CA  . ARG A 1 4  ? -13.927 -16.226 9.677   1.00 25.54 ? 25 ARG A CA  1 
ATOM   26  C  C   . ARG A 1 4  ? -13.052 -15.837 8.503   1.00 24.67 ? 25 ARG A C   1 
ATOM   27  O  O   . ARG A 1 4  ? -12.242 -14.946 8.607   1.00 22.40 ? 25 ARG A O   1 
ATOM   28  C  CB  . ARG A 1 4  ? -13.366 -17.461 10.320  1.00 26.50 ? 25 ARG A CB  1 
ATOM   29  C  CG  . ARG A 1 4  ? -11.915 -17.415 10.678  1.00 31.91 ? 25 ARG A CG  1 
ATOM   30  C  CD  . ARG A 1 4  ? -11.589 -18.427 11.710  1.00 40.72 ? 25 ARG A CD  1 
ATOM   31  N  NE  . ARG A 1 4  ? -10.384 -19.213 11.511  1.00 46.46 ? 25 ARG A NE  1 
ATOM   32  C  CZ  . ARG A 1 4  ? -10.377 -20.529 11.287  1.00 52.30 ? 25 ARG A CZ  1 
ATOM   33  N  NH1 . ARG A 1 4  ? -11.524 -21.212 11.141  1.00 55.78 ? 25 ARG A NH1 1 
ATOM   34  N  NH2 . ARG A 1 4  ? -9.218  -21.173 11.185  1.00 53.09 ? 25 ARG A NH2 1 
ATOM   35  N  N   . GLN A 1 5  ? -13.179 -16.570 7.407   1.00 24.13 ? 26 GLN A N   1 
ATOM   36  C  CA  . GLN A 1 5  ? -12.446 -16.176 6.180   1.00 24.16 ? 26 GLN A CA  1 
ATOM   37  C  C   . GLN A 1 5  ? -12.761 -14.764 5.691   1.00 24.30 ? 26 GLN A C   1 
ATOM   38  O  O   . GLN A 1 5  ? -11.857 -13.976 5.425   1.00 25.57 ? 26 GLN A O   1 
ATOM   39  C  CB  . GLN A 1 5  ? -12.729 -17.135 5.051   1.00 24.33 ? 26 GLN A CB  1 
ATOM   40  C  CG  . GLN A 1 5  ? -12.044 -16.766 3.786   1.00 25.23 ? 26 GLN A CG  1 
ATOM   41  C  CD  . GLN A 1 5  ? -10.574 -17.034 3.809   1.00 27.28 ? 26 GLN A CD  1 
ATOM   42  O  OE1 . GLN A 1 5  ? -9.705  -16.073 3.746   1.00 27.72 ? 26 GLN A OE1 1 
ATOM   43  N  NE2 . GLN A 1 5  ? -10.248 -18.318 3.866   1.00 26.26 ? 26 GLN A NE2 1 
ATOM   44  N  N   . ASN A 1 6  ? -14.028 -14.425 5.603   1.00 23.50 ? 27 ASN A N   1 
ATOM   45  C  CA  . ASN A 1 6  ? -14.435 -13.068 5.194   1.00 23.32 ? 27 ASN A CA  1 
ATOM   46  C  C   . ASN A 1 6  ? -13.916 -11.997 6.162   1.00 23.34 ? 27 ASN A C   1 
ATOM   47  O  O   . ASN A 1 6  ? -13.453 -10.949 5.752   1.00 23.00 ? 27 ASN A O   1 
ATOM   48  C  CB  . ASN A 1 6  ? -15.916 -12.968 5.077   1.00 24.61 ? 27 ASN A CB  1 
ATOM   49  C  CG  . ASN A 1 6  ? -16.450 -13.719 3.866   1.00 27.02 ? 27 ASN A CG  1 
ATOM   50  O  OD1 . ASN A 1 6  ? -15.690 -14.068 2.952   1.00 31.25 ? 27 ASN A OD1 1 
ATOM   51  N  ND2 . ASN A 1 6  ? -17.723 -14.009 3.870   1.00 29.72 ? 27 ASN A ND2 1 
ATOM   52  N  N   . LEU A 1 7  ? -13.980 -12.266 7.463   1.00 22.50 ? 28 LEU A N   1 
ATOM   53  C  CA  . LEU A 1 7  ? -13.418 -11.325 8.450   1.00 22.03 ? 28 LEU A CA  1 
ATOM   54  C  C   . LEU A 1 7  ? -11.914 -11.122 8.290   1.00 21.81 ? 28 LEU A C   1 
ATOM   55  O  O   . LEU A 1 7  ? -11.400 -9.966  8.370   1.00 22.04 ? 28 LEU A O   1 
ATOM   56  C  CB  . LEU A 1 7  ? -13.728 -11.831 9.876   1.00 23.62 ? 28 LEU A CB  1 
ATOM   57  C  CG  . LEU A 1 7  ? -13.153 -10.933 10.976  1.00 25.77 ? 28 LEU A CG  1 
ATOM   58  C  CD1 . LEU A 1 7  ? -14.065 -9.737  11.040  1.00 27.84 ? 28 LEU A CD1 1 
ATOM   59  C  CD2 . LEU A 1 7  ? -13.006 -11.664 12.335  1.00 29.04 ? 28 LEU A CD2 1 
ATOM   60  N  N   . GLN A 1 8  ? -11.192 -12.223 8.084   1.00 20.03 ? 29 GLN A N   1 
ATOM   61  C  CA  . GLN A 1 8  ? -9.784  -12.130 7.892   1.00 21.64 ? 29 GLN A CA  1 
ATOM   62  C  C   . GLN A 1 8  ? -9.460  -11.301 6.625   1.00 21.33 ? 29 GLN A C   1 
ATOM   63  O  O   . GLN A 1 8  ? -8.521  -10.509 6.619   1.00 20.62 ? 29 GLN A O   1 
ATOM   64  C  CB  . GLN A 1 8  ? -9.155  -13.491 7.809   1.00 21.82 ? 29 GLN A CB  1 
ATOM   65  C  CG  . GLN A 1 8  ? -7.634  -13.403 7.632   1.00 25.79 ? 29 GLN A CG  1 
ATOM   66  C  CD  . GLN A 1 8  ? -6.906  -14.716 7.526   1.00 26.95 ? 29 GLN A CD  1 
ATOM   67  O  OE1 . GLN A 1 8  ? -6.556  -15.319 8.551   1.00 29.47 ? 29 GLN A OE1 1 
ATOM   68  N  NE2 . GLN A 1 8  ? -6.641  -15.150 6.313   1.00 28.96 ? 29 GLN A NE2 1 
ATOM   69  N  N   . ASN A 1 9  ? -10.253 -11.491 5.588   1.00 21.75 ? 30 ASN A N   1 
ATOM   70  C  CA  . ASN A 1 9  ? -10.073 -10.733 4.357   1.00 21.94 ? 30 ASN A CA  1 
ATOM   71  C  C   . ASN A 1 9  ? -10.224 -9.232  4.607   1.00 23.19 ? 30 ASN A C   1 
ATOM   72  O  O   . ASN A 1 9  ? -9.410  -8.415  4.129   1.00 24.21 ? 30 ASN A O   1 
ATOM   73  C  CB  . ASN A 1 9  ? -11.092 -11.110 3.295   1.00 22.30 ? 30 ASN A CB  1 
ATOM   74  C  CG  . ASN A 1 9  ? -10.925 -12.496 2.759   1.00 21.95 ? 30 ASN A CG  1 
ATOM   75  O  OD1 . ASN A 1 9  ? -9.866  -13.131 2.915   1.00 22.91 ? 30 ASN A OD1 1 
ATOM   76  N  ND2 . ASN A 1 9  ? -12.017 -12.998 2.065   1.00 22.56 ? 30 ASN A ND2 1 
ATOM   77  N  N   . LEU A 1 10 ? -11.247 -8.867  5.363   1.00 23.29 ? 31 LEU A N   1 
ATOM   78  C  CA  . LEU A 1 10 ? -11.515 -7.480  5.692   1.00 22.88 ? 31 LEU A CA  1 
ATOM   79  C  C   . LEU A 1 10 ? -10.405 -6.950  6.611   1.00 21.31 ? 31 LEU A C   1 
ATOM   80  O  O   . LEU A 1 10 ? -9.958  -5.813  6.445   1.00 20.73 ? 31 LEU A O   1 
ATOM   81  C  CB  . LEU A 1 10 ? -12.894 -7.363  6.368   1.00 24.47 ? 31 LEU A CB  1 
ATOM   82  C  CG  . LEU A 1 10 ? -14.055 -7.592  5.390   1.00 30.22 ? 31 LEU A CG  1 
ATOM   83  C  CD1 . LEU A 1 10 ? -15.438 -7.492  6.127   1.00 33.08 ? 31 LEU A CD1 1 
ATOM   84  C  CD2 . LEU A 1 10 ? -13.962 -6.660  4.222   1.00 31.93 ? 31 LEU A CD2 1 
ATOM   85  N  N   . TYR A 1 11 ? -9.917  -7.775  7.540   1.00 21.45 ? 32 TYR A N   1 
ATOM   86  C  CA  . TYR A 1 11 ? -8.860  -7.356  8.475   1.00 19.70 ? 32 TYR A CA  1 
ATOM   87  C  C   . TYR A 1 11 ? -7.557  -7.041  7.721   1.00 19.49 ? 32 TYR A C   1 
ATOM   88  O  O   . TYR A 1 11 ? -6.959  -5.969  7.892   1.00 19.27 ? 32 TYR A O   1 
ATOM   89  C  CB  . TYR A 1 11 ? -8.618  -8.421  9.556   1.00 20.80 ? 32 TYR A CB  1 
ATOM   90  C  CG  . TYR A 1 11 ? -7.463  -8.089  10.448  1.00 21.33 ? 32 TYR A CG  1 
ATOM   91  C  CD1 . TYR A 1 11 ? -7.542  -7.078  11.398  1.00 20.62 ? 32 TYR A CD1 1 
ATOM   92  C  CD2 . TYR A 1 11 ? -6.274  -8.759  10.305  1.00 22.50 ? 32 TYR A CD2 1 
ATOM   93  C  CE1 . TYR A 1 11 ? -6.439  -6.800  12.192  1.00 21.92 ? 32 TYR A CE1 1 
ATOM   94  C  CE2 . TYR A 1 11 ? -5.177  -8.473  11.078  1.00 23.47 ? 32 TYR A CE2 1 
ATOM   95  C  CZ  . TYR A 1 11 ? -5.268  -7.497  12.019  1.00 24.35 ? 32 TYR A CZ  1 
ATOM   96  O  OH  . TYR A 1 11 ? -4.155  -7.251  12.789  1.00 26.42 ? 32 TYR A OH  1 
ATOM   97  N  N   . ILE A 1 12 ? -7.183  -7.941  6.814   1.00 17.66 ? 33 ILE A N   1 
ATOM   98  C  CA  . ILE A 1 12 ? -5.949  -7.752  6.029   1.00 19.06 ? 33 ILE A CA  1 
ATOM   99  C  C   . ILE A 1 12 ? -6.126  -6.520  5.131   1.00 18.53 ? 33 ILE A C   1 
ATOM   100 O  O   . ILE A 1 12 ? -5.206  -5.709  5.007   1.00 18.91 ? 33 ILE A O   1 
ATOM   101 C  CB  . ILE A 1 12 ? -5.548  -9.017  5.252   1.00 19.25 ? 33 ILE A CB  1 
ATOM   102 C  CG1 . ILE A 1 12 ? -5.124  -10.161 6.215   1.00 20.23 ? 33 ILE A CG1 1 
ATOM   103 C  CG2 . ILE A 1 12 ? -4.373  -8.728  4.303   1.00 18.19 ? 33 ILE A CG2 1 
ATOM   104 C  CD1 . ILE A 1 12 ? -4.900  -11.466 5.523   1.00 22.35 ? 33 ILE A CD1 1 
ATOM   105 N  N   . ASN A 1 13 ? -7.293  -6.344  4.525   1.00 19.20 ? 34 ASN A N   1 
ATOM   106 C  CA  . ASN A 1 13 ? -7.582  -5.142  3.722   1.00 20.52 ? 34 ASN A CA  1 
ATOM   107 C  C   . ASN A 1 13 ? -7.340  -3.872  4.529   1.00 19.89 ? 34 ASN A C   1 
ATOM   108 O  O   . ASN A 1 13 ? -6.753  -2.922  4.046   1.00 18.93 ? 34 ASN A O   1 
ATOM   109 C  CB  . ASN A 1 13 ? -9.015  -5.232  3.208   1.00 21.83 ? 34 ASN A CB  1 
ATOM   110 C  CG  . ASN A 1 13 ? -9.484  -4.015  2.533   1.00 26.67 ? 34 ASN A CG  1 
ATOM   111 O  OD1 . ASN A 1 13 ? -9.960  -3.091  3.158   1.00 35.63 ? 34 ASN A OD1 1 
ATOM   112 N  ND2 . ASN A 1 13 ? -9.480  -4.046  1.250   1.00 31.99 ? 34 ASN A ND2 1 
ATOM   113 N  N   . ARG A 1 14 ? -7.816  -3.842  5.763   1.00 19.16 ? 35 ARG A N   1 
ATOM   114 C  CA  . ARG A 1 14 ? -7.636  -2.675  6.590   1.00 20.23 ? 35 ARG A CA  1 
ATOM   115 C  C   . ARG A 1 14 ? -6.140  -2.454  6.916   1.00 19.15 ? 35 ARG A C   1 
ATOM   116 O  O   . ARG A 1 14 ? -5.669  -1.318  6.889   1.00 19.20 ? 35 ARG A O   1 
ATOM   117 C  CB  . ARG A 1 14 ? -8.481  -2.844  7.833   1.00 23.31 ? 35 ARG A CB  1 
ATOM   118 C  CG  . ARG A 1 14 ? -7.972  -2.189  9.030   1.00 30.73 ? 35 ARG A CG  1 
ATOM   119 C  CD  . ARG A 1 14 ? -8.466  -0.804  9.162   1.00 39.72 ? 35 ARG A CD  1 
ATOM   120 N  NE  . ARG A 1 14 ? -9.886  -0.738  9.528   1.00 47.11 ? 35 ARG A NE  1 
ATOM   121 C  CZ  . ARG A 1 14 ? -10.363 -0.260  10.683  1.00 48.94 ? 35 ARG A CZ  1 
ATOM   122 N  NH1 . ARG A 1 14 ? -9.538  0.162   11.650  1.00 49.60 ? 35 ARG A NH1 1 
ATOM   123 N  NH2 . ARG A 1 14 ? -11.681 -0.255  10.883  1.00 49.17 ? 35 ARG A NH2 1 
ATOM   124 N  N   . CYS A 1 15 ? -5.388  -3.510  7.219   1.00 17.96 ? 36 CYS A N   1 
ATOM   125 C  CA  . CYS A 1 15 ? -3.952  -3.395  7.451   1.00 17.49 ? 36 CYS A CA  1 
ATOM   126 C  C   . CYS A 1 15 ? -3.235  -2.802  6.236   1.00 17.57 ? 36 CYS A C   1 
ATOM   127 O  O   . CYS A 1 15 ? -2.378  -1.919  6.378   1.00 17.12 ? 36 CYS A O   1 
ATOM   128 C  CB  . CYS A 1 15 ? -3.302  -4.744  7.820   1.00 18.97 ? 36 CYS A CB  1 
ATOM   129 S  SG  . CYS A 1 15 ? -3.880  -5.487  9.385   1.00 22.89 ? 36 CYS A SG  1 
ATOM   130 N  N   . LEU A 1 16 ? -3.591  -3.307  5.060   1.00 16.04 ? 37 LEU A N   1 
ATOM   131 C  CA  . LEU A 1 16 ? -2.939  -2.860  3.805   1.00 17.24 ? 37 LEU A CA  1 
ATOM   132 C  C   . LEU A 1 16 ? -3.300  -1.417  3.513   1.00 17.09 ? 37 LEU A C   1 
ATOM   133 O  O   . LEU A 1 16 ? -2.465  -0.645  3.031   1.00 16.18 ? 37 LEU A O   1 
ATOM   134 C  CB  . LEU A 1 16 ? -3.230  -3.799  2.624   1.00 17.01 ? 37 LEU A CB  1 
ATOM   135 C  CG  . LEU A 1 16 ? -2.766  -5.250  2.758   1.00 18.86 ? 37 LEU A CG  1 
ATOM   136 C  CD1 . LEU A 1 16 ? -3.144  -6.096  1.481   1.00 18.86 ? 37 LEU A CD1 1 
ATOM   137 C  CD2 . LEU A 1 16 ? -1.278  -5.389  3.036   1.00 16.70 ? 37 LEU A CD2 1 
ATOM   138 N  N   . ARG A 1 17 ? -4.522  -1.011  3.825   1.00 17.94 ? 38 ARG A N   1 
ATOM   139 C  CA  . ARG A 1 17 ? -4.904  0.400   3.715   1.00 19.44 ? 38 ARG A CA  1 
ATOM   140 C  C   . ARG A 1 17 ? -4.050  1.316   4.564   1.00 18.22 ? 38 ARG A C   1 
ATOM   141 O  O   . ARG A 1 17 ? -3.665  2.385   4.090   1.00 17.82 ? 38 ARG A O   1 
ATOM   142 C  CB  . ARG A 1 17 ? -6.393  0.577   4.066   1.00 20.44 ? 38 ARG A CB  1 
ATOM   143 C  CG  . ARG A 1 17 ? -6.899  1.977   3.996   1.00 27.66 ? 38 ARG A CG  1 
ATOM   144 C  CD  . ARG A 1 17 ? -8.369  2.155   4.495   1.00 36.13 ? 38 ARG A CD  1 
ATOM   145 N  NE  . ARG A 1 17 ? -9.182  2.487   3.345   1.00 44.30 ? 38 ARG A NE  1 
ATOM   146 C  CZ  . ARG A 1 17 ? -10.511 2.326   3.235   1.00 49.83 ? 38 ARG A CZ  1 
ATOM   147 N  NH1 . ARG A 1 17 ? -11.239 1.865   4.257   1.00 52.46 ? 38 ARG A NH1 1 
ATOM   148 N  NH2 . ARG A 1 17 ? -11.110 2.632   2.075   1.00 51.40 ? 38 ARG A NH2 1 
ATOM   149 N  N   . GLU A 1 18 ? -3.775  0.923   5.799   1.00 17.84 ? 39 GLU A N   1 
ATOM   150 C  CA  . GLU A 1 18 ? -2.950  1.664   6.723   1.00 19.23 ? 39 GLU A CA  1 
ATOM   151 C  C   . GLU A 1 18 ? -1.523  1.746   6.202   1.00 18.06 ? 39 GLU A C   1 
ATOM   152 O  O   . GLU A 1 18 ? -0.917  2.796   6.241   1.00 17.65 ? 39 GLU A O   1 
ATOM   153 C  CB  . GLU A 1 18 ? -3.024  1.095   8.134   1.00 21.20 ? 39 GLU A CB  1 
ATOM   154 C  CG  . GLU A 1 18 ? -4.396  1.338   8.742   1.00 27.88 ? 39 GLU A CG  1 
ATOM   155 C  CD  . GLU A 1 18 ? -4.688  0.544   10.024  1.00 36.63 ? 39 GLU A CD  1 
ATOM   156 O  OE1 . GLU A 1 18 ? -3.825  -0.213  10.500  1.00 41.74 ? 39 GLU A OE1 1 
ATOM   157 O  OE2 . GLU A 1 18 ? -5.824  0.687   10.549  1.00 41.16 ? 39 GLU A OE2 1 
ATOM   158 N  N   . ILE A 1 19 ? -1.006  0.637   5.685   1.00 16.71 ? 40 ILE A N   1 
ATOM   159 C  CA  . ILE A 1 19 ? 0.320   0.633   5.096   1.00 15.82 ? 40 ILE A CA  1 
ATOM   160 C  C   . ILE A 1 19 ? 0.404   1.595   3.886   1.00 16.65 ? 40 ILE A C   1 
ATOM   161 O  O   . ILE A 1 19 ? 1.387   2.350   3.743   1.00 16.61 ? 40 ILE A O   1 
ATOM   162 C  CB  . ILE A 1 19 ? 0.726   -0.807  4.718   1.00 17.44 ? 40 ILE A CB  1 
ATOM   163 C  CG1 . ILE A 1 19 ? 1.079   -1.601  5.991   1.00 18.29 ? 40 ILE A CG1 1 
ATOM   164 C  CG2 . ILE A 1 19 ? 1.893   -0.823  3.808   1.00 16.65 ? 40 ILE A CG2 1 
ATOM   165 C  CD1 . ILE A 1 19 ? 1.156   -3.117  5.754   1.00 20.28 ? 40 ILE A CD1 1 
ATOM   166 N  N   . CYS A 1 20 ? -0.613  1.600   3.050   1.00 16.52 ? 41 CYS A N   1 
ATOM   167 C  CA  . CYS A 1 20 ? -0.662  2.500   1.884   1.00 18.11 ? 41 CYS A CA  1 
ATOM   168 C  C   . CYS A 1 20 ? -0.608  3.934   2.337   1.00 17.67 ? 41 CYS A C   1 
ATOM   169 O  O   . CYS A 1 20 ? 0.131   4.763   1.770   1.00 19.00 ? 41 CYS A O   1 
ATOM   170 C  CB  . CYS A 1 20 ? -1.908  2.249   1.069   1.00 19.71 ? 41 CYS A CB  1 
ATOM   171 S  SG  . CYS A 1 20 ? -1.787  0.810   -0.020  1.00 24.10 ? 41 CYS A SG  1 
ATOM   172 N  N   . GLN A 1 21 ? -1.378  4.253   3.359   1.00 17.60 ? 42 GLN A N   1 
ATOM   173 C  CA  . GLN A 1 21 ? -1.338  5.595   3.944   1.00 18.68 ? 42 GLN A CA  1 
ATOM   174 C  C   . GLN A 1 21 ? 0.067   6.002   4.402   1.00 18.17 ? 42 GLN A C   1 
ATOM   175 O  O   . GLN A 1 21 ? 0.509   7.115   4.130   1.00 18.82 ? 42 GLN A O   1 
ATOM   176 C  CB  . GLN A 1 21 ? -2.332  5.730   5.126   1.00 20.08 ? 42 GLN A CB  1 
ATOM   177 C  CG  . GLN A 1 21 ? -2.301  7.155   5.758   1.00 25.45 ? 42 GLN A CG  1 
ATOM   178 C  CD  . GLN A 1 21 ? -2.611  8.323   4.801   1.00 33.84 ? 42 GLN A CD  1 
ATOM   179 O  OE1 . GLN A 1 21 ? -2.212  9.498   5.083   1.00 39.71 ? 42 GLN A OE1 1 
ATOM   180 N  NE2 . GLN A 1 21 ? -3.336  8.043   3.706   1.00 37.56 ? 42 GLN A NE2 1 
ATOM   181 N  N   . GLU A 1 22 ? 0.753   5.100   5.102   1.00 16.80 ? 43 GLU A N   1 
ATOM   182 C  CA  . GLU A 1 22 ? 2.112   5.336   5.510   1.00 16.74 ? 43 GLU A CA  1 
ATOM   183 C  C   . GLU A 1 22 ? 3.048   5.551   4.329   1.00 16.68 ? 43 GLU A C   1 
ATOM   184 O  O   . GLU A 1 22 ? 3.883   6.479   4.365   1.00 17.77 ? 43 GLU A O   1 
ATOM   185 C  CB  . GLU A 1 22 ? 2.638   4.199   6.359   1.00 17.13 ? 43 GLU A CB  1 
ATOM   186 C  CG  . GLU A 1 22 ? 1.898   3.989   7.658   1.00 20.06 ? 43 GLU A CG  1 
ATOM   187 C  CD  . GLU A 1 22 ? 2.354   2.703   8.303   1.00 25.58 ? 43 GLU A CD  1 
ATOM   188 O  OE1 . GLU A 1 22 ? 3.468   2.660   8.807   1.00 28.31 ? 43 GLU A OE1 1 
ATOM   189 O  OE2 . GLU A 1 22 ? 1.608   1.740   8.230   1.00 33.64 ? 43 GLU A OE2 1 
ATOM   190 N  N   . LEU A 1 23 ? 2.935   4.736   3.281   1.00 16.46 ? 44 LEU A N   1 
ATOM   191 C  CA  . LEU A 1 23 ? 3.781   4.926   2.102   1.00 16.58 ? 44 LEU A CA  1 
ATOM   192 C  C   . LEU A 1 23 ? 3.499   6.255   1.386   1.00 17.29 ? 44 LEU A C   1 
ATOM   193 O  O   . LEU A 1 23 ? 4.419   6.901   0.852   1.00 18.08 ? 44 LEU A O   1 
ATOM   194 C  CB  . LEU A 1 23 ? 3.650   3.755   1.152   1.00 16.08 ? 44 LEU A CB  1 
ATOM   195 C  CG  . LEU A 1 23 ? 4.055   2.400   1.720   1.00 18.15 ? 44 LEU A CG  1 
ATOM   196 C  CD1 . LEU A 1 23 ? 3.775   1.356   0.676   1.00 20.21 ? 44 LEU A CD1 1 
ATOM   197 C  CD2 . LEU A 1 23 ? 5.508   2.380   2.161   1.00 19.18 ? 44 LEU A CD2 1 
ATOM   198 N  N   . LYS A 1 24 ? 2.245   6.682   1.404   1.00 17.67 ? 45 LYS A N   1 
ATOM   199 C  CA  . LYS A 1 24 ? 1.889   8.011   0.846   1.00 19.14 ? 45 LYS A CA  1 
ATOM   200 C  C   . LYS A 1 24 ? 2.508   9.131   1.611   1.00 18.60 ? 45 LYS A C   1 
ATOM   201 O  O   . LYS A 1 24 ? 2.959   10.116  0.981   1.00 19.50 ? 45 LYS A O   1 
ATOM   202 C  CB  . LYS A 1 24 ? 0.394   8.185   0.731   1.00 19.99 ? 45 LYS A CB  1 
ATOM   203 C  CG  . LYS A 1 24 ? -0.188  7.257   -0.342  1.00 26.25 ? 45 LYS A CG  1 
ATOM   204 C  CD  . LYS A 1 24 ? -1.695  7.287   -0.208  1.00 33.16 ? 45 LYS A CD  1 
ATOM   205 C  CE  . LYS A 1 24 ? -2.389  6.190   -0.959  1.00 37.75 ? 45 LYS A CE  1 
ATOM   206 N  NZ  . LYS A 1 24 ? -3.833  6.548   -1.202  1.00 42.02 ? 45 LYS A NZ  1 
ATOM   207 N  N   . GLU A 1 25 ? 2.594   8.993   2.926   1.00 17.88 ? 46 GLU A N   1 
ATOM   208 C  CA  . GLU A 1 25 ? 3.254   9.962   3.781   1.00 18.31 ? 46 GLU A CA  1 
ATOM   209 C  C   . GLU A 1 25 ? 4.741   10.014  3.482   1.00 18.57 ? 46 GLU A C   1 
ATOM   210 O  O   . GLU A 1 25 ? 5.323   11.099  3.346   1.00 19.61 ? 46 GLU A O   1 
ATOM   211 C  CB  . GLU A 1 25 ? 2.939   9.716   5.266   1.00 17.28 ? 46 GLU A CB  1 
ATOM   212 C  CG  . GLU A 1 25 ? 1.458   9.910   5.607   1.00 19.60 ? 46 GLU A CG  1 
ATOM   213 C  CD  . GLU A 1 25 ? 1.034   9.481   7.001   1.00 22.93 ? 46 GLU A CD  1 
ATOM   214 O  OE1 . GLU A 1 25 ? 1.883   9.105   7.820   1.00 27.15 ? 46 GLU A OE1 1 
ATOM   215 O  OE2 . GLU A 1 25 ? -0.189  9.540   7.297   1.00 23.94 ? 46 GLU A OE2 1 
ATOM   216 N  N   . ILE A 1 26 ? 5.375   8.846   3.311   1.00 18.99 ? 47 ILE A N   1 
ATOM   217 C  CA  . ILE A 1 26 ? 6.801   8.786   2.983   1.00 19.48 ? 47 ILE A CA  1 
ATOM   218 C  C   . ILE A 1 26 ? 7.059   9.471   1.638   1.00 21.00 ? 47 ILE A C   1 
ATOM   219 O  O   . ILE A 1 26 ? 8.024   10.235  1.487   1.00 22.29 ? 47 ILE A O   1 
ATOM   220 C  CB  . ILE A 1 26 ? 7.263   7.341   2.965   1.00 18.86 ? 47 ILE A CB  1 
ATOM   221 C  CG1 . ILE A 1 26 ? 7.258   6.816   4.367   1.00 21.39 ? 47 ILE A CG1 1 
ATOM   222 C  CG2 . ILE A 1 26 ? 8.617   7.180   2.319   1.00 19.73 ? 47 ILE A CG2 1 
ATOM   223 C  CD1 . ILE A 1 26 ? 7.466   5.347   4.507   1.00 22.74 ? 47 ILE A CD1 1 
ATOM   224 N  N   . ARG A 1 27 ? 6.236   9.168   0.652   1.00 22.13 ? 48 ARG A N   1 
ATOM   225 C  CA  . ARG A 1 27 ? 6.317   9.801   -0.687  1.00 24.60 ? 48 ARG A CA  1 
ATOM   226 C  C   . ARG A 1 27 ? 6.277   11.307  -0.574  1.00 26.57 ? 48 ARG A C   1 
ATOM   227 O  O   . ARG A 1 27 ? 7.127   11.991  -1.172  1.00 27.81 ? 48 ARG A O   1 
ATOM   228 C  CB  . ARG A 1 27 ? 5.177   9.356   -1.582  1.00 24.60 ? 48 ARG A CB  1 
ATOM   229 C  CG  . ARG A 1 27 ? 5.317   7.960   -2.112  1.00 27.40 ? 48 ARG A CG  1 
ATOM   230 C  CD  . ARG A 1 27 ? 4.030   7.331   -2.611  1.00 33.73 ? 48 ARG A CD  1 
ATOM   231 N  NE  . ARG A 1 27 ? 3.421   8.046   -3.733  1.00 38.39 ? 48 ARG A NE  1 
ATOM   232 C  CZ  . ARG A 1 27 ? 2.176   7.806   -4.199  1.00 41.74 ? 48 ARG A CZ  1 
ATOM   233 N  NH1 . ARG A 1 27 ? 1.365   6.896   -3.628  1.00 42.89 ? 48 ARG A NH1 1 
ATOM   234 N  NH2 . ARG A 1 27 ? 1.730   8.497   -5.244  1.00 42.21 ? 48 ARG A NH2 1 
ATOM   235 N  N   . ALA A 1 28 ? 5.369   11.830  0.254   1.00 26.80 ? 49 ALA A N   1 
ATOM   236 C  CA  . ALA A 1 28 ? 5.248   13.280  0.395   1.00 27.18 ? 49 ALA A CA  1 
ATOM   237 C  C   . ALA A 1 28 ? 6.524   13.848  1.012   1.00 28.08 ? 49 ALA A C   1 
ATOM   238 O  O   . ALA A 1 28 ? 7.001   14.921  0.595   1.00 28.95 ? 49 ALA A O   1 
ATOM   239 C  CB  . ALA A 1 28 ? 4.068   13.625  1.236   1.00 26.84 ? 49 ALA A CB  1 
HETATM 240 N  N   . MSE A 1 29 ? 7.115   13.134  1.952   1.00 27.77 ? 50 MSE A N   1 
HETATM 241 C  CA  . MSE A 1 29 ? 8.263   13.639  2.684   1.00 28.70 ? 50 MSE A CA  1 
HETATM 242 C  C   . MSE A 1 29 ? 9.508   13.583  1.762   1.00 30.26 ? 50 MSE A C   1 
HETATM 243 O  O   . MSE A 1 29 ? 10.393  14.429  1.843   1.00 30.46 ? 50 MSE A O   1 
HETATM 244 C  CB  . MSE A 1 29 ? 8.415   12.945  4.062   1.00 28.09 ? 50 MSE A CB  1 
HETATM 245 C  CG  . MSE A 1 29 ? 7.525   13.578  5.392   1.00 27.89 ? 50 MSE A CG  1 
HETATM 246 SE SE  . MSE A 1 29 ? 7.317   11.886  6.278   1.00 28.62 ? 50 MSE A SE  1 
HETATM 247 C  CE  . MSE A 1 29 ? 6.150   11.571  5.927   1.00 31.93 ? 50 MSE A CE  1 
ATOM   248 N  N   . LEU A 1 30 ? 9.544   12.643  0.816   1.00 30.78 ? 51 LEU A N   1 
ATOM   249 C  CA  . LEU A 1 30 ? 10.647  12.551  -0.144  1.00 32.04 ? 51 LEU A CA  1 
ATOM   250 C  C   . LEU A 1 30 ? 10.500  13.478  -1.341  1.00 33.86 ? 51 LEU A C   1 
ATOM   251 O  O   . LEU A 1 30 ? 11.549  13.818  -1.928  1.00 36.34 ? 51 LEU A O   1 
ATOM   252 C  CB  . LEU A 1 30 ? 10.814  11.105  -0.630  1.00 31.21 ? 51 LEU A CB  1 
ATOM   253 C  CG  . LEU A 1 30 ? 11.312  10.129  0.439   1.00 30.14 ? 51 LEU A CG  1 
ATOM   254 C  CD1 . LEU A 1 30 ? 11.236  8.660   -0.083  1.00 28.61 ? 51 LEU A CD1 1 
ATOM   255 C  CD2 . LEU A 1 30 ? 12.705  10.478  0.913   1.00 31.65 ? 51 LEU A CD2 1 
ATOM   256 O  OXT . LEU A 1 30 ? 9.415   13.910  -1.769  1.00 35.06 ? 51 LEU A OXT 1 
ATOM   257 N  N   . ARG B 1 4  ? 21.239  14.904  -7.583  1.00 53.96 ? 25 ARG B N   1 
ATOM   258 C  CA  . ARG B 1 4  ? 21.609  13.477  -7.335  1.00 54.31 ? 25 ARG B CA  1 
ATOM   259 C  C   . ARG B 1 4  ? 20.691  12.783  -6.309  1.00 53.52 ? 25 ARG B C   1 
ATOM   260 O  O   . ARG B 1 4  ? 20.117  11.713  -6.567  1.00 52.89 ? 25 ARG B O   1 
ATOM   261 C  CB  . ARG B 1 4  ? 23.046  13.418  -6.832  1.00 55.07 ? 25 ARG B CB  1 
ATOM   262 C  CG  . ARG B 1 4  ? 23.664  12.031  -6.923  1.00 58.03 ? 25 ARG B CG  1 
ATOM   263 C  CD  . ARG B 1 4  ? 25.214  12.009  -6.880  1.00 60.73 ? 25 ARG B CD  1 
ATOM   264 N  NE  . ARG B 1 4  ? 25.749  11.038  -7.838  1.00 63.32 ? 25 ARG B NE  1 
ATOM   265 C  CZ  . ARG B 1 4  ? 25.570  9.712   -7.754  1.00 64.42 ? 25 ARG B CZ  1 
ATOM   266 N  NH1 . ARG B 1 4  ? 24.884  9.183   -6.736  1.00 65.14 ? 25 ARG B NH1 1 
ATOM   267 N  NH2 . ARG B 1 4  ? 26.080  8.906   -8.680  1.00 64.44 ? 25 ARG B NH2 1 
ATOM   268 N  N   . GLN B 1 5  ? 20.583  13.400  -5.137  1.00 52.59 ? 26 GLN B N   1 
ATOM   269 C  CA  . GLN B 1 5  ? 19.677  12.940  -4.098  1.00 52.20 ? 26 GLN B CA  1 
ATOM   270 C  C   . GLN B 1 5  ? 18.237  13.030  -4.609  1.00 50.19 ? 26 GLN B C   1 
ATOM   271 O  O   . GLN B 1 5  ? 17.467  12.078  -4.503  1.00 49.90 ? 26 GLN B O   1 
ATOM   272 C  CB  . GLN B 1 5  ? 19.858  13.785  -2.844  1.00 53.10 ? 26 GLN B CB  1 
ATOM   273 C  CG  . GLN B 1 5  ? 19.144  13.240  -1.612  1.00 56.16 ? 26 GLN B CG  1 
ATOM   274 C  CD  . GLN B 1 5  ? 20.043  13.150  -0.378  1.00 60.15 ? 26 GLN B CD  1 
ATOM   275 O  OE1 . GLN B 1 5  ? 19.610  12.644  0.664   1.00 63.18 ? 26 GLN B OE1 1 
ATOM   276 N  NE2 . GLN B 1 5  ? 21.290  13.633  -0.488  1.00 61.65 ? 26 GLN B NE2 1 
ATOM   277 N  N   . ASN B 1 6  ? 17.899  14.176  -5.179  1.00 48.17 ? 27 ASN B N   1 
ATOM   278 C  CA  . ASN B 1 6  ? 16.604  14.410  -5.794  1.00 47.19 ? 27 ASN B CA  1 
ATOM   279 C  C   . ASN B 1 6  ? 16.281  13.393  -6.875  1.00 45.12 ? 27 ASN B C   1 
ATOM   280 O  O   . ASN B 1 6  ? 15.144  12.944  -6.970  1.00 44.68 ? 27 ASN B O   1 
ATOM   281 C  CB  . ASN B 1 6  ? 16.529  15.816  -6.385  1.00 47.30 ? 27 ASN B CB  1 
ATOM   282 C  CG  . ASN B 1 6  ? 16.273  16.870  -5.336  1.00 49.91 ? 27 ASN B CG  1 
ATOM   283 O  OD1 . ASN B 1 6  ? 15.525  16.647  -4.382  1.00 52.07 ? 27 ASN B OD1 1 
ATOM   284 N  ND2 . ASN B 1 6  ? 16.869  18.039  -5.516  1.00 52.58 ? 27 ASN B ND2 1 
ATOM   285 N  N   . LEU B 1 7  ? 17.277  13.017  -7.666  1.00 43.10 ? 28 LEU B N   1 
ATOM   286 C  CA  . LEU B 1 7  ? 17.084  11.971  -8.683  1.00 42.23 ? 28 LEU B CA  1 
ATOM   287 C  C   . LEU B 1 7  ? 16.681  10.633  -8.061  1.00 39.85 ? 28 LEU B C   1 
ATOM   288 O  O   . LEU B 1 7  ? 15.721  9.990   -8.511  1.00 39.53 ? 28 LEU B O   1 
ATOM   289 C  CB  . LEU B 1 7  ? 18.366  11.772  -9.498  1.00 42.68 ? 28 LEU B CB  1 
ATOM   290 C  CG  . LEU B 1 7  ? 18.299  11.485  -11.003 1.00 45.37 ? 28 LEU B CG  1 
ATOM   291 C  CD1 . LEU B 1 7  ? 19.254  10.351  -11.381 1.00 46.50 ? 28 LEU B CD1 1 
ATOM   292 C  CD2 . LEU B 1 7  ? 16.889  11.196  -11.554 1.00 46.96 ? 28 LEU B CD2 1 
ATOM   293 N  N   . GLN B 1 8  ? 17.443  10.209  -7.054  1.00 37.53 ? 29 GLN B N   1 
ATOM   294 C  CA  . GLN B 1 8  ? 17.221  8.932   -6.389  1.00 36.44 ? 29 GLN B CA  1 
ATOM   295 C  C   . GLN B 1 8  ? 15.844  8.910   -5.740  1.00 35.05 ? 29 GLN B C   1 
ATOM   296 O  O   . GLN B 1 8  ? 15.183  7.852   -5.699  1.00 34.00 ? 29 GLN B O   1 
ATOM   297 C  CB  . GLN B 1 8  ? 18.238  8.699   -5.296  1.00 36.66 ? 29 GLN B CB  1 
ATOM   298 C  CG  . GLN B 1 8  ? 17.969  7.464   -4.462  1.00 37.67 ? 29 GLN B CG  1 
ATOM   299 C  CD  . GLN B 1 8  ? 19.154  7.030   -3.628  1.00 40.24 ? 29 GLN B CD  1 
ATOM   300 O  OE1 . GLN B 1 8  ? 19.997  6.230   -4.085  1.00 42.29 ? 29 GLN B OE1 1 
ATOM   301 N  NE2 . GLN B 1 8  ? 19.226  7.540   -2.406  1.00 38.88 ? 29 GLN B NE2 1 
ATOM   302 N  N   . ASN B 1 9  ? 15.441  10.056  -5.206  1.00 33.02 ? 30 ASN B N   1 
ATOM   303 C  CA  . ASN B 1 9  ? 14.164  10.144  -4.515  1.00 33.18 ? 30 ASN B CA  1 
ATOM   304 C  C   . ASN B 1 9  ? 13.031  10.013  -5.503  1.00 32.27 ? 30 ASN B C   1 
ATOM   305 O  O   . ASN B 1 9  ? 11.978  9.463   -5.196  1.00 31.19 ? 30 ASN B O   1 
ATOM   306 C  CB  . ASN B 1 9  ? 14.044  11.464  -3.755  1.00 33.96 ? 30 ASN B CB  1 
ATOM   307 C  CG  . ASN B 1 9  ? 14.785  11.458  -2.434  1.00 34.49 ? 30 ASN B CG  1 
ATOM   308 O  OD1 . ASN B 1 9  ? 14.973  12.511  -1.814  1.00 38.81 ? 30 ASN B OD1 1 
ATOM   309 N  ND2 . ASN B 1 9  ? 15.161  10.300  -1.978  1.00 32.91 ? 30 ASN B ND2 1 
ATOM   310 N  N   . LEU B 1 10 ? 13.216  10.559  -6.692  1.00 31.79 ? 31 LEU B N   1 
ATOM   311 C  CA  . LEU B 1 10 ? 12.225  10.409  -7.730  1.00 32.02 ? 31 LEU B CA  1 
ATOM   312 C  C   . LEU B 1 10 ? 11.994  8.942   -8.092  1.00 31.02 ? 31 LEU B C   1 
ATOM   313 O  O   . LEU B 1 10 ? 10.850  8.563   -8.347  1.00 30.56 ? 31 LEU B O   1 
ATOM   314 C  CB  . LEU B 1 10 ? 12.695  11.182  -8.969  1.00 33.90 ? 31 LEU B CB  1 
ATOM   315 C  CG  . LEU B 1 10 ? 11.776  11.037  -10.149 1.00 38.10 ? 31 LEU B CG  1 
ATOM   316 C  CD1 . LEU B 1 10 ? 10.971  12.321  -10.289 1.00 43.13 ? 31 LEU B CD1 1 
ATOM   317 C  CD2 . LEU B 1 10 ? 12.545  10.682  -11.400 1.00 40.94 ? 31 LEU B CD2 1 
ATOM   318 N  N   . TYR B 1 11 ? 13.068  8.149   -8.189  1.00 29.76 ? 32 TYR B N   1 
ATOM   319 C  CA  . TYR B 1 11 ? 12.941  6.737   -8.508  1.00 30.03 ? 32 TYR B CA  1 
ATOM   320 C  C   . TYR B 1 11 ? 12.375  5.969   -7.321  1.00 28.29 ? 32 TYR B C   1 
ATOM   321 O  O   . TYR B 1 11 ? 11.574  5.070   -7.498  1.00 27.62 ? 32 TYR B O   1 
ATOM   322 C  CB  . TYR B 1 11 ? 14.233  6.116   -8.995  1.00 31.58 ? 32 TYR B CB  1 
ATOM   323 C  CG  . TYR B 1 11 ? 14.491  6.495   -10.447 1.00 34.76 ? 32 TYR B CG  1 
ATOM   324 C  CD1 . TYR B 1 11 ? 13.872  5.807   -11.488 1.00 37.54 ? 32 TYR B CD1 1 
ATOM   325 C  CD2 . TYR B 1 11 ? 15.271  7.606   -10.763 1.00 39.74 ? 32 TYR B CD2 1 
ATOM   326 C  CE1 . TYR B 1 11 ? 14.063  6.179   -12.812 1.00 39.42 ? 32 TYR B CE1 1 
ATOM   327 C  CE2 . TYR B 1 11 ? 15.466  7.993   -12.100 1.00 40.43 ? 32 TYR B CE2 1 
ATOM   328 C  CZ  . TYR B 1 11 ? 14.856  7.289   -13.101 1.00 41.31 ? 32 TYR B CZ  1 
ATOM   329 O  OH  . TYR B 1 11 ? 15.066  7.672   -14.410 1.00 43.42 ? 32 TYR B OH  1 
ATOM   330 N  N   . ILE B 1 12 ? 12.756  6.350   -6.119  1.00 26.25 ? 33 ILE B N   1 
ATOM   331 C  CA  . ILE B 1 12 ? 12.124  5.723   -4.934  1.00 24.89 ? 33 ILE B CA  1 
ATOM   332 C  C   . ILE B 1 12 ? 10.622  6.051   -4.881  1.00 24.23 ? 33 ILE B C   1 
ATOM   333 O  O   . ILE B 1 12 ? 9.803   5.161   -4.648  1.00 22.81 ? 33 ILE B O   1 
ATOM   334 C  CB  . ILE B 1 12 ? 12.802  6.190   -3.651  1.00 23.56 ? 33 ILE B CB  1 
ATOM   335 C  CG1 . ILE B 1 12 ? 14.216  5.586   -3.613  1.00 24.47 ? 33 ILE B CG1 1 
ATOM   336 C  CG2 . ILE B 1 12 ? 12.019  5.751   -2.436  1.00 23.86 ? 33 ILE B CG2 1 
ATOM   337 C  CD1 . ILE B 1 12 ? 15.045  6.105   -2.458  1.00 24.45 ? 33 ILE B CD1 1 
ATOM   338 N  N   . ASN B 1 13 ? 10.260  7.300   -5.128  1.00 24.37 ? 34 ASN B N   1 
ATOM   339 C  CA  . ASN B 1 13 ? 8.843   7.677   -5.089  1.00 25.96 ? 34 ASN B CA  1 
ATOM   340 C  C   . ASN B 1 13 ? 7.988   7.015   -6.163  1.00 25.04 ? 34 ASN B C   1 
ATOM   341 O  O   . ASN B 1 13 ? 6.842   6.697   -5.920  1.00 24.26 ? 34 ASN B O   1 
ATOM   342 C  CB  . ASN B 1 13 ? 8.659   9.201   -5.111  1.00 27.17 ? 34 ASN B CB  1 
ATOM   343 C  CG  . ASN B 1 13 ? 8.818   9.826   -3.733  1.00 31.38 ? 34 ASN B CG  1 
ATOM   344 O  OD1 . ASN B 1 13 ? 8.863   9.120   -2.730  1.00 32.97 ? 34 ASN B OD1 1 
ATOM   345 N  ND2 . ASN B 1 13 ? 8.891   11.153  -3.680  1.00 34.04 ? 34 ASN B ND2 1 
ATOM   346 N  N   . ARG B 1 14 ? 8.527   6.806   -7.360  1.00 25.04 ? 35 ARG B N   1 
ATOM   347 C  CA  . ARG B 1 14 ? 7.808   6.055   -8.385  1.00 24.96 ? 35 ARG B CA  1 
ATOM   348 C  C   . ARG B 1 14 ? 7.564   4.611   -7.968  1.00 22.84 ? 35 ARG B C   1 
ATOM   349 O  O   . ARG B 1 14 ? 6.523   4.029   -8.291  1.00 21.05 ? 35 ARG B O   1 
ATOM   350 C  CB  . ARG B 1 14 ? 8.605   6.071   -9.706  1.00 26.43 ? 35 ARG B CB  1 
ATOM   351 C  CG  . ARG B 1 14 ? 8.559   7.459   -10.401 1.00 32.44 ? 35 ARG B CG  1 
ATOM   352 C  CD  . ARG B 1 14 ? 9.540   7.606   -11.602 1.00 39.48 ? 35 ARG B CD  1 
ATOM   353 N  NE  . ARG B 1 14 ? 9.262   8.757   -12.507 1.00 46.12 ? 35 ARG B NE  1 
ATOM   354 C  CZ  . ARG B 1 14 ? 9.779   8.906   -13.755 1.00 49.98 ? 35 ARG B CZ  1 
ATOM   355 N  NH1 . ARG B 1 14 ? 10.581  7.980   -14.298 1.00 52.29 ? 35 ARG B NH1 1 
ATOM   356 N  NH2 . ARG B 1 14 ? 9.478   9.983   -14.481 1.00 51.20 ? 35 ARG B NH2 1 
ATOM   357 N  N   . CYS B 1 15 ? 8.551   4.018   -7.304  1.00 21.34 ? 36 CYS B N   1 
ATOM   358 C  CA  . CYS B 1 15 ? 8.420   2.658   -6.834  1.00 21.48 ? 36 CYS B CA  1 
ATOM   359 C  C   . CYS B 1 15 ? 7.352   2.621   -5.742  1.00 20.19 ? 36 CYS B C   1 
ATOM   360 O  O   . CYS B 1 15 ? 6.555   1.714   -5.741  1.00 20.14 ? 36 CYS B O   1 
ATOM   361 C  CB  . CYS B 1 15 ? 9.711   2.052   -6.309  1.00 21.57 ? 36 CYS B CB  1 
ATOM   362 S  SG  . CYS B 1 15 ? 9.634   0.225   -6.179  1.00 27.33 ? 36 CYS B SG  1 
ATOM   363 N  N   . LEU B 1 16 ? 7.361   3.586   -4.832  1.00 20.05 ? 37 LEU B N   1 
ATOM   364 C  CA  . LEU B 1 16 ? 6.374   3.608   -3.745  1.00 19.50 ? 37 LEU B CA  1 
ATOM   365 C  C   . LEU B 1 16 ? 4.991   3.782   -4.326  1.00 19.84 ? 37 LEU B C   1 
ATOM   366 O  O   . LEU B 1 16 ? 4.059   3.182   -3.862  1.00 17.86 ? 37 LEU B O   1 
ATOM   367 C  CB  . LEU B 1 16 ? 6.697   4.655   -2.681  1.00 19.59 ? 37 LEU B CB  1 
ATOM   368 C  CG  . LEU B 1 16 ? 7.928   4.390   -1.821  1.00 18.75 ? 37 LEU B CG  1 
ATOM   369 C  CD1 . LEU B 1 16 ? 8.162   5.606   -0.977  1.00 22.05 ? 37 LEU B CD1 1 
ATOM   370 C  CD2 . LEU B 1 16 ? 7.803   3.081   -1.011  1.00 19.53 ? 37 LEU B CD2 1 
ATOM   371 N  N   . ARG B 1 17 ? 4.837   4.605   -5.365  1.00 20.47 ? 38 ARG B N   1 
ATOM   372 C  CA  . ARG B 1 17 ? 3.525   4.783   -5.942  1.00 21.59 ? 38 ARG B CA  1 
ATOM   373 C  C   . ARG B 1 17 ? 3.050   3.509   -6.588  1.00 20.51 ? 38 ARG B C   1 
ATOM   374 O  O   . ARG B 1 17 ? 1.893   3.163   -6.472  1.00 20.87 ? 38 ARG B O   1 
ATOM   375 C  CB  . ARG B 1 17 ? 3.601   5.893   -6.987  1.00 23.00 ? 38 ARG B CB  1 
ATOM   376 C  CG  . ARG B 1 17 ? 2.374   6.061   -7.840  1.00 28.27 ? 38 ARG B CG  1 
ATOM   377 C  CD  . ARG B 1 17 ? 2.467   7.260   -8.819  1.00 35.59 ? 38 ARG B CD  1 
ATOM   378 N  NE  . ARG B 1 17 ? 1.365   7.144   -9.762  1.00 43.09 ? 38 ARG B NE  1 
ATOM   379 C  CZ  . ARG B 1 17 ? 0.963   8.054   -10.641 1.00 49.02 ? 38 ARG B CZ  1 
ATOM   380 N  NH1 . ARG B 1 17 ? 1.549   9.248   -10.737 1.00 52.14 ? 38 ARG B NH1 1 
ATOM   381 N  NH2 . ARG B 1 17 ? -0.071  7.757   -11.425 1.00 50.93 ? 38 ARG B NH2 1 
ATOM   382 N  N   . GLU B 1 18 ? 3.951   2.781   -7.244  1.00 19.88 ? 39 GLU B N   1 
ATOM   383 C  CA  . GLU B 1 18 ? 3.643   1.503   -7.881  1.00 20.05 ? 39 GLU B CA  1 
ATOM   384 C  C   . GLU B 1 18 ? 3.237   0.447   -6.851  1.00 18.81 ? 39 GLU B C   1 
ATOM   385 O  O   . GLU B 1 18 ? 2.298   -0.313  -7.065  1.00 18.97 ? 39 GLU B O   1 
ATOM   386 C  CB  . GLU B 1 18 ? 4.835   1.036   -8.746  1.00 20.94 ? 39 GLU B CB  1 
ATOM   387 C  CG  . GLU B 1 18 ? 4.642   -0.225  -9.534  1.00 24.22 ? 39 GLU B CG  1 
ATOM   388 C  CD  . GLU B 1 18 ? 5.843   -0.507  -10.462 1.00 28.41 ? 39 GLU B CD  1 
ATOM   389 O  OE1 . GLU B 1 18 ? 5.817   -0.024  -11.620 1.00 30.82 ? 39 GLU B OE1 1 
ATOM   390 O  OE2 . GLU B 1 18 ? 6.803   -1.187  -10.025 1.00 27.76 ? 39 GLU B OE2 1 
ATOM   391 N  N   . ILE B 1 19 ? 3.914   0.427   -5.716  1.00 17.94 ? 40 ILE B N   1 
ATOM   392 C  CA  . ILE B 1 19 ? 3.581   -0.486  -4.634  1.00 18.39 ? 40 ILE B CA  1 
ATOM   393 C  C   . ILE B 1 19 ? 2.192   -0.157  -4.119  1.00 17.44 ? 40 ILE B C   1 
ATOM   394 O  O   . ILE B 1 19 ? 1.409   -1.070  -3.881  1.00 18.18 ? 40 ILE B O   1 
ATOM   395 C  CB  . ILE B 1 19 ? 4.631   -0.374  -3.529  1.00 17.43 ? 40 ILE B CB  1 
ATOM   396 C  CG1 . ILE B 1 19 ? 5.946   -1.022  -3.999  1.00 18.77 ? 40 ILE B CG1 1 
ATOM   397 C  CG2 . ILE B 1 19 ? 4.168   -1.031  -2.245  1.00 18.40 ? 40 ILE B CG2 1 
ATOM   398 C  CD1 . ILE B 1 19 ? 7.126   -0.754  -3.108  1.00 17.82 ? 40 ILE B CD1 1 
ATOM   399 N  N   . CYS B 1 20 ? 1.922   1.125   -3.911  1.00 18.21 ? 41 CYS B N   1 
ATOM   400 C  CA  . CYS B 1 20 ? 0.579   1.546   -3.480  1.00 19.01 ? 41 CYS B CA  1 
ATOM   401 C  C   . CYS B 1 20 ? -0.512  1.085   -4.441  1.00 18.78 ? 41 CYS B C   1 
ATOM   402 O  O   . CYS B 1 20 ? -1.547  0.583   -4.007  1.00 19.68 ? 41 CYS B O   1 
ATOM   403 C  CB  . CYS B 1 20 ? 0.529   3.036   -3.270  1.00 21.29 ? 41 CYS B CB  1 
ATOM   404 S  SG  . CYS B 1 20 ? 1.373   3.581   -1.804  1.00 23.62 ? 41 CYS B SG  1 
ATOM   405 N  N   . GLN B 1 21 ? -0.269  1.141   -5.738  1.00 18.99 ? 42 GLN B N   1 
ATOM   406 C  CA  . GLN B 1 21 ? -1.233  0.652   -6.715  1.00 19.90 ? 42 GLN B CA  1 
ATOM   407 C  C   . GLN B 1 21 ? -1.392  -0.841  -6.640  1.00 19.64 ? 42 GLN B C   1 
ATOM   408 O  O   . GLN B 1 21 ? -2.497  -1.356  -6.778  1.00 20.61 ? 42 GLN B O   1 
ATOM   409 C  CB  . GLN B 1 21 ? -0.808  1.053   -8.127  1.00 21.95 ? 42 GLN B CB  1 
ATOM   410 C  CG  . GLN B 1 21 ? -1.751  0.551   -9.228  1.00 27.93 ? 42 GLN B CG  1 
ATOM   411 C  CD  . GLN B 1 21 ? -3.231  0.954   -9.052  1.00 33.65 ? 42 GLN B CD  1 
ATOM   412 O  OE1 . GLN B 1 21 ? -4.147  0.143   -9.347  1.00 40.06 ? 42 GLN B OE1 1 
ATOM   413 N  NE2 . GLN B 1 21 ? -3.477  2.174   -8.595  1.00 34.19 ? 42 GLN B NE2 1 
ATOM   414 N  N   . GLU B 1 22 ? -0.298  -1.573  -6.419  1.00 18.45 ? 43 GLU B N   1 
ATOM   415 C  CA  . GLU B 1 22 ? -0.364  -2.994  -6.272  1.00 19.32 ? 43 GLU B CA  1 
ATOM   416 C  C   . GLU B 1 22 ? -1.152  -3.387  -5.000  1.00 18.88 ? 43 GLU B C   1 
ATOM   417 O  O   . GLU B 1 22 ? -1.986  -4.315  -5.030  1.00 18.41 ? 43 GLU B O   1 
ATOM   418 C  CB  . GLU B 1 22 ? 1.036   -3.589  -6.207  1.00 20.14 ? 43 GLU B CB  1 
ATOM   419 C  CG  . GLU B 1 22 ? 1.019   -5.097  -6.142  1.00 25.02 ? 43 GLU B CG  1 
ATOM   420 C  CD  . GLU B 1 22 ? 2.382   -5.740  -6.282  1.00 31.46 ? 43 GLU B CD  1 
ATOM   421 O  OE1 . GLU B 1 22 ? 3.358   -5.006  -6.622  1.00 32.92 ? 43 GLU B OE1 1 
ATOM   422 O  OE2 . GLU B 1 22 ? 2.446   -6.984  -6.037  1.00 33.78 ? 43 GLU B OE2 1 
ATOM   423 N  N   . LEU B 1 23 ? -0.896  -2.694  -3.900  1.00 18.11 ? 44 LEU B N   1 
ATOM   424 C  CA  . LEU B 1 23 ? -1.601  -3.016  -2.661  1.00 19.13 ? 44 LEU B CA  1 
ATOM   425 C  C   . LEU B 1 23 ? -3.111  -2.707  -2.814  1.00 19.46 ? 44 LEU B C   1 
ATOM   426 O  O   . LEU B 1 23 ? -3.935  -3.461  -2.328  1.00 19.37 ? 44 LEU B O   1 
ATOM   427 C  CB  . LEU B 1 23 ? -0.983  -2.239  -1.505  1.00 19.72 ? 44 LEU B CB  1 
ATOM   428 C  CG  . LEU B 1 23 ? 0.431   -2.699  -1.098  1.00 19.36 ? 44 LEU B CG  1 
ATOM   429 C  CD1 . LEU B 1 23 ? 0.892   -1.726  -0.074  1.00 20.21 ? 44 LEU B CD1 1 
ATOM   430 C  CD2 . LEU B 1 23 ? 0.440   -4.120  -0.553  1.00 20.53 ? 44 LEU B CD2 1 
ATOM   431 N  N   . LYS B 1 24 ? -3.466  -1.668  -3.557  1.00 19.78 ? 45 LYS B N   1 
ATOM   432 C  CA  . LYS B 1 24 ? -4.895  -1.371  -3.861  1.00 21.32 ? 45 LYS B CA  1 
ATOM   433 C  C   . LYS B 1 24 ? -5.567  -2.492  -4.668  1.00 20.90 ? 45 LYS B C   1 
ATOM   434 O  O   . LYS B 1 24 ? -6.695  -2.913  -4.356  1.00 21.14 ? 45 LYS B O   1 
ATOM   435 C  CB  . LYS B 1 24 ? -5.007  0.009   -4.512  1.00 22.42 ? 45 LYS B CB  1 
ATOM   436 C  CG  . LYS B 1 24 ? -6.440  0.502   -4.719  1.00 28.76 ? 45 LYS B CG  1 
ATOM   437 C  CD  . LYS B 1 24 ? -6.650  1.083   -6.095  1.00 36.01 ? 45 LYS B CD  1 
ATOM   438 C  CE  . LYS B 1 24 ? -7.852  2.043   -6.137  1.00 40.15 ? 45 LYS B CE  1 
ATOM   439 N  NZ  . LYS B 1 24 ? -7.321  3.402   -6.442  1.00 45.43 ? 45 LYS B NZ  1 
ATOM   440 N  N   . GLU B 1 25 ? -4.856  -3.057  -5.635  1.00 21.96 ? 46 GLU B N   1 
ATOM   441 C  CA  . GLU B 1 25 ? -5.317  -4.230  -6.371  1.00 21.78 ? 46 GLU B CA  1 
ATOM   442 C  C   . GLU B 1 25 ? -5.450  -5.488  -5.505  1.00 21.10 ? 46 GLU B C   1 
ATOM   443 O  O   . GLU B 1 25 ? -6.401  -6.262  -5.679  1.00 20.79 ? 46 GLU B O   1 
ATOM   444 C  CB  . GLU B 1 25 ? -4.423  -4.497  -7.594  1.00 22.95 ? 46 GLU B CB  1 
ATOM   445 C  CG  . GLU B 1 25 ? -4.439  -3.314  -8.562  1.00 28.68 ? 46 GLU B CG  1 
ATOM   446 C  CD  . GLU B 1 25 ? -3.479  -3.498  -9.697  1.00 36.62 ? 46 GLU B CD  1 
ATOM   447 O  OE1 . GLU B 1 25 ? -2.955  -4.627  -9.850  1.00 42.06 ? 46 GLU B OE1 1 
ATOM   448 O  OE2 . GLU B 1 25 ? -3.263  -2.508  -10.435 1.00 39.99 ? 46 GLU B OE2 1 
ATOM   449 N  N   . ILE B 1 26 ? -4.522  -5.684  -4.569  1.00 19.23 ? 47 ILE B N   1 
ATOM   450 C  CA  . ILE B 1 26 ? -4.585  -6.773  -3.612  1.00 19.92 ? 47 ILE B CA  1 
ATOM   451 C  C   . ILE B 1 26 ? -5.789  -6.610  -2.706  1.00 18.50 ? 47 ILE B C   1 
ATOM   452 O  O   . ILE B 1 26 ? -6.488  -7.604  -2.475  1.00 20.00 ? 47 ILE B O   1 
ATOM   453 C  CB  . ILE B 1 26 ? -3.295  -6.924  -2.830  1.00 18.02 ? 47 ILE B CB  1 
ATOM   454 C  CG1 . ILE B 1 26 ? -2.160  -7.434  -3.736  1.00 19.47 ? 47 ILE B CG1 1 
ATOM   455 C  CG2 . ILE B 1 26 ? -3.500  -7.940  -1.667  1.00 20.37 ? 47 ILE B CG2 1 
ATOM   456 C  CD1 . ILE B 1 26 ? -0.772  -7.377  -3.150  1.00 18.81 ? 47 ILE B CD1 1 
ATOM   457 N  N   . ARG B 1 27 ? -6.043  -5.395  -2.231  1.00 19.42 ? 48 ARG B N   1 
ATOM   458 C  CA  . ARG B 1 27 ? -7.189  -5.113  -1.361  1.00 20.49 ? 48 ARG B CA  1 
ATOM   459 C  C   . ARG B 1 27 ? -8.482  -5.448  -2.143  1.00 22.24 ? 48 ARG B C   1 
ATOM   460 O  O   . ARG B 1 27 ? -9.420  -5.987  -1.578  1.00 23.26 ? 48 ARG B O   1 
ATOM   461 C  CB  . ARG B 1 27 ? -7.191  -3.668  -0.904  1.00 21.03 ? 48 ARG B CB  1 
ATOM   462 C  CG  . ARG B 1 27 ? -6.067  -3.381  0.089   1.00 22.58 ? 48 ARG B CG  1 
ATOM   463 C  CD  . ARG B 1 27 ? -5.938  -1.968  0.542   1.00 26.03 ? 48 ARG B CD  1 
ATOM   464 N  NE  . ARG B 1 27 ? -7.192  -1.550  1.099   1.00 29.76 ? 48 ARG B NE  1 
ATOM   465 C  CZ  . ARG B 1 27 ? -7.890  -0.484  0.772   1.00 37.99 ? 48 ARG B CZ  1 
ATOM   466 N  NH1 . ARG B 1 27 ? -7.436  0.426   -0.090  1.00 40.04 ? 48 ARG B NH1 1 
ATOM   467 N  NH2 . ARG B 1 27 ? -9.065  -0.292  1.366   1.00 41.69 ? 48 ARG B NH2 1 
ATOM   468 N  N   . ALA B 1 28 ? -8.546  -5.110  -3.420  1.00 23.56 ? 49 ALA B N   1 
ATOM   469 C  CA  . ALA B 1 28 ? -9.725  -5.447  -4.232  1.00 24.34 ? 49 ALA B CA  1 
ATOM   470 C  C   . ALA B 1 28 ? -9.975  -6.954  -4.313  1.00 25.49 ? 49 ALA B C   1 
ATOM   471 O  O   . ALA B 1 28 ? -11.133 -7.418  -4.252  1.00 25.43 ? 49 ALA B O   1 
ATOM   472 C  CB  . ALA B 1 28 ? -9.579  -4.867  -5.613  1.00 25.72 ? 49 ALA B CB  1 
HETATM 473 N  N   . MSE B 1 29 ? -8.912  -7.730  -4.493  1.00 25.60 ? 50 MSE B N   1 
HETATM 474 C  CA  . MSE B 1 29 ? -8.962  -9.190  -4.499  1.00 27.37 ? 50 MSE B CA  1 
HETATM 475 C  C   . MSE B 1 29 ? -9.522  -9.701  -3.161  1.00 28.20 ? 50 MSE B C   1 
HETATM 476 O  O   . MSE B 1 29 ? -10.287 -10.684 -3.105  1.00 26.60 ? 50 MSE B O   1 
HETATM 477 C  CB  . MSE B 1 29 ? -7.532  -9.711  -4.675  1.00 28.15 ? 50 MSE B CB  1 
HETATM 478 C  CG  . MSE B 1 29 ? -7.322  -10.978 -5.455  1.00 29.18 ? 50 MSE B CG  1 
HETATM 479 SE SE  . MSE B 1 29 ? -5.568  -11.383 -5.800  1.00 23.61 ? 50 MSE B SE  1 
HETATM 480 C  CE  . MSE B 1 29 ? -5.245  -10.056 -6.354  1.00 18.42 ? 50 MSE B CE  1 
ATOM   481 N  N   . LEU B 1 30 ? -9.133  -9.010  -2.084  1.00 28.37 ? 51 LEU B N   1 
ATOM   482 C  CA  . LEU B 1 30 ? -9.571  -9.389  -0.742  1.00 29.85 ? 51 LEU B CA  1 
ATOM   483 C  C   . LEU B 1 30 ? -11.019 -9.003  -0.505  1.00 30.98 ? 51 LEU B C   1 
ATOM   484 O  O   . LEU B 1 30 ? -11.631 -9.688  0.316   1.00 32.86 ? 51 LEU B O   1 
ATOM   485 C  CB  . LEU B 1 30 ? -8.653  -8.809  0.323   1.00 29.13 ? 51 LEU B CB  1 
ATOM   486 C  CG  . LEU B 1 30 ? -7.245  -9.410  0.373   1.00 28.59 ? 51 LEU B CG  1 
ATOM   487 C  CD1 . LEU B 1 30 ? -6.353  -8.524  1.236   1.00 26.14 ? 51 LEU B CD1 1 
ATOM   488 C  CD2 . LEU B 1 30 ? -7.259  -10.807 0.929   1.00 28.37 ? 51 LEU B CD2 1 
ATOM   489 O  OXT . LEU B 1 30 ? -11.611 -8.082  -1.102  1.00 32.34 ? 51 LEU B OXT 1 
HETATM 490 O  O   . HOH C 2 .  ? -7.879  -19.582 3.664   1.00 25.53 ? 52 HOH A O   1 
HETATM 491 O  O   . HOH C 2 .  ? 2.214   6.937   9.532   1.00 25.94 ? 53 HOH A O   1 
HETATM 492 O  O   . HOH C 2 .  ? -19.507 -13.612 6.097   1.00 33.32 ? 54 HOH A O   1 
HETATM 493 O  O   . HOH C 2 .  ? -9.091  -14.191 0.561   1.00 28.55 ? 55 HOH A O   1 
HETATM 494 O  O   . HOH C 2 .  ? -4.741  4.156   2.109   1.00 33.49 ? 56 HOH A O   1 
HETATM 495 O  O   . HOH C 2 .  ? 10.216  16.481  -1.914  1.00 46.06 ? 57 HOH A O   1 
HETATM 496 O  O   . HOH C 2 .  ? -14.189 -11.028 1.512   1.00 37.49 ? 58 HOH A O   1 
HETATM 497 O  O   . HOH C 2 .  ? -7.223  0.939   7.583   1.00 40.38 ? 59 HOH A O   1 
HETATM 498 O  O   . HOH C 2 .  ? 7.876   15.064  -2.945  1.00 46.51 ? 60 HOH A O   1 
HETATM 499 O  O   . HOH C 2 .  ? -7.385  -13.483 3.775   1.00 34.44 ? 61 HOH A O   1 
HETATM 500 O  O   . HOH C 2 .  ? -14.511 -22.293 10.262  1.00 45.87 ? 62 HOH A O   1 
HETATM 501 O  O   . HOH C 2 .  ? 4.736   9.412   -5.542  1.00 41.70 ? 63 HOH A O   1 
HETATM 502 O  O   . HOH C 2 .  ? -7.953  -2.419  11.549  1.00 50.81 ? 64 HOH A O   1 
HETATM 503 O  O   . HOH C 2 .  ? -1.410  8.631   9.214   1.00 33.43 ? 65 HOH A O   1 
HETATM 504 O  O   . HOH C 2 .  ? -3.873  8.047   7.878   1.00 45.24 ? 66 HOH A O   1 
HETATM 505 O  O   . HOH C 2 .  ? -1.655  4.324   8.705   1.00 35.67 ? 67 HOH A O   1 
HETATM 506 O  O   . HOH C 2 .  ? -11.632 -20.366 3.789   1.00 39.74 ? 68 HOH A O   1 
HETATM 507 O  O   . HOH C 2 .  ? 0.338   0.075   9.845   1.00 41.94 ? 69 HOH A O   1 
HETATM 508 O  O   . HOH C 2 .  ? -5.527  -2.748  11.413  1.00 47.76 ? 70 HOH A O   1 
HETATM 509 O  O   . HOH C 2 .  ? -14.916 -16.385 2.068   1.00 46.53 ? 71 HOH A O   1 
HETATM 510 O  O   . HOH C 2 .  ? 2.299   10.989  -1.433  1.00 40.05 ? 72 HOH A O   1 
HETATM 511 O  O   . HOH C 2 .  ? -13.792 -19.010 3.392   1.00 51.67 ? 73 HOH A O   1 
HETATM 512 O  O   . HOH C 2 .  ? -2.940  3.603   -2.464  1.00 54.64 ? 74 HOH A O   1 
HETATM 513 O  O   . HOH C 2 .  ? -1.027  -7.988  11.318  1.00 48.93 ? 75 HOH A O   1 
HETATM 514 O  O   . HOH C 2 .  ? -5.989  3.480   6.978   1.00 53.31 ? 76 HOH A O   1 
HETATM 515 O  O   . HOH C 2 .  ? -7.519  2.243   9.794   1.00 53.69 ? 77 HOH A O   1 
HETATM 516 O  O   . HOH C 2 .  ? -4.193  -4.648  13.949  1.00 52.86 ? 78 HOH A O   1 
HETATM 517 O  O   . HOH C 2 .  ? -1.512  11.057  3.079   1.00 55.91 ? 79 HOH A O   1 
HETATM 518 O  O   . HOH C 2 .  ? -18.969 -15.600 1.772   1.00 52.09 ? 80 HOH A O   1 
HETATM 519 O  O   . HOH C 2 .  ? -20.374 -15.849 6.489   1.00 50.92 ? 81 HOH A O   1 
HETATM 520 O  O   . HOH C 2 .  ? 5.309   16.571  -1.125  1.00 54.62 ? 82 HOH A O   1 
HETATM 521 O  O   . HOH C 2 .  ? -11.541 -3.651  5.569   1.00 41.22 ? 83 HOH A O   1 
HETATM 522 O  O   . HOH C 2 .  ? 13.537  14.741  -3.554  1.00 51.17 ? 84 HOH A O   1 
HETATM 523 O  O   . HOH C 2 .  ? -11.838 0.228   1.352   1.00 60.54 ? 85 HOH A O   1 
HETATM 524 O  O   . HOH C 2 .  ? -19.041 -21.549 6.613   1.00 51.42 ? 86 HOH A O   1 
HETATM 525 O  O   . HOH D 2 .  ? 11.640  3.549   -9.826  1.00 25.86 ? 52 HOH B O   1 
HETATM 526 O  O   . HOH D 2 .  ? 6.436   -2.084  -7.582  1.00 35.18 ? 53 HOH B O   1 
HETATM 527 O  O   . HOH D 2 .  ? -7.484  -6.922  -7.936  1.00 33.53 ? 54 HOH B O   1 
HETATM 528 O  O   . HOH D 2 .  ? -13.483 -9.101  -2.466  1.00 43.82 ? 55 HOH B O   1 
HETATM 529 O  O   . HOH D 2 .  ? 5.101   4.842   -10.288 1.00 35.02 ? 56 HOH B O   1 
HETATM 530 O  O   . HOH D 2 .  ? -4.871  1.165   -0.877  1.00 36.89 ? 57 HOH B O   1 
HETATM 531 O  O   . HOH D 2 .  ? -8.999  -1.667  -3.499  1.00 36.33 ? 58 HOH B O   1 
HETATM 532 O  O   . HOH D 2 .  ? -10.786 -12.373 -4.967  1.00 39.61 ? 59 HOH B O   1 
HETATM 533 O  O   . HOH D 2 .  ? 19.054  15.050  -8.367  1.00 44.23 ? 60 HOH B O   1 
HETATM 534 O  O   . HOH D 2 .  ? 4.516   -7.846  -6.373  1.00 42.01 ? 61 HOH B O   1 
HETATM 535 O  O   . HOH D 2 .  ? -0.479  4.697   -6.295  1.00 39.75 ? 62 HOH B O   1 
HETATM 536 O  O   . HOH D 2 .  ? 12.263  8.201   -12.286 1.00 55.17 ? 63 HOH B O   1 
HETATM 537 O  O   . HOH D 2 .  ? -10.891 -13.045 -1.345  1.00 31.99 ? 64 HOH B O   1 
HETATM 538 O  O   . HOH D 2 .  ? 1.594   -1.336  -9.584  1.00 40.78 ? 65 HOH B O   1 
HETATM 539 O  O   . HOH D 2 .  ? 19.826  16.512  -5.275  1.00 46.46 ? 66 HOH B O   1 
HETATM 540 O  O   . HOH D 2 .  ? -0.388  -3.140  -9.890  1.00 46.98 ? 67 HOH B O   1 
HETATM 541 O  O   . HOH D 2 .  ? 8.621   10.404  -8.549  1.00 43.87 ? 68 HOH B O   1 
HETATM 542 O  O   . HOH D 2 .  ? 21.026  17.293  -7.079  1.00 49.78 ? 69 HOH B O   1 
HETATM 543 O  O   . HOH D 2 .  ? 8.418   12.226  -6.530  1.00 48.20 ? 70 HOH B O   1 
HETATM 544 O  O   . HOH D 2 .  ? -13.095 -5.936  -5.284  1.00 49.11 ? 71 HOH B O   1 
HETATM 545 O  O   . HOH D 2 .  ? 16.864  14.000  -10.228 1.00 60.47 ? 72 HOH B O   1 
HETATM 546 O  O   . HOH D 2 .  ? -12.993 -6.365  -1.036  1.00 51.04 ? 73 HOH B O   1 
HETATM 547 O  O   . HOH D 2 .  ? 17.143  15.432  -2.499  1.00 59.73 ? 74 HOH B O   1 
HETATM 548 O  O   . HOH D 2 .  ? 1.596   10.282  -7.900  1.00 53.79 ? 75 HOH B O   1 
HETATM 549 O  O   . HOH D 2 .  ? 13.786  16.838  -6.373  1.00 60.44 ? 76 HOH B O   1 
HETATM 550 O  O   . HOH D 2 .  ? 15.128  11.928  -13.657 1.00 62.12 ? 77 HOH B O   1 
HETATM 551 O  O   . HOH D 2 .  ? 5.841   9.267   -8.037  1.00 50.72 ? 78 HOH B O   1 
# 
loop_
_atom_site_anisotrop.id 
_atom_site_anisotrop.type_symbol 
_atom_site_anisotrop.pdbx_label_atom_id 
_atom_site_anisotrop.pdbx_label_alt_id 
_atom_site_anisotrop.pdbx_label_comp_id 
_atom_site_anisotrop.pdbx_label_asym_id 
_atom_site_anisotrop.pdbx_label_seq_id 
_atom_site_anisotrop.pdbx_PDB_ins_code 
_atom_site_anisotrop.U[1][1] 
_atom_site_anisotrop.U[2][2] 
_atom_site_anisotrop.U[3][3] 
_atom_site_anisotrop.U[1][2] 
_atom_site_anisotrop.U[1][3] 
_atom_site_anisotrop.U[2][3] 
_atom_site_anisotrop.pdbx_auth_seq_id 
_atom_site_anisotrop.pdbx_auth_comp_id 
_atom_site_anisotrop.pdbx_auth_asym_id 
_atom_site_anisotrop.pdbx_auth_atom_id 
1   N  N   . GLN A 1  ? 0.5439 0.5414 0.5484 0.0048  0.0078  0.0057  22 GLN A N   
2   C  CA  . GLN A 1  ? 0.5273 0.5157 0.5247 0.0010  0.0047  0.0046  22 GLN A CA  
3   C  C   . GLN A 1  ? 0.4837 0.4851 0.4773 0.0009  0.0026  -0.0026 22 GLN A C   
4   O  O   . GLN A 1  ? 0.4475 0.4531 0.4344 -0.0001 0.0071  0.0088  22 GLN A O   
5   C  CB  . GLN A 1  ? 0.5586 0.5453 0.5504 0.0048  0.0060  -0.0004 22 GLN A CB  
6   C  CG  . GLN A 1  ? 0.6020 0.6129 0.6139 -0.0105 -0.0087 0.0012  22 GLN A CG  
7   C  CD  . GLN A 1  ? 0.6813 0.6653 0.6740 0.0052  0.0055  -0.0108 22 GLN A CD  
8   O  OE1 . GLN A 1  ? 0.7002 0.7062 0.7105 -0.0094 -0.0121 -0.0037 22 GLN A OE1 
9   N  NE2 . GLN A 1  ? 0.6983 0.7247 0.7290 0.0039  0.0005  -0.0001 22 GLN A NE2 
10  N  N   . GLN A 2  ? 0.4587 0.4497 0.4474 -0.0059 0.0095  -0.0029 23 GLN A N   
11  C  CA  . GLN A 2  ? 0.4375 0.4229 0.4306 -0.0020 0.0053  -0.0091 23 GLN A CA  
12  C  C   . GLN A 2  ? 0.3975 0.3891 0.3705 -0.0069 0.0155  -0.0133 23 GLN A C   
13  O  O   . GLN A 2  ? 0.3795 0.3411 0.3115 -0.0046 0.0258  -0.0386 23 GLN A O   
14  C  CB  . GLN A 2  ? 0.4528 0.4467 0.4471 0.0026  0.0021  -0.0116 23 GLN A CB  
15  C  CG  . GLN A 2  ? 0.5138 0.4934 0.5005 -0.0007 -0.0036 0.0063  23 GLN A CG  
16  C  CD  . GLN A 2  ? 0.5822 0.5845 0.5599 0.0077  0.0163  -0.0043 23 GLN A CD  
17  O  OE1 . GLN A 2  ? 0.5807 0.6246 0.5653 0.0010  -0.0063 0.0037  23 GLN A OE1 
18  N  NE2 . GLN A 2  ? 0.6248 0.6237 0.6078 0.0001  -0.0107 -0.0041 23 GLN A NE2 
19  N  N   . ALA A 3  ? 0.3530 0.3519 0.3556 -0.0162 0.0170  -0.0044 24 ALA A N   
20  C  CA  . ALA A 3  ? 0.3276 0.3262 0.3194 -0.0098 0.0105  -0.0043 24 ALA A CA  
21  C  C   . ALA A 3  ? 0.3147 0.3198 0.3078 -0.0050 0.0172  -0.0066 24 ALA A C   
22  O  O   . ALA A 3  ? 0.3093 0.3025 0.3041 -0.0112 0.0157  -0.0188 24 ALA A O   
23  C  CB  . ALA A 3  ? 0.3304 0.3421 0.3297 -0.0036 0.0054  -0.0144 24 ALA A CB  
24  N  N   . ARG A 4  ? 0.3138 0.3091 0.2995 -0.0211 0.0132  -0.0071 25 ARG A N   
25  C  CA  . ARG A 4  ? 0.3234 0.3328 0.3139 -0.0073 0.0128  -0.0021 25 ARG A CA  
26  C  C   . ARG A 4  ? 0.3207 0.3154 0.3011 -0.0131 0.0141  -0.0020 25 ARG A C   
27  O  O   . ARG A 4  ? 0.2981 0.2894 0.2634 -0.0234 0.0122  -0.0062 25 ARG A O   
28  C  CB  . ARG A 4  ? 0.3452 0.3303 0.3311 -0.0156 0.0137  0.0008  25 ARG A CB  
29  C  CG  . ARG A 4  ? 0.3926 0.4156 0.4041 -0.0018 0.0095  -0.0109 25 ARG A CG  
30  C  CD  . ARG A 4  ? 0.5271 0.5140 0.5058 -0.0030 -0.0099 0.0184  25 ARG A CD  
31  N  NE  . ARG A 4  ? 0.5785 0.5947 0.5918 0.0170  0.0121  -0.0021 25 ARG A NE  
32  C  CZ  . ARG A 4  ? 0.6730 0.6417 0.6722 0.0003  0.0087  -0.0057 25 ARG A CZ  
33  N  NH1 . ARG A 4  ? 0.6959 0.7085 0.7148 -0.0053 -0.0040 -0.0050 25 ARG A NH1 
34  N  NH2 . ARG A 4  ? 0.6643 0.6708 0.6817 0.0044  0.0046  0.0023  25 ARG A NH2 
35  N  N   . GLN A 5  ? 0.3146 0.3102 0.2917 -0.0150 0.0045  -0.0034 26 GLN A N   
36  C  CA  . GLN A 5  ? 0.3140 0.3087 0.2950 -0.0096 0.0112  -0.0023 26 GLN A CA  
37  C  C   . GLN A 5  ? 0.3149 0.3144 0.2939 -0.0022 0.0077  -0.0067 26 GLN A C   
38  O  O   . GLN A 5  ? 0.3167 0.3398 0.3151 -0.0130 0.0249  0.0062  26 GLN A O   
39  C  CB  . GLN A 5  ? 0.3112 0.3090 0.3042 -0.0084 -0.0004 0.0003  26 GLN A CB  
40  C  CG  . GLN A 5  ? 0.3252 0.3262 0.3072 -0.0148 0.0057  -0.0070 26 GLN A CG  
41  C  CD  . GLN A 5  ? 0.3437 0.3435 0.3491 0.0125  0.0155  0.0003  26 GLN A CD  
42  O  OE1 . GLN A 5  ? 0.3477 0.3466 0.3588 -0.0052 0.0191  -0.0025 26 GLN A OE1 
43  N  NE2 . GLN A 5  ? 0.3690 0.3192 0.3092 -0.0113 0.0357  0.0023  26 GLN A NE2 
44  N  N   . ASN A 6  ? 0.2993 0.3071 0.2864 -0.0138 0.0045  -0.0081 27 ASN A N   
45  C  CA  . ASN A 6  ? 0.3058 0.3001 0.2802 -0.0113 0.0060  0.0016  27 ASN A CA  
46  C  C   . ASN A 6  ? 0.3095 0.2960 0.2813 -0.0126 0.0053  0.0030  27 ASN A C   
47  O  O   . ASN A 6  ? 0.3276 0.2760 0.2703 -0.0177 -0.0052 0.0155  27 ASN A O   
48  C  CB  . ASN A 6  ? 0.3210 0.3088 0.3052 -0.0016 0.0050  -0.0003 27 ASN A CB  
49  C  CG  . ASN A 6  ? 0.3500 0.3544 0.3221 -0.0013 -0.0007 -0.0058 27 ASN A CG  
50  O  OD1 . ASN A 6  ? 0.4170 0.4268 0.3432 -0.0039 0.0278  -0.0103 27 ASN A OD1 
51  N  ND2 . ASN A 6  ? 0.3616 0.4074 0.3601 -0.0081 -0.0132 0.0108  27 ASN A ND2 
52  N  N   . LEU A 7  ? 0.3112 0.2834 0.2600 -0.0185 0.0035  0.0078  28 LEU A N   
53  C  CA  . LEU A 7  ? 0.2951 0.2814 0.2603 -0.0085 0.0029  0.0028  28 LEU A CA  
54  C  C   . LEU A 7  ? 0.3037 0.2799 0.2447 -0.0086 -0.0020 0.0045  28 LEU A C   
55  O  O   . LEU A 7  ? 0.3117 0.2688 0.2566 -0.0076 0.0048  0.0116  28 LEU A O   
56  C  CB  . LEU A 7  ? 0.3161 0.3043 0.2769 -0.0115 0.0085  0.0037  28 LEU A CB  
57  C  CG  . LEU A 7  ? 0.3418 0.3293 0.3079 -0.0056 0.0001  -0.0058 28 LEU A CG  
58  C  CD1 . LEU A 7  ? 0.3637 0.3578 0.3362 -0.0052 0.0114  -0.0004 28 LEU A CD1 
59  C  CD2 . LEU A 7  ? 0.3623 0.3852 0.3555 0.0051  0.0009  0.0043  28 LEU A CD2 
60  N  N   . GLN A 8  ? 0.2824 0.2637 0.2149 -0.0141 -0.0010 0.0045  29 GLN A N   
61  C  CA  . GLN A 8  ? 0.2922 0.2838 0.2461 -0.0038 0.0074  0.0034  29 GLN A CA  
62  C  C   . GLN A 8  ? 0.2840 0.2720 0.2543 -0.0130 0.0042  0.0103  29 GLN A C   
63  O  O   . GLN A 8  ? 0.3031 0.2537 0.2266 -0.0276 0.0241  0.0201  29 GLN A O   
64  C  CB  . GLN A 8  ? 0.3062 0.2629 0.2597 -0.0143 0.0052  0.0114  29 GLN A CB  
65  C  CG  . GLN A 8  ? 0.3266 0.3196 0.3335 -0.0082 -0.0044 0.0143  29 GLN A CG  
66  C  CD  . GLN A 8  ? 0.3493 0.3303 0.3445 0.0004  0.0091  -0.0098 29 GLN A CD  
67  O  OE1 . GLN A 8  ? 0.4092 0.3337 0.3767 0.0320  -0.0010 -0.0146 29 GLN A OE1 
68  N  NE2 . GLN A 8  ? 0.3660 0.3735 0.3608 -0.0138 0.0036  -0.0039 29 GLN A NE2 
69  N  N   . ASN A 9  ? 0.2843 0.2836 0.2583 -0.0100 0.0034  0.0063  30 ASN A N   
70  C  CA  . ASN A 9  ? 0.2874 0.2808 0.2654 -0.0140 0.0037  0.0107  30 ASN A CA  
71  C  C   . ASN A 9  ? 0.2965 0.2992 0.2853 -0.0079 0.0045  -0.0012 30 ASN A C   
72  O  O   . ASN A 9  ? 0.3240 0.3094 0.2864 -0.0316 0.0073  0.0060  30 ASN A O   
73  C  CB  . ASN A 9  ? 0.2829 0.2900 0.2743 -0.0163 0.0123  0.0091  30 ASN A CB  
74  C  CG  . ASN A 9  ? 0.2809 0.2889 0.2641 -0.0055 0.0069  0.0017  30 ASN A CG  
75  O  OD1 . ASN A 9  ? 0.3119 0.3006 0.2577 0.0086  -0.0118 0.0027  30 ASN A OD1 
76  N  ND2 . ASN A 9  ? 0.2955 0.3301 0.2312 -0.0261 0.0131  -0.0036 30 ASN A ND2 
77  N  N   . LEU A 10 ? 0.2994 0.3034 0.2821 -0.0125 0.0106  -0.0015 31 LEU A N   
78  C  CA  . LEU A 10 ? 0.2932 0.2924 0.2834 -0.0032 0.0097  0.0020  31 LEU A CA  
79  C  C   . LEU A 10 ? 0.2779 0.2707 0.2608 -0.0030 0.0131  -0.0021 31 LEU A C   
80  O  O   . LEU A 10 ? 0.2822 0.2502 0.2550 -0.0079 0.0327  0.0039  31 LEU A O   
81  C  CB  . LEU A 10 ? 0.2950 0.3140 0.3205 -0.0054 0.0030  0.0013  31 LEU A CB  
82  C  CG  . LEU A 10 ? 0.3813 0.3931 0.3738 -0.0050 -0.0038 -0.0080 31 LEU A CG  
83  C  CD1 . LEU A 10 ? 0.3957 0.4377 0.4235 0.0035  0.0040  -0.0113 31 LEU A CD1 
84  C  CD2 . LEU A 10 ? 0.4057 0.4050 0.4024 0.0011  -0.0175 0.0036  31 LEU A CD2 
85  N  N   . TYR A 11 ? 0.2801 0.2675 0.2673 -0.0134 0.0186  -0.0028 32 TYR A N   
86  C  CA  . TYR A 11 ? 0.2539 0.2562 0.2383 -0.0038 0.0084  0.0045  32 TYR A CA  
87  C  C   . TYR A 11 ? 0.2538 0.2494 0.2372 -0.0069 0.0056  -0.0033 32 TYR A C   
88  O  O   . TYR A 11 ? 0.2576 0.2508 0.2237 -0.0137 0.0232  -0.0141 32 TYR A O   
89  C  CB  . TYR A 11 ? 0.2733 0.2602 0.2568 -0.0049 0.0088  -0.0066 32 TYR A CB  
90  C  CG  . TYR A 11 ? 0.2706 0.2732 0.2665 -0.0099 0.0060  0.0029  32 TYR A CG  
91  C  CD1 . TYR A 11 ? 0.2617 0.2820 0.2395 -0.0071 0.0085  0.0047  32 TYR A CD1 
92  C  CD2 . TYR A 11 ? 0.2932 0.2846 0.2768 -0.0004 0.0096  0.0086  32 TYR A CD2 
93  C  CE1 . TYR A 11 ? 0.2843 0.2901 0.2582 -0.0156 0.0083  -0.0128 32 TYR A CE1 
94  C  CE2 . TYR A 11 ? 0.3106 0.3002 0.2808 -0.0144 0.0110  0.0028  32 TYR A CE2 
95  C  CZ  . TYR A 11 ? 0.3110 0.3148 0.2995 -0.0073 0.0002  -0.0074 32 TYR A CZ  
96  O  OH  . TYR A 11 ? 0.3200 0.3626 0.3210 -0.0092 -0.0239 -0.0217 32 TYR A OH  
97  N  N   . ILE A 12 ? 0.2237 0.2163 0.2311 0.0000  0.0101  -0.0011 33 ILE A N   
98  C  CA  . ILE A 12 ? 0.2444 0.2388 0.2407 -0.0086 0.0085  -0.0052 33 ILE A CA  
99  C  C   . ILE A 12 ? 0.2354 0.2306 0.2379 -0.0048 0.0112  -0.0002 33 ILE A C   
100 O  O   . ILE A 12 ? 0.2287 0.2375 0.2520 -0.0090 0.0146  -0.0281 33 ILE A O   
101 C  CB  . ILE A 12 ? 0.2436 0.2415 0.2461 -0.0067 0.0056  -0.0008 33 ILE A CB  
102 C  CG1 . ILE A 12 ? 0.2600 0.2500 0.2588 -0.0075 0.0070  0.0027  33 ILE A CG1 
103 C  CG2 . ILE A 12 ? 0.2476 0.2261 0.2173 -0.0140 0.0201  -0.0216 33 ILE A CG2 
104 C  CD1 . ILE A 12 ? 0.2969 0.2717 0.2803 -0.0062 -0.0010 -0.0080 33 ILE A CD1 
105 N  N   . ASN A 13 ? 0.2445 0.2356 0.2490 -0.0191 0.0110  0.0070  34 ASN A N   
106 C  CA  . ASN A 13 ? 0.2614 0.2596 0.2586 -0.0026 0.0066  0.0022  34 ASN A CA  
107 C  C   . ASN A 13 ? 0.2512 0.2482 0.2561 -0.0075 0.0066  0.0097  34 ASN A C   
108 O  O   . ASN A 13 ? 0.2197 0.2273 0.2721 -0.0152 0.0198  0.0105  34 ASN A O   
109 C  CB  . ASN A 13 ? 0.2677 0.2898 0.2717 -0.0069 0.0177  0.0025  34 ASN A CB  
110 C  CG  . ASN A 13 ? 0.3267 0.3478 0.3386 0.0118  -0.0032 0.0061  34 ASN A CG  
111 O  OD1 . ASN A 13 ? 0.4770 0.4351 0.4415 0.0312  -0.0012 -0.0179 34 ASN A OD1 
112 N  ND2 . ASN A 13 ? 0.4013 0.4452 0.3690 0.0384  0.0207  0.0066  34 ASN A ND2 
113 N  N   . ARG A 14 ? 0.2486 0.2370 0.2422 -0.0150 0.0072  0.0092  35 ARG A N   
114 C  CA  . ARG A 14 ? 0.2611 0.2531 0.2544 -0.0080 0.0063  0.0047  35 ARG A CA  
115 C  C   . ARG A 14 ? 0.2495 0.2365 0.2416 -0.0002 0.0099  0.0014  35 ARG A C   
116 O  O   . ARG A 14 ? 0.2557 0.2179 0.2557 0.0036  0.0066  0.0037  35 ARG A O   
117 C  CB  . ARG A 14 ? 0.2984 0.2924 0.2946 -0.0057 0.0132  0.0009  35 ARG A CB  
118 C  CG  . ARG A 14 ? 0.3843 0.4075 0.3756 -0.0137 0.0013  -0.0056 35 ARG A CG  
119 C  CD  . ARG A 14 ? 0.5148 0.4774 0.5168 0.0094  0.0013  -0.0037 35 ARG A CD  
120 N  NE  . ARG A 14 ? 0.5700 0.6149 0.6049 0.0025  0.0101  -0.0025 35 ARG A NE  
121 C  CZ  . ARG A 14 ? 0.6223 0.6262 0.6110 0.0053  0.0088  -0.0063 35 ARG A CZ  
122 N  NH1 . ARG A 14 ? 0.6279 0.6276 0.6289 -0.0036 -0.0006 -0.0083 35 ARG A NH1 
123 N  NH2 . ARG A 14 ? 0.6158 0.6292 0.6232 0.0071  0.0019  0.0002  35 ARG A NH2 
124 N  N   . CYS A 15 ? 0.2495 0.2162 0.2166 -0.0085 0.0095  0.0073  36 CYS A N   
125 C  CA  . CYS A 15 ? 0.2349 0.2233 0.2063 -0.0029 0.0123  -0.0026 36 CYS A CA  
126 C  C   . CYS A 15 ? 0.2346 0.2188 0.2140 -0.0078 0.0066  -0.0001 36 CYS A C   
127 O  O   . CYS A 15 ? 0.2157 0.2380 0.1966 -0.0110 0.0081  -0.0065 36 CYS A O   
128 C  CB  . CYS A 15 ? 0.2609 0.2367 0.2231 -0.0092 0.0097  0.0018  36 CYS A CB  
129 S  SG  . CYS A 15 ? 0.3247 0.2762 0.2688 -0.0390 0.0139  0.0197  36 CYS A SG  
130 N  N   . LEU A 16 ? 0.2087 0.2112 0.1894 -0.0047 0.0032  -0.0039 37 LEU A N   
131 C  CA  . LEU A 16 ? 0.2181 0.2249 0.2120 -0.0094 0.0034  -0.0021 37 LEU A CA  
132 C  C   . LEU A 16 ? 0.2141 0.2285 0.2065 -0.0046 0.0012  0.0051  37 LEU A C   
133 O  O   . LEU A 16 ? 0.2022 0.2227 0.1896 -0.0140 0.0178  -0.0016 37 LEU A O   
134 C  CB  . LEU A 16 ? 0.2106 0.2250 0.2107 0.0042  0.0070  -0.0047 37 LEU A CB  
135 C  CG  . LEU A 16 ? 0.2459 0.2430 0.2275 -0.0057 -0.0004 0.0008  37 LEU A CG  
136 C  CD1 . LEU A 16 ? 0.2495 0.2370 0.2297 -0.0201 0.0076  -0.0161 37 LEU A CD1 
137 C  CD2 . LEU A 16 ? 0.2192 0.2134 0.2016 -0.0159 0.0106  0.0082  37 LEU A CD2 
138 N  N   . ARG A 17 ? 0.2308 0.2334 0.2173 0.0004  0.0126  0.0119  38 ARG A N   
139 C  CA  . ARG A 17 ? 0.2452 0.2439 0.2495 -0.0055 0.0108  0.0043  38 ARG A CA  
140 C  C   . ARG A 17 ? 0.2339 0.2258 0.2323 0.0004  0.0108  0.0063  38 ARG A C   
141 O  O   . ARG A 17 ? 0.2325 0.2101 0.2342 -0.0094 -0.0020 0.0075  38 ARG A O   
142 C  CB  . ARG A 17 ? 0.2430 0.2704 0.2630 -0.0021 0.0074  -0.0002 38 ARG A CB  
143 C  CG  . ARG A 17 ? 0.3558 0.3288 0.3661 0.0009  0.0057  0.0109  38 ARG A CG  
144 C  CD  . ARG A 17 ? 0.4254 0.4670 0.4801 0.0010  0.0219  -0.0033 38 ARG A CD  
145 N  NE  . ARG A 17 ? 0.5542 0.5778 0.5508 0.0012  -0.0097 0.0083  38 ARG A NE  
146 C  CZ  . ARG A 17 ? 0.6056 0.6445 0.6429 -0.0027 -0.0030 0.0019  38 ARG A CZ  
147 N  NH1 . ARG A 17 ? 0.6592 0.6745 0.6595 -0.0048 0.0096  0.0063  38 ARG A NH1 
148 N  NH2 . ARG A 17 ? 0.6453 0.6579 0.6495 0.0005  -0.0137 0.0146  38 ARG A NH2 
149 N  N   . GLU A 18 ? 0.2349 0.2075 0.2353 0.0037  0.0094  0.0074  39 GLU A N   
150 C  CA  . GLU A 18 ? 0.2450 0.2340 0.2515 0.0035  0.0063  0.0019  39 GLU A CA  
151 C  C   . GLU A 18 ? 0.2304 0.2223 0.2335 0.0049  0.0028  0.0007  39 GLU A C   
152 O  O   . GLU A 18 ? 0.2484 0.2056 0.2164 0.0047  0.0186  -0.0065 39 GLU A O   
153 C  CB  . GLU A 18 ? 0.2735 0.2590 0.2730 0.0108  0.0017  0.0048  39 GLU A CB  
154 C  CG  . GLU A 18 ? 0.3356 0.3632 0.3604 -0.0001 0.0207  -0.0063 39 GLU A CG  
155 C  CD  . GLU A 18 ? 0.4813 0.4734 0.4369 0.0013  0.0125  0.0188  39 GLU A CD  
156 O  OE1 . GLU A 18 ? 0.5267 0.5478 0.5113 0.0218  -0.0079 0.0157  39 GLU A OE1 
157 O  OE2 . GLU A 18 ? 0.5163 0.5563 0.4912 -0.0048 0.0317  0.0081  39 GLU A OE2 
158 N  N   . ILE A 19 ? 0.2178 0.2013 0.2156 -0.0021 -0.0016 0.0023  40 ILE A N   
159 C  CA  . ILE A 19 ? 0.2042 0.1973 0.1993 0.0011  0.0044  0.0021  40 ILE A CA  
160 C  C   . ILE A 19 ? 0.2066 0.2042 0.2217 -0.0034 0.0092  0.0043  40 ILE A C   
161 O  O   . ILE A 19 ? 0.2278 0.1847 0.2184 -0.0127 0.0144  0.0055  40 ILE A O   
162 C  CB  . ILE A 19 ? 0.2190 0.2144 0.2290 -0.0077 0.0048  0.0020  40 ILE A CB  
163 C  CG1 . ILE A 19 ? 0.2391 0.2168 0.2388 -0.0011 0.0028  0.0101  40 ILE A CG1 
164 C  CG2 . ILE A 19 ? 0.2267 0.1832 0.2225 -0.0017 0.0164  -0.0028 40 ILE A CG2 
165 C  CD1 . ILE A 19 ? 0.2613 0.2393 0.2699 -0.0009 -0.0117 -0.0084 40 ILE A CD1 
166 N  N   . CYS A 20 ? 0.2139 0.2065 0.2073 -0.0084 0.0032  0.0150  41 CYS A N   
167 C  CA  . CYS A 20 ? 0.2272 0.2339 0.2269 -0.0041 0.0051  0.0131  41 CYS A CA  
168 C  C   . CYS A 20 ? 0.2253 0.2323 0.2135 0.0020  0.0016  -0.0010 41 CYS A C   
169 O  O   . CYS A 20 ? 0.2511 0.2390 0.2318 -0.0060 0.0151  -0.0063 41 CYS A O   
170 C  CB  . CYS A 20 ? 0.2467 0.2614 0.2406 0.0011  0.0016  0.0042  41 CYS A CB  
171 S  SG  . CYS A 20 ? 0.3143 0.3031 0.2982 -0.0060 0.0125  -0.0005 41 CYS A SG  
172 N  N   . GLN A 21 ? 0.2162 0.2320 0.2203 -0.0012 0.0006  0.0070  42 GLN A N   
173 C  CA  . GLN A 21 ? 0.2333 0.2383 0.2380 0.0019  0.0063  -0.0018 42 GLN A CA  
174 C  C   . GLN A 21 ? 0.2324 0.2273 0.2308 0.0077  0.0098  -0.0023 42 GLN A C   
175 O  O   . GLN A 21 ? 0.2373 0.2348 0.2430 0.0134  0.0150  0.0049  42 GLN A O   
176 C  CB  . GLN A 21 ? 0.2525 0.2516 0.2585 0.0121  0.0114  -0.0068 42 GLN A CB  
177 C  CG  . GLN A 21 ? 0.3142 0.3147 0.3380 0.0036  0.0007  -0.0241 42 GLN A CG  
178 C  CD  . GLN A 21 ? 0.4442 0.4177 0.4238 0.0066  0.0065  0.0168  42 GLN A CD  
179 O  OE1 . GLN A 21 ? 0.5059 0.4779 0.5247 -0.0085 -0.0069 -0.0028 42 GLN A OE1 
180 N  NE2 . GLN A 21 ? 0.4745 0.4665 0.4861 0.0160  -0.0179 0.0080  42 GLN A NE2 
181 N  N   . GLU A 22 ? 0.2164 0.2134 0.2082 0.0106  0.0043  0.0008  43 GLU A N   
182 C  CA  . GLU A 22 ? 0.2242 0.1997 0.2123 -0.0026 -0.0032 0.0011  43 GLU A CA  
183 C  C   . GLU A 22 ? 0.2119 0.2062 0.2155 0.0018  -0.0024 -0.0046 43 GLU A C   
184 O  O   . GLU A 22 ? 0.2223 0.2250 0.2276 0.0052  -0.0139 0.0188  43 GLU A O   
185 C  CB  . GLU A 22 ? 0.2280 0.2018 0.2207 0.0075  -0.0018 -0.0096 43 GLU A CB  
186 C  CG  . GLU A 22 ? 0.2776 0.2351 0.2492 -0.0091 0.0036  0.0030  43 GLU A CG  
187 C  CD  . GLU A 22 ? 0.3446 0.3005 0.3267 -0.0022 -0.0240 0.0352  43 GLU A CD  
188 O  OE1 . GLU A 22 ? 0.3701 0.3250 0.3804 0.0098  -0.0178 0.0605  43 GLU A OE1 
189 O  OE2 . GLU A 22 ? 0.4461 0.3758 0.4560 -0.0281 -0.0284 0.0613  43 GLU A OE2 
190 N  N   . LEU A 23 ? 0.2055 0.2034 0.2162 0.0002  0.0009  0.0058  44 LEU A N   
191 C  CA  . LEU A 23 ? 0.2038 0.2126 0.2135 -0.0004 0.0016  0.0026  44 LEU A CA  
192 C  C   . LEU A 23 ? 0.2195 0.2177 0.2197 -0.0039 0.0050  0.0061  44 LEU A C   
193 O  O   . LEU A 23 ? 0.2197 0.2156 0.2514 -0.0138 0.0088  0.0059  44 LEU A O   
194 C  CB  . LEU A 23 ? 0.1982 0.2087 0.2037 -0.0021 0.0020  0.0031  44 LEU A CB  
195 C  CG  . LEU A 23 ? 0.2347 0.2173 0.2374 -0.0021 -0.0004 -0.0032 44 LEU A CG  
196 C  CD1 . LEU A 23 ? 0.2763 0.2495 0.2420 0.0118  0.0017  -0.0157 44 LEU A CD1 
197 C  CD2 . LEU A 23 ? 0.2564 0.2361 0.2361 0.0048  0.0028  -0.0001 44 LEU A CD2 
198 N  N   . LYS A 24 ? 0.2252 0.2237 0.2223 0.0106  0.0032  0.0211  45 LYS A N   
199 C  CA  . LYS A 24 ? 0.2451 0.2295 0.2525 -0.0010 0.0062  0.0123  45 LYS A CA  
200 C  C   . LYS A 24 ? 0.2368 0.2260 0.2439 0.0066  0.0064  0.0097  45 LYS A C   
201 O  O   . LYS A 24 ? 0.2415 0.2371 0.2622 -0.0003 0.0118  0.0175  45 LYS A O   
202 C  CB  . LYS A 24 ? 0.2605 0.2333 0.2655 -0.0032 -0.0050 0.0232  45 LYS A CB  
203 C  CG  . LYS A 24 ? 0.3559 0.3248 0.3167 -0.0001 -0.0069 -0.0011 45 LYS A CG  
204 C  CD  . LYS A 24 ? 0.3991 0.4427 0.4182 0.0082  -0.0009 0.0020  45 LYS A CD  
205 C  CE  . LYS A 24 ? 0.4801 0.4677 0.4864 -0.0091 -0.0061 -0.0064 45 LYS A CE  
206 N  NZ  . LYS A 24 ? 0.5114 0.5377 0.5475 0.0068  -0.0108 0.0015  45 LYS A NZ  
207 N  N   . GLU A 25 ? 0.2333 0.2102 0.2356 -0.0040 0.0084  0.0095  46 GLU A N   
208 C  CA  . GLU A 25 ? 0.2381 0.2149 0.2426 -0.0017 0.0002  0.0022  46 GLU A CA  
209 C  C   . GLU A 25 ? 0.2349 0.2133 0.2573 0.0006  -0.0019 0.0018  46 GLU A C   
210 O  O   . GLU A 25 ? 0.2502 0.2043 0.2904 -0.0016 -0.0038 -0.0093 46 GLU A O   
211 C  CB  . GLU A 25 ? 0.2276 0.2016 0.2272 -0.0087 -0.0045 0.0072  46 GLU A CB  
212 C  CG  . GLU A 25 ? 0.2623 0.2238 0.2585 0.0048  -0.0021 -0.0075 46 GLU A CG  
213 C  CD  . GLU A 25 ? 0.2919 0.2916 0.2876 0.0021  0.0095  -0.0099 46 GLU A CD  
214 O  OE1 . GLU A 25 ? 0.3345 0.3637 0.3335 0.0090  0.0075  0.0145  46 GLU A OE1 
215 O  OE2 . GLU A 25 ? 0.3009 0.2895 0.3191 -0.0273 0.0220  -0.0043 46 GLU A OE2 
216 N  N   . ILE A 26 ? 0.2466 0.2108 0.2642 -0.0039 0.0054  -0.0136 47 ILE A N   
217 C  CA  . ILE A 26 ? 0.2471 0.2335 0.2596 -0.0045 -0.0003 -0.0197 47 ILE A CA  
218 C  C   . ILE A 26 ? 0.2719 0.2461 0.2799 0.0009  0.0173  -0.0158 47 ILE A C   
219 O  O   . ILE A 26 ? 0.2797 0.2708 0.2964 -0.0112 0.0167  -0.0418 47 ILE A O   
220 C  CB  . ILE A 26 ? 0.2282 0.2275 0.2609 -0.0116 -0.0008 -0.0100 47 ILE A CB  
221 C  CG1 . ILE A 26 ? 0.2675 0.2637 0.2814 -0.0047 0.0000  -0.0087 47 ILE A CG1 
222 C  CG2 . ILE A 26 ? 0.2508 0.2183 0.2803 0.0064  0.0035  -0.0079 47 ILE A CG2 
223 C  CD1 . ILE A 26 ? 0.2784 0.2755 0.3099 0.0174  -0.0070 -0.0032 47 ILE A CD1 
224 N  N   . ARG A 27 ? 0.2852 0.2713 0.2840 0.0062  0.0055  -0.0025 48 ARG A N   
225 C  CA  . ARG A 27 ? 0.3218 0.3007 0.3118 -0.0006 0.0198  0.0035  48 ARG A CA  
226 C  C   . ARG A 27 ? 0.3486 0.3193 0.3414 -0.0009 0.0207  0.0037  48 ARG A C   
227 O  O   . ARG A 27 ? 0.3918 0.3058 0.3588 -0.0084 0.0412  0.0177  48 ARG A O   
228 C  CB  . ARG A 27 ? 0.3255 0.3073 0.3019 0.0137  0.0120  0.0037  48 ARG A CB  
229 C  CG  . ARG A 27 ? 0.3717 0.3277 0.3414 0.0038  0.0225  0.0078  48 ARG A CG  
230 C  CD  . ARG A 27 ? 0.4237 0.4355 0.4226 0.0059  -0.0044 -0.0080 48 ARG A CD  
231 N  NE  . ARG A 27 ? 0.5047 0.4789 0.4751 0.0101  -0.0095 0.0056  48 ARG A NE  
232 C  CZ  . ARG A 27 ? 0.5252 0.5339 0.5265 0.0007  -0.0063 -0.0011 48 ARG A CZ  
233 N  NH1 . ARG A 27 ? 0.5450 0.5362 0.5482 -0.0029 0.0039  -0.0042 48 ARG A NH1 
234 N  NH2 . ARG A 27 ? 0.5346 0.5251 0.5439 0.0107  -0.0070 0.0064  48 ARG A NH2 
235 N  N   . ALA A 28 ? 0.3481 0.3242 0.3457 0.0062  0.0180  0.0047  49 ALA A N   
236 C  CA  . ALA A 28 ? 0.3553 0.3254 0.3519 -0.0056 0.0090  0.0024  49 ALA A CA  
237 C  C   . ALA A 28 ? 0.3621 0.3402 0.3645 -0.0055 0.0122  0.0062  49 ALA A C   
238 O  O   . ALA A 28 ? 0.3853 0.3139 0.4008 -0.0172 0.0165  0.0024  49 ALA A O   
239 C  CB  . ALA A 28 ? 0.3582 0.3102 0.3511 -0.0050 0.0093  0.0043  49 ALA A CB  
240 N  N   . MSE A 29 ? 0.3557 0.3373 0.3621 -0.0013 0.0177  -0.0008 50 MSE A N   
241 C  CA  . MSE A 29 ? 0.3652 0.3525 0.3725 -0.0044 0.0087  -0.0088 50 MSE A CA  
242 C  C   . MSE A 29 ? 0.3822 0.3705 0.3970 -0.0074 0.0096  -0.0111 50 MSE A C   
243 O  O   . MSE A 29 ? 0.3815 0.3494 0.4264 -0.0084 0.0103  -0.0207 50 MSE A O   
244 C  CB  . MSE A 29 ? 0.3672 0.3329 0.3670 -0.0028 0.0071  -0.0204 50 MSE A CB  
245 C  CG  . MSE A 29 ? 0.3138 0.3748 0.3709 -0.0188 0.0210  0.0245  50 MSE A CG  
246 SE SE  . MSE A 29 ? 0.3846 0.3183 0.3845 -0.0206 -0.0261 -0.0118 50 MSE A SE  
247 C  CE  . MSE A 29 ? 0.4035 0.3970 0.4126 -0.0036 -0.0003 0.0048  50 MSE A CE  
248 N  N   . LEU A 30 ? 0.3952 0.3753 0.3988 -0.0084 0.0144  -0.0110 51 LEU A N   
249 C  CA  . LEU A 30 ? 0.4036 0.4012 0.4123 -0.0042 0.0141  -0.0008 51 LEU A CA  
250 C  C   . LEU A 30 ? 0.4223 0.4296 0.4344 -0.0027 0.0131  0.0082  51 LEU A C   
251 O  O   . LEU A 30 ? 0.4536 0.4587 0.4682 -0.0046 0.0358  0.0245  51 LEU A O   
252 C  CB  . LEU A 30 ? 0.3996 0.3977 0.3885 -0.0034 0.0148  -0.0057 51 LEU A CB  
253 C  CG  . LEU A 30 ? 0.3821 0.3742 0.3887 -0.0017 0.0085  -0.0075 51 LEU A CG  
254 C  CD1 . LEU A 30 ? 0.3616 0.3653 0.3602 0.0050  0.0199  -0.0093 51 LEU A CD1 
255 C  CD2 . LEU A 30 ? 0.4007 0.4042 0.3976 0.0001  0.0044  0.0002  51 LEU A CD2 
256 O  OXT . LEU A 30 ? 0.4327 0.4541 0.4451 -0.0023 0.0221  0.0054  51 LEU A OXT 
257 N  N   . ARG B 4  ? 0.6867 0.6892 0.6740 -0.0018 0.0062  0.0001  25 ARG B N   
258 C  CA  . ARG B 4  ? 0.6890 0.6904 0.6841 0.0002  0.0044  -0.0008 25 ARG B CA  
259 C  C   . ARG B 4  ? 0.6763 0.6793 0.6778 0.0002  0.0020  -0.0033 25 ARG B C   
260 O  O   . ARG B 4  ? 0.6691 0.6729 0.6675 0.0031  0.0059  -0.0044 25 ARG B O   
261 C  CB  . ARG B 4  ? 0.6956 0.7025 0.6943 -0.0015 0.0022  0.0001  25 ARG B CB  
262 C  CG  . ARG B 4  ? 0.7418 0.7281 0.7348 0.0031  0.0016  -0.0032 25 ARG B CG  
263 C  CD  . ARG B 4  ? 0.7605 0.7712 0.7755 0.0013  -0.0022 0.0017  25 ARG B CD  
264 N  NE  . ARG B 4  ? 0.8059 0.7994 0.8003 0.0054  0.0052  -0.0038 25 ARG B NE  
265 C  CZ  . ARG B 4  ? 0.8178 0.8112 0.8185 -0.0014 0.0000  0.0007  25 ARG B CZ  
266 N  NH1 . ARG B 4  ? 0.8240 0.8274 0.8233 -0.0045 -0.0003 0.0037  25 ARG B NH1 
267 N  NH2 . ARG B 4  ? 0.8183 0.8165 0.8135 0.0003  0.0010  -0.0010 25 ARG B NH2 
268 N  N   . GLN B 5  ? 0.6608 0.6712 0.6662 -0.0028 0.0006  -0.0002 26 GLN B N   
269 C  CA  . GLN B 5  ? 0.6594 0.6620 0.6619 -0.0019 0.0001  -0.0009 26 GLN B CA  
270 C  C   . GLN B 5  ? 0.6383 0.6333 0.6350 -0.0013 0.0024  0.0000  26 GLN B C   
271 O  O   . GLN B 5  ? 0.6308 0.6340 0.6312 0.0001  0.0012  -0.0043 26 GLN B O   
272 C  CB  . GLN B 5  ? 0.6718 0.6731 0.6724 -0.0028 -0.0028 -0.0038 26 GLN B CB  
273 C  CG  . GLN B 5  ? 0.7143 0.7093 0.7101 -0.0044 0.0063  0.0034  26 GLN B CG  
274 C  CD  . GLN B 5  ? 0.7636 0.7648 0.7567 -0.0009 -0.0126 0.0004  26 GLN B CD  
275 O  OE1 . GLN B 5  ? 0.8090 0.7998 0.7917 -0.0082 0.0062  0.0046  26 GLN B OE1 
276 N  NE2 . GLN B 5  ? 0.7745 0.7843 0.7836 -0.0048 -0.0007 0.0043  26 GLN B NE2 
277 N  N   . ASN B 6  ? 0.6052 0.6114 0.6135 -0.0060 -0.0001 -0.0030 27 ASN B N   
278 C  CA  . ASN B 6  ? 0.5999 0.5954 0.5976 -0.0035 0.0020  -0.0028 27 ASN B CA  
279 C  C   . ASN B 6  ? 0.5717 0.5716 0.5709 0.0008  0.0019  -0.0009 27 ASN B C   
280 O  O   . ASN B 6  ? 0.5707 0.5641 0.5626 -0.0048 0.0032  -0.0015 27 ASN B O   
281 C  CB  . ASN B 6  ? 0.5980 0.5982 0.6011 -0.0028 0.0043  0.0018  27 ASN B CB  
282 C  CG  . ASN B 6  ? 0.6363 0.6315 0.6285 -0.0011 0.0032  -0.0068 27 ASN B CG  
283 O  OD1 . ASN B 6  ? 0.6692 0.6586 0.6503 -0.0016 0.0145  -0.0011 27 ASN B OD1 
284 N  ND2 . ASN B 6  ? 0.6736 0.6562 0.6676 -0.0085 0.0034  -0.0020 27 ASN B ND2 
285 N  N   . LEU B 7  ? 0.5478 0.5437 0.5459 -0.0065 0.0004  0.0003  28 LEU B N   
286 C  CA  . LEU B 7  ? 0.5366 0.5329 0.5348 -0.0005 0.0031  0.0021  28 LEU B CA  
287 C  C   . LEU B 7  ? 0.5022 0.5093 0.5023 -0.0019 0.0053  -0.0008 28 LEU B C   
288 O  O   . LEU B 7  ? 0.4934 0.5157 0.4929 0.0020  0.0061  0.0053  28 LEU B O   
289 C  CB  . LEU B 7  ? 0.5392 0.5388 0.5435 -0.0052 0.0067  0.0016  28 LEU B CB  
290 C  CG  . LEU B 7  ? 0.5794 0.5775 0.5666 -0.0037 -0.0001 -0.0011 28 LEU B CG  
291 C  CD1 . LEU B 7  ? 0.5867 0.5872 0.5928 0.0073  -0.0020 0.0008  28 LEU B CD1 
292 C  CD2 . LEU B 7  ? 0.5868 0.6012 0.5961 -0.0017 0.0022  0.0001  28 LEU B CD2 
293 N  N   . GLN B 8  ? 0.4651 0.4818 0.4786 -0.0082 0.0078  0.0003  29 GLN B N   
294 C  CA  . GLN B 8  ? 0.4526 0.4672 0.4646 -0.0033 0.0052  -0.0005 29 GLN B CA  
295 C  C   . GLN B 8  ? 0.4416 0.4464 0.4435 -0.0042 0.0070  -0.0009 29 GLN B C   
296 O  O   . GLN B 8  ? 0.4232 0.4319 0.4365 -0.0094 0.0216  -0.0071 29 GLN B O   
297 C  CB  . GLN B 8  ? 0.4549 0.4737 0.4643 -0.0038 0.0066  -0.0024 29 GLN B CB  
298 C  CG  . GLN B 8  ? 0.4695 0.4732 0.4885 -0.0089 -0.0007 0.0007  29 GLN B CG  
299 C  CD  . GLN B 8  ? 0.5056 0.5095 0.5135 -0.0006 -0.0055 0.0005  29 GLN B CD  
300 O  OE1 . GLN B 8  ? 0.5157 0.5316 0.5596 0.0120  -0.0019 -0.0052 29 GLN B OE1 
301 N  NE2 . GLN B 8  ? 0.4896 0.4870 0.5007 -0.0115 -0.0112 0.0065  29 GLN B NE2 
302 N  N   . ASN B 9  ? 0.4127 0.4230 0.4187 -0.0085 0.0024  0.0028  30 ASN B N   
303 C  CA  . ASN B 9  ? 0.4180 0.4231 0.4196 -0.0025 0.0014  0.0049  30 ASN B CA  
304 C  C   . ASN B 9  ? 0.4074 0.4123 0.4062 -0.0107 0.0043  0.0035  30 ASN B C   
305 O  O   . ASN B 9  ? 0.4113 0.3808 0.3929 -0.0227 0.0113  0.0153  30 ASN B O   
306 C  CB  . ASN B 9  ? 0.4248 0.4339 0.4315 -0.0038 0.0016  -0.0020 30 ASN B CB  
307 C  CG  . ASN B 9  ? 0.4341 0.4511 0.4251 0.0003  0.0116  0.0020  30 ASN B CG  
308 O  OD1 . ASN B 9  ? 0.4840 0.4959 0.4947 -0.0222 0.0083  -0.0198 30 ASN B OD1 
309 N  ND2 . ASN B 9  ? 0.3993 0.4384 0.4124 -0.0022 0.0232  -0.0141 30 ASN B ND2 
310 N  N   . LEU B 10 ? 0.3983 0.4049 0.4044 -0.0147 0.0001  0.0086  31 LEU B N   
311 C  CA  . LEU B 10 ? 0.4094 0.4065 0.4006 -0.0069 -0.0008 0.0070  31 LEU B CA  
312 C  C   . LEU B 10 ? 0.3936 0.3994 0.3853 -0.0107 -0.0009 0.0130  31 LEU B C   
313 O  O   . LEU B 10 ? 0.3919 0.3815 0.3876 -0.0242 0.0029  0.0226  31 LEU B O   
314 C  CB  . LEU B 10 ? 0.4319 0.4268 0.4292 -0.0120 0.0036  0.0109  31 LEU B CB  
315 C  CG  . LEU B 10 ? 0.4904 0.4853 0.4717 -0.0059 -0.0073 0.0111  31 LEU B CG  
316 C  CD1 . LEU B 10 ? 0.5503 0.5320 0.5563 0.0120  -0.0022 -0.0011 31 LEU B CD1 
317 C  CD2 . LEU B 10 ? 0.5190 0.5205 0.5161 0.0119  0.0095  0.0032  31 LEU B CD2 
318 N  N   . TYR B 11 ? 0.3830 0.3788 0.3687 -0.0156 -0.0022 0.0088  32 TYR B N   
319 C  CA  . TYR B 11 ? 0.3846 0.3878 0.3683 -0.0062 0.0024  0.0051  32 TYR B CA  
320 C  C   . TYR B 11 ? 0.3628 0.3691 0.3430 -0.0077 0.0059  -0.0012 32 TYR B C   
321 O  O   . TYR B 11 ? 0.3601 0.3648 0.3244 -0.0145 0.0160  -0.0067 32 TYR B O   
322 C  CB  . TYR B 11 ? 0.3963 0.4083 0.3949 -0.0067 0.0020  -0.0028 32 TYR B CB  
323 C  CG  . TYR B 11 ? 0.4475 0.4490 0.4241 0.0035  0.0104  0.0086  32 TYR B CG  
324 C  CD1 . TYR B 11 ? 0.4734 0.4809 0.4719 -0.0004 -0.0038 -0.0038 32 TYR B CD1 
325 C  CD2 . TYR B 11 ? 0.5139 0.4929 0.5032 -0.0159 0.0105  0.0053  32 TYR B CD2 
326 C  CE1 . TYR B 11 ? 0.5022 0.5077 0.4877 -0.0035 0.0060  0.0035  32 TYR B CE1 
327 C  CE2 . TYR B 11 ? 0.5269 0.5086 0.5003 -0.0077 0.0109  0.0077  32 TYR B CE2 
328 C  CZ  . TYR B 11 ? 0.5263 0.5231 0.5200 -0.0081 0.0032  0.0026  32 TYR B CZ  
329 O  OH  . TYR B 11 ? 0.5527 0.5560 0.5412 0.0012  -0.0010 0.0220  32 TYR B OH  
330 N  N   . ILE B 12 ? 0.3252 0.3520 0.3200 -0.0104 0.0058  0.0002  33 ILE B N   
331 C  CA  . ILE B 12 ? 0.3091 0.3200 0.3164 -0.0086 -0.0014 0.0078  33 ILE B CA  
332 C  C   . ILE B 12 ? 0.3017 0.3132 0.3054 -0.0037 0.0039  0.0048  33 ILE B C   
333 O  O   . ILE B 12 ? 0.2698 0.3081 0.2888 -0.0036 0.0032  0.0063  33 ILE B O   
334 C  CB  . ILE B 12 ? 0.3033 0.2934 0.2984 -0.0035 0.0017  -0.0044 33 ILE B CB  
335 C  CG1 . ILE B 12 ? 0.2877 0.3172 0.3246 -0.0205 -0.0063 0.0025  33 ILE B CG1 
336 C  CG2 . ILE B 12 ? 0.3092 0.2985 0.2990 -0.0052 -0.0111 -0.0101 33 ILE B CG2 
337 C  CD1 . ILE B 12 ? 0.3205 0.3014 0.3069 -0.0107 -0.0116 -0.0017 33 ILE B CD1 
338 N  N   . ASN B 13 ? 0.3022 0.3107 0.3131 -0.0092 0.0027  0.0109  34 ASN B N   
339 C  CA  . ASN B 13 ? 0.3282 0.3328 0.3253 -0.0024 0.0078  0.0055  34 ASN B CA  
340 C  C   . ASN B 13 ? 0.3172 0.3197 0.3141 -0.0036 0.0085  0.0066  34 ASN B C   
341 O  O   . ASN B 13 ? 0.3084 0.3173 0.2959 -0.0164 0.0203  0.0174  34 ASN B O   
342 C  CB  . ASN B 13 ? 0.3493 0.3416 0.3414 -0.0049 0.0059  0.0061  34 ASN B CB  
343 C  CG  . ASN B 13 ? 0.4167 0.3957 0.3795 -0.0025 0.0125  -0.0048 34 ASN B CG  
344 O  OD1 . ASN B 13 ? 0.4360 0.4293 0.3873 0.0148  -0.0047 0.0087  34 ASN B OD1 
345 N  ND2 . ASN B 13 ? 0.4765 0.3970 0.4199 -0.0050 0.0316  0.0078  34 ASN B ND2 
346 N  N   . ARG B 14 ? 0.3159 0.3211 0.3144 -0.0071 0.0083  0.0011  35 ARG B N   
347 C  CA  . ARG B 14 ? 0.3210 0.3189 0.3083 -0.0043 0.0005  0.0042  35 ARG B CA  
348 C  C   . ARG B 14 ? 0.2876 0.3093 0.2707 -0.0037 0.0037  0.0047  35 ARG B C   
349 O  O   . ARG B 14 ? 0.2555 0.2934 0.2508 0.0064  -0.0048 0.0257  35 ARG B O   
350 C  CB  . ARG B 14 ? 0.3274 0.3502 0.3264 -0.0027 0.0062  -0.0041 35 ARG B CB  
351 C  CG  . ARG B 14 ? 0.4253 0.3915 0.4155 -0.0058 -0.0096 0.0116  35 ARG B CG  
352 C  CD  . ARG B 14 ? 0.4919 0.5131 0.4949 -0.0016 0.0178  -0.0003 35 ARG B CD  
353 N  NE  . ARG B 14 ? 0.5856 0.5762 0.5903 0.0024  -0.0059 0.0125  35 ARG B NE  
354 C  CZ  . ARG B 14 ? 0.6358 0.6409 0.6220 -0.0022 0.0040  0.0075  35 ARG B CZ  
355 N  NH1 . ARG B 14 ? 0.6580 0.6660 0.6625 0.0063  0.0089  -0.0030 35 ARG B NH1 
356 N  NH2 . ARG B 14 ? 0.6444 0.6416 0.6594 -0.0019 -0.0046 0.0058  35 ARG B NH2 
357 N  N   . CYS B 15 ? 0.2530 0.2897 0.2681 0.0001  0.0088  0.0047  36 CYS B N   
358 C  CA  . CYS B 15 ? 0.2584 0.2869 0.2706 0.0022  0.0093  0.0034  36 CYS B CA  
359 C  C   . CYS B 15 ? 0.2414 0.2646 0.2611 0.0025  0.0121  -0.0024 36 CYS B C   
360 O  O   . CYS B 15 ? 0.2309 0.2717 0.2625 0.0132  0.0208  0.0017  36 CYS B O   
361 C  CB  . CYS B 15 ? 0.2606 0.2941 0.2648 -0.0046 0.0031  0.0028  36 CYS B CB  
362 S  SG  . CYS B 15 ? 0.3202 0.3475 0.3703 0.0394  0.0312  0.0163  36 CYS B SG  
363 N  N   . LEU B 16 ? 0.2358 0.2759 0.2499 -0.0040 0.0127  0.0039  37 LEU B N   
364 C  CA  . LEU B 16 ? 0.2423 0.2541 0.2446 -0.0003 0.0078  0.0033  37 LEU B CA  
365 C  C   . LEU B 16 ? 0.2458 0.2578 0.2501 0.0040  0.0094  0.0103  37 LEU B C   
366 O  O   . LEU B 16 ? 0.2234 0.2326 0.2223 -0.0092 0.0103  0.0180  37 LEU B O   
367 C  CB  . LEU B 16 ? 0.2415 0.2620 0.2409 -0.0018 0.0114  0.0073  37 LEU B CB  
368 C  CG  . LEU B 16 ? 0.2397 0.2331 0.2395 0.0104  0.0053  -0.0096 37 LEU B CG  
369 C  CD1 . LEU B 16 ? 0.2732 0.3051 0.2593 -0.0011 -0.0118 -0.0153 37 LEU B CD1 
370 C  CD2 . LEU B 16 ? 0.2295 0.2724 0.2403 0.0002  0.0078  0.0017  37 LEU B CD2 
371 N  N   . ARG B 17 ? 0.2536 0.2776 0.2464 0.0024  0.0062  0.0200  38 ARG B N   
372 C  CA  . ARG B 17 ? 0.2643 0.2845 0.2712 0.0035  -0.0013 0.0097  38 ARG B CA  
373 C  C   . ARG B 17 ? 0.2539 0.2687 0.2566 0.0061  0.0001  0.0209  38 ARG B C   
374 O  O   . ARG B 17 ? 0.2326 0.2877 0.2727 0.0117  -0.0075 0.0242  38 ARG B O   
375 C  CB  . ARG B 17 ? 0.2943 0.2884 0.2911 -0.0008 -0.0022 0.0173  38 ARG B CB  
376 C  CG  . ARG B 17 ? 0.3416 0.3693 0.3632 0.0121  -0.0143 -0.0001 38 ARG B CG  
377 C  CD  . ARG B 17 ? 0.4703 0.4387 0.4432 -0.0056 0.0112  0.0159  38 ARG B CD  
378 N  NE  . ARG B 17 ? 0.5326 0.5522 0.5524 -0.0040 -0.0199 0.0031  38 ARG B NE  
379 C  CZ  . ARG B 17 ? 0.6275 0.6140 0.6208 0.0031  -0.0125 0.0189  38 ARG B CZ  
380 N  NH1 . ARG B 17 ? 0.6600 0.6462 0.6747 -0.0142 -0.0034 0.0096  38 ARG B NH1 
381 N  NH2 . ARG B 17 ? 0.6398 0.6522 0.6429 -0.0060 -0.0145 0.0044  38 ARG B NH2 
382 N  N   . GLU B 18 ? 0.2406 0.2676 0.2471 0.0019  -0.0027 0.0162  39 GLU B N   
383 C  CA  . GLU B 18 ? 0.2417 0.2679 0.2520 0.0029  0.0056  0.0054  39 GLU B CA  
384 C  C   . GLU B 18 ? 0.2313 0.2447 0.2385 0.0036  -0.0006 0.0003  39 GLU B C   
385 O  O   . GLU B 18 ? 0.2251 0.2777 0.2180 -0.0049 0.0063  0.0089  39 GLU B O   
386 C  CB  . GLU B 18 ? 0.2483 0.2852 0.2619 0.0016  -0.0015 0.0058  39 GLU B CB  
387 C  CG  . GLU B 18 ? 0.2977 0.3240 0.2985 0.0142  0.0030  0.0005  39 GLU B CG  
388 C  CD  . GLU B 18 ? 0.3398 0.3854 0.3541 0.0149  0.0113  -0.0051 39 GLU B CD  
389 O  OE1 . GLU B 18 ? 0.3366 0.4681 0.3664 0.0182  -0.0159 0.0118  39 GLU B OE1 
390 O  OE2 . GLU B 18 ? 0.3174 0.3955 0.3417 0.0217  -0.0040 -0.0156 39 GLU B OE2 
391 N  N   . ILE B 19 ? 0.2116 0.2363 0.2336 -0.0022 0.0099  0.0038  40 ILE B N   
392 C  CA  . ILE B 19 ? 0.2193 0.2489 0.2304 0.0083  0.0039  0.0004  40 ILE B CA  
393 C  C   . ILE B 19 ? 0.2031 0.2368 0.2225 -0.0002 0.0042  0.0036  40 ILE B C   
394 O  O   . ILE B 19 ? 0.1845 0.2677 0.2383 0.0041  -0.0099 -0.0034 40 ILE B O   
395 C  CB  . ILE B 19 ? 0.2073 0.2310 0.2239 -0.0062 0.0013  -0.0117 40 ILE B CB  
396 C  CG1 . ILE B 19 ? 0.2238 0.2496 0.2397 -0.0066 0.0064  -0.0091 40 ILE B CG1 
397 C  CG2 . ILE B 19 ? 0.2105 0.2502 0.2381 0.0029  -0.0116 0.0051  40 ILE B CG2 
398 C  CD1 . ILE B 19 ? 0.2297 0.2353 0.2119 0.0041  -0.0036 0.0060  40 ILE B CD1 
399 N  N   . CYS B 20 ? 0.2130 0.2498 0.2289 0.0079  0.0052  0.0040  41 CYS B N   
400 C  CA  . CYS B 20 ? 0.2310 0.2518 0.2395 0.0006  0.0091  0.0030  41 CYS B CA  
401 C  C   . CYS B 20 ? 0.2243 0.2584 0.2307 0.0073  0.0063  0.0082  41 CYS B C   
402 O  O   . CYS B 20 ? 0.2272 0.2772 0.2432 -0.0145 0.0084  0.0156  41 CYS B O   
403 C  CB  . CYS B 20 ? 0.2584 0.2767 0.2737 0.0073  0.0072  -0.0027 41 CYS B CB  
404 S  SG  . CYS B 20 ? 0.3226 0.3038 0.2709 0.0078  -0.0035 0.0025  41 CYS B SG  
405 N  N   . GLN B 21 ? 0.2213 0.2683 0.2316 -0.0024 0.0151  0.0090  42 GLN B N   
406 C  CA  . GLN B 21 ? 0.2351 0.2818 0.2392 -0.0007 0.0069  0.0084  42 GLN B CA  
407 C  C   . GLN B 21 ? 0.2334 0.2816 0.2310 0.0008  0.0048  0.0003  42 GLN B C   
408 O  O   . GLN B 21 ? 0.2201 0.3053 0.2574 0.0083  -0.0148 0.0190  42 GLN B O   
409 C  CB  . GLN B 21 ? 0.2564 0.3216 0.2560 -0.0003 0.0100  0.0063  42 GLN B CB  
410 C  CG  . GLN B 21 ? 0.3466 0.3723 0.3421 -0.0189 -0.0143 -0.0097 42 GLN B CG  
411 C  CD  . GLN B 21 ? 0.4010 0.4360 0.4414 0.0092  -0.0089 0.0002  42 GLN B CD  
412 O  OE1 . GLN B 21 ? 0.4665 0.5016 0.5538 -0.0338 -0.0400 0.0099  42 GLN B OE1 
413 N  NE2 . GLN B 21 ? 0.4322 0.4367 0.4300 -0.0032 -0.0345 0.0107  42 GLN B NE2 
414 N  N   . GLU B 22 ? 0.2178 0.2590 0.2241 -0.0003 0.0049  0.0091  43 GLU B N   
415 C  CA  . GLU B 22 ? 0.2385 0.2640 0.2313 -0.0106 0.0046  -0.0028 43 GLU B CA  
416 C  C   . GLU B 22 ? 0.2367 0.2533 0.2272 -0.0169 0.0052  0.0007  43 GLU B C   
417 O  O   . GLU B 22 ? 0.2461 0.2456 0.2077 -0.0278 0.0116  -0.0048 43 GLU B O   
418 C  CB  . GLU B 22 ? 0.2507 0.2609 0.2534 -0.0025 0.0040  0.0040  43 GLU B CB  
419 C  CG  . GLU B 22 ? 0.3201 0.3173 0.3130 -0.0158 0.0101  0.0004  43 GLU B CG  
420 C  CD  . GLU B 22 ? 0.3823 0.3934 0.4195 0.0099  0.0175  0.0016  43 GLU B CD  
421 O  OE1 . GLU B 22 ? 0.3730 0.4552 0.4225 -0.0210 0.0413  -0.0024 43 GLU B OE1 
422 O  OE2 . GLU B 22 ? 0.4332 0.4034 0.4469 0.0065  0.0276  0.0087  43 GLU B OE2 
423 N  N   . LEU B 23 ? 0.2223 0.2480 0.2177 -0.0134 0.0071  0.0013  44 LEU B N   
424 C  CA  . LEU B 23 ? 0.2348 0.2584 0.2334 -0.0075 0.0058  -0.0002 44 LEU B CA  
425 C  C   . LEU B 23 ? 0.2391 0.2566 0.2435 -0.0042 0.0089  -0.0016 44 LEU B C   
426 O  O   . LEU B 23 ? 0.2249 0.2718 0.2393 -0.0192 0.0180  -0.0004 44 LEU B O   
427 C  CB  . LEU B 23 ? 0.2459 0.2696 0.2339 -0.0015 -0.0012 0.0008  44 LEU B CB  
428 C  CG  . LEU B 23 ? 0.2336 0.2538 0.2481 -0.0038 0.0064  -0.0043 44 LEU B CG  
429 C  CD1 . LEU B 23 ? 0.2331 0.2825 0.2522 -0.0016 -0.0053 -0.0020 44 LEU B CD1 
430 C  CD2 . LEU B 23 ? 0.2310 0.2779 0.2709 0.0071  -0.0008 0.0123  44 LEU B CD2 
431 N  N   . LYS B 24 ? 0.2343 0.2711 0.2460 0.0002  0.0079  0.0000  45 LYS B N   
432 C  CA  . LYS B 24 ? 0.2609 0.2838 0.2653 0.0028  -0.0031 0.0072  45 LYS B CA  
433 C  C   . LYS B 24 ? 0.2560 0.2793 0.2588 0.0070  -0.0054 0.0178  45 LYS B C   
434 O  O   . LYS B 24 ? 0.2419 0.3146 0.2466 0.0023  -0.0086 0.0174  45 LYS B O   
435 C  CB  . LYS B 24 ? 0.2724 0.2948 0.2845 -0.0026 0.0048  0.0070  45 LYS B CB  
436 C  CG  . LYS B 24 ? 0.3315 0.3743 0.3866 0.0131  -0.0062 0.0113  45 LYS B CG  
437 C  CD  . LYS B 24 ? 0.4537 0.4827 0.4316 0.0050  -0.0024 0.0049  45 LYS B CD  
438 C  CE  . LYS B 24 ? 0.5076 0.5075 0.5104 0.0192  -0.0008 0.0020  45 LYS B CE  
439 N  NZ  . LYS B 24 ? 0.5845 0.5633 0.5782 -0.0143 -0.0002 0.0086  45 LYS B NZ  
440 N  N   . GLU B 25 ? 0.2661 0.2952 0.2729 -0.0015 0.0000  0.0028  46 GLU B N   
441 C  CA  . GLU B 25 ? 0.2686 0.2834 0.2753 -0.0060 -0.0025 0.0002  46 GLU B CA  
442 C  C   . GLU B 25 ? 0.2584 0.2810 0.2620 -0.0080 -0.0028 -0.0067 46 GLU B C   
443 O  O   . GLU B 25 ? 0.2405 0.3020 0.2471 -0.0148 -0.0234 -0.0059 46 GLU B O   
444 C  CB  . GLU B 25 ? 0.2749 0.2975 0.2996 -0.0065 -0.0041 0.0014  46 GLU B CB  
445 C  CG  . GLU B 25 ? 0.3631 0.3679 0.3585 0.0016  -0.0020 0.0197  46 GLU B CG  
446 C  CD  . GLU B 25 ? 0.4692 0.4766 0.4451 0.0049  0.0278  -0.0028 46 GLU B CD  
447 O  OE1 . GLU B 25 ? 0.5590 0.5049 0.5339 0.0154  0.0318  0.0021  46 GLU B OE1 
448 O  OE2 . GLU B 25 ? 0.5191 0.5119 0.4881 -0.0137 0.0241  0.0138  46 GLU B OE2 
449 N  N   . ILE B 26 ? 0.2417 0.2469 0.2418 -0.0043 0.0050  0.0064  47 ILE B N   
450 C  CA  . ILE B 26 ? 0.2535 0.2589 0.2442 -0.0004 0.0030  -0.0078 47 ILE B CA  
451 C  C   . ILE B 26 ? 0.2240 0.2494 0.2293 -0.0059 0.0010  0.0017  47 ILE B C   
452 O  O   . ILE B 26 ? 0.2575 0.2658 0.2363 0.0104  -0.0080 0.0089  47 ILE B O   
453 C  CB  . ILE B 26 ? 0.2283 0.2268 0.2293 -0.0057 0.0026  0.0004  47 ILE B CB  
454 C  CG1 . ILE B 26 ? 0.2508 0.2502 0.2386 -0.0054 -0.0007 -0.0107 47 ILE B CG1 
455 C  CG2 . ILE B 26 ? 0.2526 0.2712 0.2500 0.0035  -0.0032 0.0079  47 ILE B CG2 
456 C  CD1 . ILE B 26 ? 0.2330 0.2485 0.2330 0.0052  0.0143  -0.0041 47 ILE B CD1 
457 N  N   . ARG B 27 ? 0.2217 0.2717 0.2445 -0.0064 -0.0049 0.0055  48 ARG B N   
458 C  CA  . ARG B 27 ? 0.2476 0.2743 0.2566 -0.0040 0.0044  0.0002  48 ARG B CA  
459 C  C   . ARG B 27 ? 0.2580 0.3027 0.2843 -0.0028 0.0027  0.0047  48 ARG B C   
460 O  O   . ARG B 27 ? 0.2843 0.3097 0.2897 -0.0136 0.0277  0.0044  48 ARG B O   
461 C  CB  . ARG B 27 ? 0.2475 0.2831 0.2684 -0.0021 0.0128  0.0022  48 ARG B CB  
462 C  CG  . ARG B 27 ? 0.2856 0.3051 0.2673 0.0002  -0.0016 0.0035  48 ARG B CG  
463 C  CD  . ARG B 27 ? 0.3470 0.3283 0.3136 -0.0185 -0.0016 -0.0022 48 ARG B CD  
464 N  NE  . ARG B 27 ? 0.3778 0.3754 0.3776 -0.0224 0.0125  0.0000  48 ARG B NE  
465 C  CZ  . ARG B 27 ? 0.4874 0.4671 0.4887 0.0094  -0.0028 0.0118  48 ARG B CZ  
466 N  NH1 . ARG B 27 ? 0.5091 0.5022 0.5098 -0.0094 0.0062  0.0232  48 ARG B NH1 
467 N  NH2 . ARG B 27 ? 0.5133 0.5311 0.5395 0.0025  0.0053  0.0040  48 ARG B NH2 
468 N  N   . ALA B 28 ? 0.2757 0.3317 0.2876 -0.0049 0.0104  0.0006  49 ALA B N   
469 C  CA  . ALA B 28 ? 0.2932 0.3326 0.2987 -0.0032 0.0033  0.0003  49 ALA B CA  
470 C  C   . ALA B 28 ? 0.3108 0.3419 0.3158 -0.0034 0.0050  -0.0013 49 ALA B C   
471 O  O   . ALA B 28 ? 0.2918 0.3509 0.3236 -0.0071 0.0052  -0.0063 49 ALA B O   
472 C  CB  . ALA B 28 ? 0.3027 0.3487 0.3257 -0.0018 0.0020  0.0068  49 ALA B CB  
473 N  N   . MSE B 29 ? 0.3083 0.3461 0.3179 -0.0036 0.0047  -0.0006 50 MSE B N   
474 C  CA  . MSE B 29 ? 0.3369 0.3645 0.3386 -0.0025 0.0004  -0.0017 50 MSE B CA  
475 C  C   . MSE B 29 ? 0.3507 0.3659 0.3547 -0.0105 0.0091  -0.0030 50 MSE B C   
476 O  O   . MSE B 29 ? 0.3047 0.3662 0.3395 -0.0209 0.0089  -0.0058 50 MSE B O   
477 C  CB  . MSE B 29 ? 0.3452 0.3712 0.3529 0.0021  -0.0052 -0.0110 50 MSE B CB  
478 C  CG  . MSE B 29 ? 0.3443 0.3880 0.3761 0.0124  0.0060  -0.0150 50 MSE B CG  
479 SE SE  . MSE B 29 ? 0.2556 0.3557 0.2856 0.0157  -0.0038 -0.0362 50 MSE B SE  
480 C  CE  . MSE B 29 ? 0.2144 0.2916 0.1936 -0.0039 0.0201  -0.0405 50 MSE B CE  
481 N  N   . LEU B 30 ? 0.3513 0.3783 0.3480 -0.0185 0.0000  0.0019  51 LEU B N   
482 C  CA  . LEU B 30 ? 0.3801 0.3862 0.3680 -0.0094 0.0028  -0.0009 51 LEU B CA  
483 C  C   . LEU B 30 ? 0.3934 0.4018 0.3817 -0.0078 0.0007  0.0039  51 LEU B C   
484 O  O   . LEU B 30 ? 0.4198 0.4378 0.3906 -0.0309 -0.0036 0.0236  51 LEU B O   
485 C  CB  . LEU B 30 ? 0.3672 0.3821 0.3572 -0.0032 0.0027  0.0039  51 LEU B CB  
486 C  CG  . LEU B 30 ? 0.3648 0.3653 0.3561 -0.0049 0.0049  -0.0025 51 LEU B CG  
487 C  CD1 . LEU B 30 ? 0.3236 0.3424 0.3269 0.0041  -0.0007 0.0059  51 LEU B CD1 
488 C  CD2 . LEU B 30 ? 0.3601 0.3629 0.3548 0.0026  -0.0019 0.0072  51 LEU B CD2 
489 O  OXT . LEU B 30 ? 0.4448 0.3992 0.3846 -0.0045 0.0010  0.0031  51 LEU B OXT 
490 O  O   . HOH C .  ? 0.3091 0.3583 0.3025 0.0300  0.0388  0.0266  52 HOH A O   
491 O  O   . HOH C .  ? 0.3660 0.3133 0.3061 -0.0311 -0.0120 -0.0160 53 HOH A O   
492 O  O   . HOH C .  ? 0.3933 0.4465 0.4262 -0.0145 -0.0066 -0.0235 54 HOH A O   
493 O  O   . HOH C .  ? 0.3409 0.3457 0.3978 -0.0425 0.0206  -0.0029 55 HOH A O   
494 O  O   . HOH C .  ? 0.3913 0.4152 0.4658 0.0157  -0.0463 0.0171  56 HOH A O   
495 O  O   . HOH C .  ? 0.5660 0.5612 0.6226 0.0189  -0.0123 0.0086  57 HOH A O   
496 O  O   . HOH C .  ? 0.4383 0.5036 0.4825 -0.0122 -0.0129 0.0007  58 HOH A O   
497 O  O   . HOH C .  ? 0.4994 0.5400 0.4948 0.0027  0.0154  0.0015  59 HOH A O   
498 O  O   . HOH C .  ? 0.6108 0.5730 0.5830 -0.0011 0.0154  0.0027  60 HOH A O   
499 O  O   . HOH C .  ? 0.4222 0.4210 0.4650 -0.0228 0.0188  -0.0359 61 HOH A O   
500 O  O   . HOH C .  ? 0.5560 0.6146 0.5721 -0.0049 -0.0125 -0.0240 62 HOH A O   
501 O  O   . HOH C .  ? 0.5286 0.5361 0.5196 -0.0053 0.0125  -0.0028 63 HOH A O   
502 O  O   . HOH C .  ? 0.6380 0.6631 0.6294 -0.0024 -0.0017 -0.0089 64 HOH A O   
503 O  O   . HOH C .  ? 0.4670 0.4138 0.3893 -0.0106 0.0286  0.0130  65 HOH A O   
504 O  O   . HOH C .  ? 0.5567 0.5741 0.5879 -0.0082 -0.0082 0.0107  66 HOH A O   
505 O  O   . HOH C .  ? 0.4547 0.4356 0.4650 -0.0063 0.0254  -0.0141 67 HOH A O   
506 O  O   . HOH C .  ? 0.5009 0.4900 0.5190 0.0039  -0.0273 0.0002  68 HOH A O   
507 O  O   . HOH C .  ? 0.5625 0.4780 0.5529 -0.0279 -0.0115 0.0178  69 HOH A O   
508 O  O   . HOH C .  ? 0.6105 0.5959 0.6083 0.0019  0.0031  0.0134  70 HOH A O   
509 O  O   . HOH C .  ? 0.5876 0.5999 0.5800 0.0025  -0.0049 -0.0132 71 HOH A O   
510 O  O   . HOH C .  ? 0.5278 0.4668 0.5269 0.0007  0.0095  0.0358  72 HOH A O   
511 O  O   . HOH C .  ? 0.6578 0.6569 0.6483 0.0243  0.0043  -0.0013 73 HOH A O   
512 O  O   . HOH C .  ? 0.6868 0.7092 0.6802 0.0027  0.0030  0.0061  74 HOH A O   
513 O  O   . HOH C .  ? 0.6179 0.6260 0.6151 0.0095  -0.0149 -0.0049 75 HOH A O   
514 O  O   . HOH C .  ? 0.6749 0.6811 0.6695 0.0124  -0.0021 -0.0072 76 HOH A O   
515 O  O   . HOH C .  ? 0.6956 0.6747 0.6695 -0.0028 0.0104  -0.0122 77 HOH A O   
516 O  O   . HOH C .  ? 0.6599 0.6723 0.6763 -0.0126 -0.0014 -0.0181 78 HOH A O   
517 O  O   . HOH C .  ? 0.7102 0.6956 0.7184 -0.0076 -0.0078 -0.0031 79 HOH A O   
518 O  O   . HOH C .  ? 0.6357 0.6831 0.6601 -0.0064 -0.0200 -0.0023 80 HOH A O   
519 O  O   . HOH C .  ? 0.6589 0.6284 0.6473 -0.0073 -0.0011 -0.0010 81 HOH A O   
520 O  O   . HOH C .  ? 0.7064 0.6715 0.6973 0.0015  0.0000  0.0188  82 HOH A O   
521 O  O   . HOH C .  ? 0.5056 0.5329 0.5275 0.0114  -0.0054 0.0162  83 HOH A O   
522 O  O   . HOH C .  ? 0.6638 0.6276 0.6527 -0.0077 0.0162  0.0098  84 HOH A O   
523 O  O   . HOH C .  ? 0.7594 0.7726 0.7681 -0.0008 -0.0060 0.0078  85 HOH A O   
524 O  O   . HOH C .  ? 0.6654 0.6151 0.6731 -0.0155 0.0000  0.0062  86 HOH A O   
525 O  O   . HOH D .  ? 0.3192 0.3717 0.2916 0.0012  0.0261  -0.0119 52 HOH B O   
526 O  O   . HOH D .  ? 0.4111 0.4966 0.4290 0.0358  -0.0053 -0.0160 53 HOH B O   
527 O  O   . HOH D .  ? 0.4104 0.4570 0.4065 -0.0225 -0.0135 -0.0231 54 HOH B O   
528 O  O   . HOH D .  ? 0.5186 0.5514 0.5947 0.0021  -0.0154 0.0366  55 HOH B O   
529 O  O   . HOH D .  ? 0.4729 0.4224 0.4350 0.0078  -0.0125 0.0387  56 HOH B O   
530 O  O   . HOH D .  ? 0.4644 0.4157 0.5213 -0.0056 -0.0324 0.0230  57 HOH B O   
531 O  O   . HOH D .  ? 0.3866 0.4855 0.5080 0.0106  -0.0024 0.0206  58 HOH B O   
532 O  O   . HOH D .  ? 0.4779 0.5140 0.5129 -0.0218 0.0151  0.0011  59 HOH B O   
533 O  O   . HOH D .  ? 0.5852 0.5712 0.5243 -0.0261 0.0093  -0.0052 60 HOH B O   
534 O  O   . HOH D .  ? 0.5114 0.5134 0.5711 -0.0129 -0.0015 0.0242  61 HOH B O   
535 O  O   . HOH D .  ? 0.4785 0.5129 0.5186 -0.0062 -0.0141 0.0270  62 HOH B O   
536 O  O   . HOH D .  ? 0.6988 0.7088 0.6884 0.0121  0.0070  0.0079  63 HOH B O   
537 O  O   . HOH D .  ? 0.3894 0.4118 0.4143 -0.0101 0.0308  -0.0148 64 HOH B O   
538 O  O   . HOH D .  ? 0.5154 0.5366 0.4973 -0.0172 0.0179  -0.0097 65 HOH B O   
539 O  O   . HOH D .  ? 0.5715 0.6060 0.5875 -0.0147 -0.0008 -0.0160 66 HOH B O   
540 O  O   . HOH D .  ? 0.5795 0.6318 0.5735 -0.0113 -0.0046 0.0080  67 HOH B O   
541 O  O   . HOH D .  ? 0.5592 0.5740 0.5335 0.0047  0.0086  0.0028  68 HOH B O   
542 O  O   . HOH D .  ? 0.6155 0.6289 0.6467 -0.0119 -0.0011 0.0103  69 HOH B O   
543 O  O   . HOH D .  ? 0.6071 0.6144 0.6097 0.0108  0.0040  0.0148  70 HOH B O   
544 O  O   . HOH D .  ? 0.6048 0.6294 0.6319 -0.0066 -0.0060 0.0028  71 HOH B O   
545 O  O   . HOH D .  ? 0.7823 0.7672 0.7481 -0.0146 0.0193  0.0003  72 HOH B O   
546 O  O   . HOH D .  ? 0.6128 0.6895 0.6370 0.0100  0.0014  -0.0001 73 HOH B O   
547 O  O   . HOH D .  ? 0.7553 0.7569 0.7571 -0.0042 -0.0003 0.0097  74 HOH B O   
548 O  O   . HOH D .  ? 0.6860 0.6823 0.6752 0.0039  0.0133  0.0013  75 HOH B O   
549 O  O   . HOH D .  ? 0.7741 0.7578 0.7645 -0.0028 0.0032  -0.0024 76 HOH B O   
550 O  O   . HOH D .  ? 0.7931 0.7904 0.7767 -0.0002 -0.0015 -0.0044 77 HOH B O   
551 O  O   . HOH D .  ? 0.6545 0.6287 0.6437 -0.0041 0.0068  0.0045  78 HOH B O   
# 
